data_5CUC
# 
_entry.id   5CUC 
# 
_audit_conform.dict_name       mmcif_pdbx.dic 
_audit_conform.dict_version    5.391 
_audit_conform.dict_location   http://mmcif.pdb.org/dictionaries/ascii/mmcif_pdbx.dic 
# 
loop_
_database_2.database_id 
_database_2.database_code 
_database_2.pdbx_database_accession 
_database_2.pdbx_DOI 
PDB   5CUC         pdb_00005cuc 10.2210/pdb5cuc/pdb 
WWPDB D_1000212203 ?            ?                   
# 
loop_
_pdbx_audit_revision_history.ordinal 
_pdbx_audit_revision_history.data_content_type 
_pdbx_audit_revision_history.major_revision 
_pdbx_audit_revision_history.minor_revision 
_pdbx_audit_revision_history.revision_date 
1 'Structure model' 1 0 2015-09-09 
2 'Structure model' 1 1 2024-05-08 
# 
_pdbx_audit_revision_details.ordinal             1 
_pdbx_audit_revision_details.revision_ordinal    1 
_pdbx_audit_revision_details.data_content_type   'Structure model' 
_pdbx_audit_revision_details.provider            repository 
_pdbx_audit_revision_details.type                'Initial release' 
_pdbx_audit_revision_details.description         ? 
_pdbx_audit_revision_details.details             ? 
# 
loop_
_pdbx_audit_revision_group.ordinal 
_pdbx_audit_revision_group.revision_ordinal 
_pdbx_audit_revision_group.data_content_type 
_pdbx_audit_revision_group.group 
1 2 'Structure model' 'Data collection'     
2 2 'Structure model' 'Database references' 
# 
loop_
_pdbx_audit_revision_category.ordinal 
_pdbx_audit_revision_category.revision_ordinal 
_pdbx_audit_revision_category.data_content_type 
_pdbx_audit_revision_category.category 
1 2 'Structure model' chem_comp_atom              
2 2 'Structure model' chem_comp_bond              
3 2 'Structure model' database_2                  
4 2 'Structure model' diffrn_radiation_wavelength 
# 
loop_
_pdbx_audit_revision_item.ordinal 
_pdbx_audit_revision_item.revision_ordinal 
_pdbx_audit_revision_item.data_content_type 
_pdbx_audit_revision_item.item 
1 2 'Structure model' '_database_2.pdbx_DOI'                
2 2 'Structure model' '_database_2.pdbx_database_accession' 
# 
_pdbx_database_status.status_code                     REL 
_pdbx_database_status.status_code_sf                  REL 
_pdbx_database_status.status_code_mr                  ? 
_pdbx_database_status.entry_id                        5CUC 
_pdbx_database_status.recvd_initial_deposition_date   2015-07-24 
_pdbx_database_status.SG_entry                        Y 
_pdbx_database_status.deposit_site                    RCSB 
_pdbx_database_status.process_site                    PDBE 
_pdbx_database_status.status_code_cs                  ? 
_pdbx_database_status.methods_development_category    ? 
_pdbx_database_status.pdb_format_compatible           Y 
_pdbx_database_status.status_code_nmr_data            ? 
# 
loop_
_audit_author.name 
_audit_author.pdbx_ordinal 
'Bradley, A.'                          1  
'Pearce, N.'                           2  
'Krojer, T.'                           3  
'Ng, J.'                               4  
'Talon, R.'                            5  
'Vollmar, M.'                          6  
'Jose, B.'                             7  
'von Delft, F.'                        8  
'Bountra, C.'                          9  
'Arrowsmith, C.H.'                     10 
'Edwards, A.'                          11 
'Knapp, S.'                            12 
'Structural Genomics Consortium (SGC)' 13 
# 
_citation.abstract                  ? 
_citation.abstract_id_CAS           ? 
_citation.book_id_ISBN              ? 
_citation.book_publisher            ? 
_citation.book_publisher_city       ? 
_citation.book_title                ? 
_citation.coordinate_linkage        ? 
_citation.country                   ? 
_citation.database_id_Medline       ? 
_citation.details                   ? 
_citation.id                        primary 
_citation.journal_abbrev            'To be published' 
_citation.journal_id_ASTM           ? 
_citation.journal_id_CSD            0353 
_citation.journal_id_ISSN           ? 
_citation.journal_full              ? 
_citation.journal_issue             ? 
_citation.journal_volume            ? 
_citation.language                  ? 
_citation.page_first                ? 
_citation.page_last                 ? 
_citation.title                     
;Crystal structure of the second bromodomain of bromodomain adjancent to zinc finger domain protein 2B (BAZ2B) in complex with N-Acetyl-2-phenylethylamine (SGC - Diamond I04-1 fragment screening)
;
_citation.year                      ? 
_citation.database_id_CSD           ? 
_citation.pdbx_database_id_DOI      ? 
_citation.pdbx_database_id_PubMed   ? 
_citation.unpublished_flag          ? 
# 
loop_
_citation_author.citation_id 
_citation_author.name 
_citation_author.ordinal 
_citation_author.identifier_ORCID 
primary 'Bradley, A.'                          1  ? 
primary 'Pearce, N.'                           2  ? 
primary 'Krojer, T.'                           3  ? 
primary 'Ng, J.'                               4  ? 
primary 'Talon, R.'                            5  ? 
primary 'Vollmar, M.'                          6  ? 
primary 'Jose, B.'                             7  ? 
primary 'von Delft, F.'                        8  ? 
primary 'Bountra, C.'                          9  ? 
primary 'Arrowsmith, C.H.'                     10 ? 
primary 'Edwards, A.'                          11 ? 
primary 'Knapp, S.'                            12 ? 
primary 'Structural Genomics Consortium (SGC)' 13 ? 
# 
loop_
_entity.id 
_entity.type 
_entity.src_method 
_entity.pdbx_description 
_entity.formula_weight 
_entity.pdbx_number_of_molecules 
_entity.pdbx_ec 
_entity.pdbx_mutation 
_entity.pdbx_fragment 
_entity.details 
1 polymer     man 'Bromodomain adjacent to zinc finger domain protein 2B' 13432.443 1   ? ? 'Bromodomain, UNP residues 1858-1970' 
? 
2 non-polymer syn 'N-(2-phenylethyl)acetamide'                            163.216   1   ? ? ?                                     
? 
3 non-polymer syn 1,2-ETHANEDIOL                                          62.068    1   ? ? ?                                     
? 
4 water       nat water                                                   18.015    181 ? ? ?                                     
? 
# 
_entity_name_com.entity_id   1 
_entity_name_com.name        hWALp4 
# 
_entity_poly.entity_id                      1 
_entity_poly.type                           'polypeptide(L)' 
_entity_poly.nstd_linkage                   no 
_entity_poly.nstd_monomer                   no 
_entity_poly.pdbx_seq_one_letter_code       
;SMSVKKPKRDDSKDLALCSMILTEMETHEDAWPFLLPVNLKLVPGYKKVIKKPMDFSTIREKLSSGQYPNLETFALDVRL
VFDNCETFNEDDSDIGRAGHNMRKYFEKKWTDTFK
;
_entity_poly.pdbx_seq_one_letter_code_can   
;SMSVKKPKRDDSKDLALCSMILTEMETHEDAWPFLLPVNLKLVPGYKKVIKKPMDFSTIREKLSSGQYPNLETFALDVRL
VFDNCETFNEDDSDIGRAGHNMRKYFEKKWTDTFK
;
_entity_poly.pdbx_strand_id                 A 
_entity_poly.pdbx_target_identifier         ? 
# 
loop_
_pdbx_entity_nonpoly.entity_id 
_pdbx_entity_nonpoly.name 
_pdbx_entity_nonpoly.comp_id 
2 'N-(2-phenylethyl)acetamide' 54W 
3 1,2-ETHANEDIOL               EDO 
4 water                        HOH 
# 
loop_
_entity_poly_seq.entity_id 
_entity_poly_seq.num 
_entity_poly_seq.mon_id 
_entity_poly_seq.hetero 
1 1   SER n 
1 2   MET n 
1 3   SER n 
1 4   VAL n 
1 5   LYS n 
1 6   LYS n 
1 7   PRO n 
1 8   LYS n 
1 9   ARG n 
1 10  ASP n 
1 11  ASP n 
1 12  SER n 
1 13  LYS n 
1 14  ASP n 
1 15  LEU n 
1 16  ALA n 
1 17  LEU n 
1 18  CYS n 
1 19  SER n 
1 20  MET n 
1 21  ILE n 
1 22  LEU n 
1 23  THR n 
1 24  GLU n 
1 25  MET n 
1 26  GLU n 
1 27  THR n 
1 28  HIS n 
1 29  GLU n 
1 30  ASP n 
1 31  ALA n 
1 32  TRP n 
1 33  PRO n 
1 34  PHE n 
1 35  LEU n 
1 36  LEU n 
1 37  PRO n 
1 38  VAL n 
1 39  ASN n 
1 40  LEU n 
1 41  LYS n 
1 42  LEU n 
1 43  VAL n 
1 44  PRO n 
1 45  GLY n 
1 46  TYR n 
1 47  LYS n 
1 48  LYS n 
1 49  VAL n 
1 50  ILE n 
1 51  LYS n 
1 52  LYS n 
1 53  PRO n 
1 54  MET n 
1 55  ASP n 
1 56  PHE n 
1 57  SER n 
1 58  THR n 
1 59  ILE n 
1 60  ARG n 
1 61  GLU n 
1 62  LYS n 
1 63  LEU n 
1 64  SER n 
1 65  SER n 
1 66  GLY n 
1 67  GLN n 
1 68  TYR n 
1 69  PRO n 
1 70  ASN n 
1 71  LEU n 
1 72  GLU n 
1 73  THR n 
1 74  PHE n 
1 75  ALA n 
1 76  LEU n 
1 77  ASP n 
1 78  VAL n 
1 79  ARG n 
1 80  LEU n 
1 81  VAL n 
1 82  PHE n 
1 83  ASP n 
1 84  ASN n 
1 85  CYS n 
1 86  GLU n 
1 87  THR n 
1 88  PHE n 
1 89  ASN n 
1 90  GLU n 
1 91  ASP n 
1 92  ASP n 
1 93  SER n 
1 94  ASP n 
1 95  ILE n 
1 96  GLY n 
1 97  ARG n 
1 98  ALA n 
1 99  GLY n 
1 100 HIS n 
1 101 ASN n 
1 102 MET n 
1 103 ARG n 
1 104 LYS n 
1 105 TYR n 
1 106 PHE n 
1 107 GLU n 
1 108 LYS n 
1 109 LYS n 
1 110 TRP n 
1 111 THR n 
1 112 ASP n 
1 113 THR n 
1 114 PHE n 
1 115 LYS n 
# 
_entity_src_gen.entity_id                          1 
_entity_src_gen.pdbx_src_id                        1 
_entity_src_gen.pdbx_alt_source_flag               sample 
_entity_src_gen.pdbx_seq_type                      'Biological sequence' 
_entity_src_gen.pdbx_beg_seq_num                   1 
_entity_src_gen.pdbx_end_seq_num                   115 
_entity_src_gen.gene_src_common_name               Human 
_entity_src_gen.gene_src_genus                     ? 
_entity_src_gen.pdbx_gene_src_gene                 'BAZ2B, KIAA1476' 
_entity_src_gen.gene_src_species                   ? 
_entity_src_gen.gene_src_strain                    ? 
_entity_src_gen.gene_src_tissue                    ? 
_entity_src_gen.gene_src_tissue_fraction           ? 
_entity_src_gen.gene_src_details                   ? 
_entity_src_gen.pdbx_gene_src_fragment             ? 
_entity_src_gen.pdbx_gene_src_scientific_name      'Homo sapiens' 
_entity_src_gen.pdbx_gene_src_ncbi_taxonomy_id     9606 
_entity_src_gen.pdbx_gene_src_variant              ? 
_entity_src_gen.pdbx_gene_src_cell_line            ? 
_entity_src_gen.pdbx_gene_src_atcc                 ? 
_entity_src_gen.pdbx_gene_src_organ                ? 
_entity_src_gen.pdbx_gene_src_organelle            ? 
_entity_src_gen.pdbx_gene_src_cell                 ? 
_entity_src_gen.pdbx_gene_src_cellular_location    ? 
_entity_src_gen.host_org_common_name               ? 
_entity_src_gen.pdbx_host_org_scientific_name      'Escherichia coli' 
_entity_src_gen.pdbx_host_org_ncbi_taxonomy_id     562 
_entity_src_gen.host_org_genus                     ? 
_entity_src_gen.pdbx_host_org_gene                 ? 
_entity_src_gen.pdbx_host_org_organ                ? 
_entity_src_gen.host_org_species                   ? 
_entity_src_gen.pdbx_host_org_tissue               ? 
_entity_src_gen.pdbx_host_org_tissue_fraction      ? 
_entity_src_gen.pdbx_host_org_strain               ? 
_entity_src_gen.pdbx_host_org_variant              ? 
_entity_src_gen.pdbx_host_org_cell_line            ? 
_entity_src_gen.pdbx_host_org_atcc                 ? 
_entity_src_gen.pdbx_host_org_culture_collection   ? 
_entity_src_gen.pdbx_host_org_cell                 ? 
_entity_src_gen.pdbx_host_org_organelle            ? 
_entity_src_gen.pdbx_host_org_cellular_location    ? 
_entity_src_gen.pdbx_host_org_vector_type          ? 
_entity_src_gen.pdbx_host_org_vector               ? 
_entity_src_gen.host_org_details                   ? 
_entity_src_gen.expression_system_id               ? 
_entity_src_gen.plasmid_name                       pNIC28 
_entity_src_gen.plasmid_details                    ? 
_entity_src_gen.pdbx_description                   ? 
# 
loop_
_chem_comp.id 
_chem_comp.type 
_chem_comp.mon_nstd_flag 
_chem_comp.name 
_chem_comp.pdbx_synonyms 
_chem_comp.formula 
_chem_comp.formula_weight 
54W non-polymer         . 'N-(2-phenylethyl)acetamide' ?                 'C10 H13 N O'    163.216 
ALA 'L-peptide linking' y ALANINE                      ?                 'C3 H7 N O2'     89.093  
ARG 'L-peptide linking' y ARGININE                     ?                 'C6 H15 N4 O2 1' 175.209 
ASN 'L-peptide linking' y ASPARAGINE                   ?                 'C4 H8 N2 O3'    132.118 
ASP 'L-peptide linking' y 'ASPARTIC ACID'              ?                 'C4 H7 N O4'     133.103 
CYS 'L-peptide linking' y CYSTEINE                     ?                 'C3 H7 N O2 S'   121.158 
EDO non-polymer         . 1,2-ETHANEDIOL               'ETHYLENE GLYCOL' 'C2 H6 O2'       62.068  
GLN 'L-peptide linking' y GLUTAMINE                    ?                 'C5 H10 N2 O3'   146.144 
GLU 'L-peptide linking' y 'GLUTAMIC ACID'              ?                 'C5 H9 N O4'     147.129 
GLY 'peptide linking'   y GLYCINE                      ?                 'C2 H5 N O2'     75.067  
HIS 'L-peptide linking' y HISTIDINE                    ?                 'C6 H10 N3 O2 1' 156.162 
HOH non-polymer         . WATER                        ?                 'H2 O'           18.015  
ILE 'L-peptide linking' y ISOLEUCINE                   ?                 'C6 H13 N O2'    131.173 
LEU 'L-peptide linking' y LEUCINE                      ?                 'C6 H13 N O2'    131.173 
LYS 'L-peptide linking' y LYSINE                       ?                 'C6 H15 N2 O2 1' 147.195 
MET 'L-peptide linking' y METHIONINE                   ?                 'C5 H11 N O2 S'  149.211 
PHE 'L-peptide linking' y PHENYLALANINE                ?                 'C9 H11 N O2'    165.189 
PRO 'L-peptide linking' y PROLINE                      ?                 'C5 H9 N O2'     115.130 
SER 'L-peptide linking' y SERINE                       ?                 'C3 H7 N O3'     105.093 
THR 'L-peptide linking' y THREONINE                    ?                 'C4 H9 N O3'     119.119 
TRP 'L-peptide linking' y TRYPTOPHAN                   ?                 'C11 H12 N2 O2'  204.225 
TYR 'L-peptide linking' y TYROSINE                     ?                 'C9 H11 N O3'    181.189 
VAL 'L-peptide linking' y VALINE                       ?                 'C5 H11 N O2'    117.146 
# 
loop_
_pdbx_poly_seq_scheme.asym_id 
_pdbx_poly_seq_scheme.entity_id 
_pdbx_poly_seq_scheme.seq_id 
_pdbx_poly_seq_scheme.mon_id 
_pdbx_poly_seq_scheme.ndb_seq_num 
_pdbx_poly_seq_scheme.pdb_seq_num 
_pdbx_poly_seq_scheme.auth_seq_num 
_pdbx_poly_seq_scheme.pdb_mon_id 
_pdbx_poly_seq_scheme.auth_mon_id 
_pdbx_poly_seq_scheme.pdb_strand_id 
_pdbx_poly_seq_scheme.pdb_ins_code 
_pdbx_poly_seq_scheme.hetero 
A 1 1   SER 1   1856 1856 SER SER A . n 
A 1 2   MET 2   1857 1857 MET MET A . n 
A 1 3   SER 3   1858 1858 SER SER A . n 
A 1 4   VAL 4   1859 1859 VAL VAL A . n 
A 1 5   LYS 5   1860 1860 LYS LYS A . n 
A 1 6   LYS 6   1861 1861 LYS LYS A . n 
A 1 7   PRO 7   1862 1862 PRO PRO A . n 
A 1 8   LYS 8   1863 1863 LYS LYS A . n 
A 1 9   ARG 9   1864 1864 ARG ARG A . n 
A 1 10  ASP 10  1865 1865 ASP ASP A . n 
A 1 11  ASP 11  1866 1866 ASP ASP A . n 
A 1 12  SER 12  1867 1867 SER SER A . n 
A 1 13  LYS 13  1868 1868 LYS LYS A . n 
A 1 14  ASP 14  1869 1869 ASP ASP A . n 
A 1 15  LEU 15  1870 1870 LEU LEU A . n 
A 1 16  ALA 16  1871 1871 ALA ALA A . n 
A 1 17  LEU 17  1872 1872 LEU LEU A . n 
A 1 18  CYS 18  1873 1873 CYS CYS A . n 
A 1 19  SER 19  1874 1874 SER SER A . n 
A 1 20  MET 20  1875 1875 MET MET A . n 
A 1 21  ILE 21  1876 1876 ILE ILE A . n 
A 1 22  LEU 22  1877 1877 LEU LEU A . n 
A 1 23  THR 23  1878 1878 THR THR A . n 
A 1 24  GLU 24  1879 1879 GLU GLU A . n 
A 1 25  MET 25  1880 1880 MET MET A . n 
A 1 26  GLU 26  1881 1881 GLU GLU A . n 
A 1 27  THR 27  1882 1882 THR THR A . n 
A 1 28  HIS 28  1883 1883 HIS HIS A . n 
A 1 29  GLU 29  1884 1884 GLU GLU A . n 
A 1 30  ASP 30  1885 1885 ASP ASP A . n 
A 1 31  ALA 31  1886 1886 ALA ALA A . n 
A 1 32  TRP 32  1887 1887 TRP TRP A . n 
A 1 33  PRO 33  1888 1888 PRO PRO A . n 
A 1 34  PHE 34  1889 1889 PHE PHE A . n 
A 1 35  LEU 35  1890 1890 LEU LEU A . n 
A 1 36  LEU 36  1891 1891 LEU LEU A . n 
A 1 37  PRO 37  1892 1892 PRO PRO A . n 
A 1 38  VAL 38  1893 1893 VAL VAL A . n 
A 1 39  ASN 39  1894 1894 ASN ASN A . n 
A 1 40  LEU 40  1895 1895 LEU LEU A . n 
A 1 41  LYS 41  1896 1896 LYS LYS A . n 
A 1 42  LEU 42  1897 1897 LEU LEU A . n 
A 1 43  VAL 43  1898 1898 VAL VAL A . n 
A 1 44  PRO 44  1899 1899 PRO PRO A . n 
A 1 45  GLY 45  1900 1900 GLY GLY A . n 
A 1 46  TYR 46  1901 1901 TYR TYR A . n 
A 1 47  LYS 47  1902 1902 LYS LYS A . n 
A 1 48  LYS 48  1903 1903 LYS LYS A . n 
A 1 49  VAL 49  1904 1904 VAL VAL A . n 
A 1 50  ILE 50  1905 1905 ILE ILE A . n 
A 1 51  LYS 51  1906 1906 LYS LYS A . n 
A 1 52  LYS 52  1907 1907 LYS LYS A . n 
A 1 53  PRO 53  1908 1908 PRO PRO A . n 
A 1 54  MET 54  1909 1909 MET MET A . n 
A 1 55  ASP 55  1910 1910 ASP ASP A . n 
A 1 56  PHE 56  1911 1911 PHE PHE A . n 
A 1 57  SER 57  1912 1912 SER SER A . n 
A 1 58  THR 58  1913 1913 THR THR A . n 
A 1 59  ILE 59  1914 1914 ILE ILE A . n 
A 1 60  ARG 60  1915 1915 ARG ARG A . n 
A 1 61  GLU 61  1916 1916 GLU GLU A . n 
A 1 62  LYS 62  1917 1917 LYS LYS A . n 
A 1 63  LEU 63  1918 1918 LEU LEU A . n 
A 1 64  SER 64  1919 1919 SER SER A . n 
A 1 65  SER 65  1920 1920 SER SER A . n 
A 1 66  GLY 66  1921 1921 GLY GLY A . n 
A 1 67  GLN 67  1922 1922 GLN GLN A . n 
A 1 68  TYR 68  1923 1923 TYR TYR A . n 
A 1 69  PRO 69  1924 1924 PRO PRO A . n 
A 1 70  ASN 70  1925 1925 ASN ASN A . n 
A 1 71  LEU 71  1926 1926 LEU LEU A . n 
A 1 72  GLU 72  1927 1927 GLU GLU A . n 
A 1 73  THR 73  1928 1928 THR THR A . n 
A 1 74  PHE 74  1929 1929 PHE PHE A . n 
A 1 75  ALA 75  1930 1930 ALA ALA A . n 
A 1 76  LEU 76  1931 1931 LEU LEU A . n 
A 1 77  ASP 77  1932 1932 ASP ASP A . n 
A 1 78  VAL 78  1933 1933 VAL VAL A . n 
A 1 79  ARG 79  1934 1934 ARG ARG A . n 
A 1 80  LEU 80  1935 1935 LEU LEU A . n 
A 1 81  VAL 81  1936 1936 VAL VAL A . n 
A 1 82  PHE 82  1937 1937 PHE PHE A . n 
A 1 83  ASP 83  1938 1938 ASP ASP A . n 
A 1 84  ASN 84  1939 1939 ASN ASN A . n 
A 1 85  CYS 85  1940 1940 CYS CYS A . n 
A 1 86  GLU 86  1941 1941 GLU GLU A . n 
A 1 87  THR 87  1942 1942 THR THR A . n 
A 1 88  PHE 88  1943 1943 PHE PHE A . n 
A 1 89  ASN 89  1944 1944 ASN ASN A . n 
A 1 90  GLU 90  1945 1945 GLU GLU A . n 
A 1 91  ASP 91  1946 1946 ASP ASP A . n 
A 1 92  ASP 92  1947 1947 ASP ASP A . n 
A 1 93  SER 93  1948 1948 SER SER A . n 
A 1 94  ASP 94  1949 1949 ASP ASP A . n 
A 1 95  ILE 95  1950 1950 ILE ILE A . n 
A 1 96  GLY 96  1951 1951 GLY GLY A . n 
A 1 97  ARG 97  1952 1952 ARG ARG A . n 
A 1 98  ALA 98  1953 1953 ALA ALA A . n 
A 1 99  GLY 99  1954 1954 GLY GLY A . n 
A 1 100 HIS 100 1955 1955 HIS HIS A . n 
A 1 101 ASN 101 1956 1956 ASN ASN A . n 
A 1 102 MET 102 1957 1957 MET MET A . n 
A 1 103 ARG 103 1958 1958 ARG ARG A . n 
A 1 104 LYS 104 1959 1959 LYS LYS A . n 
A 1 105 TYR 105 1960 1960 TYR TYR A . n 
A 1 106 PHE 106 1961 1961 PHE PHE A . n 
A 1 107 GLU 107 1962 1962 GLU GLU A . n 
A 1 108 LYS 108 1963 1963 LYS LYS A . n 
A 1 109 LYS 109 1964 1964 LYS LYS A . n 
A 1 110 TRP 110 1965 1965 TRP TRP A . n 
A 1 111 THR 111 1966 1966 THR THR A . n 
A 1 112 ASP 112 1967 1967 ASP ASP A . n 
A 1 113 THR 113 1968 1968 THR THR A . n 
A 1 114 PHE 114 1969 1969 PHE PHE A . n 
A 1 115 LYS 115 1970 1970 LYS LYS A . n 
# 
loop_
_pdbx_nonpoly_scheme.asym_id 
_pdbx_nonpoly_scheme.entity_id 
_pdbx_nonpoly_scheme.mon_id 
_pdbx_nonpoly_scheme.ndb_seq_num 
_pdbx_nonpoly_scheme.pdb_seq_num 
_pdbx_nonpoly_scheme.auth_seq_num 
_pdbx_nonpoly_scheme.pdb_mon_id 
_pdbx_nonpoly_scheme.auth_mon_id 
_pdbx_nonpoly_scheme.pdb_strand_id 
_pdbx_nonpoly_scheme.pdb_ins_code 
B 2 54W 1   2001 1   54W LIG A . 
C 3 EDO 1   2002 1   EDO EDO A . 
D 4 HOH 1   2101 37  HOH HOH A . 
D 4 HOH 2   2102 146 HOH HOH A . 
D 4 HOH 3   2103 8   HOH HOH A . 
D 4 HOH 4   2104 69  HOH HOH A . 
D 4 HOH 5   2105 45  HOH HOH A . 
D 4 HOH 6   2106 73  HOH HOH A . 
D 4 HOH 7   2107 107 HOH HOH A . 
D 4 HOH 8   2108 63  HOH HOH A . 
D 4 HOH 9   2109 26  HOH HOH A . 
D 4 HOH 10  2110 5   HOH HOH A . 
D 4 HOH 11  2111 71  HOH HOH A . 
D 4 HOH 12  2112 6   HOH HOH A . 
D 4 HOH 13  2113 39  HOH HOH A . 
D 4 HOH 14  2114 100 HOH HOH A . 
D 4 HOH 15  2115 65  HOH HOH A . 
D 4 HOH 16  2116 169 HOH HOH A . 
D 4 HOH 17  2117 13  HOH HOH A . 
D 4 HOH 18  2118 34  HOH HOH A . 
D 4 HOH 19  2119 21  HOH HOH A . 
D 4 HOH 20  2120 49  HOH HOH A . 
D 4 HOH 21  2121 2   HOH HOH A . 
D 4 HOH 22  2122 98  HOH HOH A . 
D 4 HOH 23  2123 4   HOH HOH A . 
D 4 HOH 24  2124 12  HOH HOH A . 
D 4 HOH 25  2125 97  HOH HOH A . 
D 4 HOH 26  2126 77  HOH HOH A . 
D 4 HOH 27  2127 9   HOH HOH A . 
D 4 HOH 28  2128 85  HOH HOH A . 
D 4 HOH 29  2129 155 HOH HOH A . 
D 4 HOH 30  2130 41  HOH HOH A . 
D 4 HOH 31  2131 46  HOH HOH A . 
D 4 HOH 32  2132 25  HOH HOH A . 
D 4 HOH 33  2133 40  HOH HOH A . 
D 4 HOH 34  2134 20  HOH HOH A . 
D 4 HOH 35  2135 80  HOH HOH A . 
D 4 HOH 36  2136 54  HOH HOH A . 
D 4 HOH 37  2137 75  HOH HOH A . 
D 4 HOH 38  2138 48  HOH HOH A . 
D 4 HOH 39  2139 42  HOH HOH A . 
D 4 HOH 40  2140 35  HOH HOH A . 
D 4 HOH 41  2141 27  HOH HOH A . 
D 4 HOH 42  2142 132 HOH HOH A . 
D 4 HOH 43  2143 83  HOH HOH A . 
D 4 HOH 44  2144 105 HOH HOH A . 
D 4 HOH 45  2145 79  HOH HOH A . 
D 4 HOH 46  2146 30  HOH HOH A . 
D 4 HOH 47  2147 32  HOH HOH A . 
D 4 HOH 48  2148 24  HOH HOH A . 
D 4 HOH 49  2149 88  HOH HOH A . 
D 4 HOH 50  2150 64  HOH HOH A . 
D 4 HOH 51  2151 78  HOH HOH A . 
D 4 HOH 52  2152 38  HOH HOH A . 
D 4 HOH 53  2153 53  HOH HOH A . 
D 4 HOH 54  2154 67  HOH HOH A . 
D 4 HOH 55  2155 74  HOH HOH A . 
D 4 HOH 56  2156 111 HOH HOH A . 
D 4 HOH 57  2157 66  HOH HOH A . 
D 4 HOH 58  2158 1   HOH HOH A . 
D 4 HOH 59  2159 139 HOH HOH A . 
D 4 HOH 60  2160 15  HOH HOH A . 
D 4 HOH 61  2161 76  HOH HOH A . 
D 4 HOH 62  2162 96  HOH HOH A . 
D 4 HOH 63  2163 19  HOH HOH A . 
D 4 HOH 64  2164 99  HOH HOH A . 
D 4 HOH 65  2165 62  HOH HOH A . 
D 4 HOH 66  2166 113 HOH HOH A . 
D 4 HOH 67  2167 159 HOH HOH A . 
D 4 HOH 68  2168 29  HOH HOH A . 
D 4 HOH 69  2169 56  HOH HOH A . 
D 4 HOH 70  2170 94  HOH HOH A . 
D 4 HOH 71  2171 3   HOH HOH A . 
D 4 HOH 72  2172 14  HOH HOH A . 
D 4 HOH 73  2173 52  HOH HOH A . 
D 4 HOH 74  2174 18  HOH HOH A . 
D 4 HOH 75  2175 89  HOH HOH A . 
D 4 HOH 76  2176 16  HOH HOH A . 
D 4 HOH 77  2177 156 HOH HOH A . 
D 4 HOH 78  2178 129 HOH HOH A . 
D 4 HOH 79  2179 141 HOH HOH A . 
D 4 HOH 80  2180 47  HOH HOH A . 
D 4 HOH 81  2181 87  HOH HOH A . 
D 4 HOH 82  2182 17  HOH HOH A . 
D 4 HOH 83  2183 170 HOH HOH A . 
D 4 HOH 84  2184 127 HOH HOH A . 
D 4 HOH 85  2185 11  HOH HOH A . 
D 4 HOH 86  2186 7   HOH HOH A . 
D 4 HOH 87  2187 51  HOH HOH A . 
D 4 HOH 88  2188 152 HOH HOH A . 
D 4 HOH 89  2189 23  HOH HOH A . 
D 4 HOH 90  2190 28  HOH HOH A . 
D 4 HOH 91  2191 102 HOH HOH A . 
D 4 HOH 92  2192 59  HOH HOH A . 
D 4 HOH 93  2193 95  HOH HOH A . 
D 4 HOH 94  2194 55  HOH HOH A . 
D 4 HOH 95  2195 154 HOH HOH A . 
D 4 HOH 96  2196 84  HOH HOH A . 
D 4 HOH 97  2197 119 HOH HOH A . 
D 4 HOH 98  2198 86  HOH HOH A . 
D 4 HOH 99  2199 10  HOH HOH A . 
D 4 HOH 100 2200 106 HOH HOH A . 
D 4 HOH 101 2201 101 HOH HOH A . 
D 4 HOH 102 2202 121 HOH HOH A . 
D 4 HOH 103 2203 117 HOH HOH A . 
D 4 HOH 104 2204 58  HOH HOH A . 
D 4 HOH 105 2205 177 HOH HOH A . 
D 4 HOH 106 2206 151 HOH HOH A . 
D 4 HOH 107 2207 22  HOH HOH A . 
D 4 HOH 108 2208 33  HOH HOH A . 
D 4 HOH 109 2209 181 HOH HOH A . 
D 4 HOH 110 2210 36  HOH HOH A . 
D 4 HOH 111 2211 160 HOH HOH A . 
D 4 HOH 112 2212 145 HOH HOH A . 
D 4 HOH 113 2213 70  HOH HOH A . 
D 4 HOH 114 2214 163 HOH HOH A . 
D 4 HOH 115 2215 110 HOH HOH A . 
D 4 HOH 116 2216 142 HOH HOH A . 
D 4 HOH 117 2217 179 HOH HOH A . 
D 4 HOH 118 2218 153 HOH HOH A . 
D 4 HOH 119 2219 157 HOH HOH A . 
D 4 HOH 120 2220 104 HOH HOH A . 
D 4 HOH 121 2221 90  HOH HOH A . 
D 4 HOH 122 2222 174 HOH HOH A . 
D 4 HOH 123 2223 168 HOH HOH A . 
D 4 HOH 124 2224 176 HOH HOH A . 
D 4 HOH 125 2225 122 HOH HOH A . 
D 4 HOH 126 2226 158 HOH HOH A . 
D 4 HOH 127 2227 180 HOH HOH A . 
D 4 HOH 128 2228 136 HOH HOH A . 
D 4 HOH 129 2229 171 HOH HOH A . 
D 4 HOH 130 2230 175 HOH HOH A . 
D 4 HOH 131 2231 50  HOH HOH A . 
D 4 HOH 132 2232 44  HOH HOH A . 
D 4 HOH 133 2233 112 HOH HOH A . 
D 4 HOH 134 2234 31  HOH HOH A . 
D 4 HOH 135 2235 148 HOH HOH A . 
D 4 HOH 136 2236 150 HOH HOH A . 
D 4 HOH 137 2237 61  HOH HOH A . 
D 4 HOH 138 2238 147 HOH HOH A . 
D 4 HOH 139 2239 133 HOH HOH A . 
D 4 HOH 140 2240 135 HOH HOH A . 
D 4 HOH 141 2241 109 HOH HOH A . 
D 4 HOH 142 2242 134 HOH HOH A . 
D 4 HOH 143 2243 123 HOH HOH A . 
D 4 HOH 144 2244 114 HOH HOH A . 
D 4 HOH 145 2245 178 HOH HOH A . 
D 4 HOH 146 2246 173 HOH HOH A . 
D 4 HOH 147 2247 124 HOH HOH A . 
D 4 HOH 148 2248 140 HOH HOH A . 
D 4 HOH 149 2249 131 HOH HOH A . 
D 4 HOH 150 2250 60  HOH HOH A . 
D 4 HOH 151 2251 164 HOH HOH A . 
D 4 HOH 152 2252 91  HOH HOH A . 
D 4 HOH 153 2253 82  HOH HOH A . 
D 4 HOH 154 2254 115 HOH HOH A . 
D 4 HOH 155 2255 137 HOH HOH A . 
D 4 HOH 156 2256 43  HOH HOH A . 
D 4 HOH 157 2257 103 HOH HOH A . 
D 4 HOH 158 2258 93  HOH HOH A . 
D 4 HOH 159 2259 57  HOH HOH A . 
D 4 HOH 160 2260 162 HOH HOH A . 
D 4 HOH 161 2261 167 HOH HOH A . 
D 4 HOH 162 2262 92  HOH HOH A . 
D 4 HOH 163 2263 108 HOH HOH A . 
D 4 HOH 164 2264 166 HOH HOH A . 
D 4 HOH 165 2265 72  HOH HOH A . 
D 4 HOH 166 2266 149 HOH HOH A . 
D 4 HOH 167 2267 81  HOH HOH A . 
D 4 HOH 168 2268 138 HOH HOH A . 
D 4 HOH 169 2269 120 HOH HOH A . 
D 4 HOH 170 2270 130 HOH HOH A . 
D 4 HOH 171 2271 172 HOH HOH A . 
D 4 HOH 172 2272 126 HOH HOH A . 
D 4 HOH 173 2273 143 HOH HOH A . 
D 4 HOH 174 2274 116 HOH HOH A . 
D 4 HOH 175 2275 68  HOH HOH A . 
D 4 HOH 176 2276 128 HOH HOH A . 
D 4 HOH 177 2277 161 HOH HOH A . 
D 4 HOH 178 2278 144 HOH HOH A . 
D 4 HOH 179 2279 125 HOH HOH A . 
D 4 HOH 180 2280 118 HOH HOH A . 
D 4 HOH 181 2281 165 HOH HOH A . 
# 
loop_
_pdbx_unobs_or_zero_occ_atoms.id 
_pdbx_unobs_or_zero_occ_atoms.PDB_model_num 
_pdbx_unobs_or_zero_occ_atoms.polymer_flag 
_pdbx_unobs_or_zero_occ_atoms.occupancy_flag 
_pdbx_unobs_or_zero_occ_atoms.auth_asym_id 
_pdbx_unobs_or_zero_occ_atoms.auth_comp_id 
_pdbx_unobs_or_zero_occ_atoms.auth_seq_id 
_pdbx_unobs_or_zero_occ_atoms.PDB_ins_code 
_pdbx_unobs_or_zero_occ_atoms.auth_atom_id 
_pdbx_unobs_or_zero_occ_atoms.label_alt_id 
_pdbx_unobs_or_zero_occ_atoms.label_asym_id 
_pdbx_unobs_or_zero_occ_atoms.label_comp_id 
_pdbx_unobs_or_zero_occ_atoms.label_seq_id 
_pdbx_unobs_or_zero_occ_atoms.label_atom_id 
1  1 Y 1 A LYS 1863 ? CG ? A LYS 8   CG 
2  1 Y 1 A LYS 1863 ? CD ? A LYS 8   CD 
3  1 Y 1 A LYS 1863 ? CE ? A LYS 8   CE 
4  1 Y 1 A LYS 1863 ? NZ ? A LYS 8   NZ 
5  1 Y 1 A LYS 1868 ? CE ? A LYS 13  CE 
6  1 Y 1 A LYS 1868 ? NZ ? A LYS 13  NZ 
7  1 Y 1 A LYS 1970 ? CG ? A LYS 115 CG 
8  1 Y 1 A LYS 1970 ? CD ? A LYS 115 CD 
9  1 Y 1 A LYS 1970 ? CE ? A LYS 115 CE 
10 1 Y 1 A LYS 1970 ? NZ ? A LYS 115 NZ 
# 
loop_
_software.citation_id 
_software.classification 
_software.compiler_name 
_software.compiler_version 
_software.contact_author 
_software.contact_author_email 
_software.date 
_software.description 
_software.dependencies 
_software.hardware 
_software.language 
_software.location 
_software.mods 
_software.name 
_software.os 
_software.os_version 
_software.type 
_software.version 
_software.pdbx_ordinal 
? 'data scaling'    ? ? ? ? ? ? ? ? ? ? ? Aimless     ? ? ? 0.2.17 1 
? refinement        ? ? ? ? ? ? ? ? ? ? ? PHENIX      ? ? ? .      2 
? 'data extraction' ? ? ? ? ? ? ? ? ? ? ? PDB_EXTRACT ? ? ? 3.15   3 
# 
_cell.angle_alpha                  90.000 
_cell.angle_alpha_esd              ? 
_cell.angle_beta                   90.000 
_cell.angle_beta_esd               ? 
_cell.angle_gamma                  90.000 
_cell.angle_gamma_esd              ? 
_cell.entry_id                     5CUC 
_cell.details                      ? 
_cell.formula_units_Z              ? 
_cell.length_a                     85.120 
_cell.length_a_esd                 ? 
_cell.length_b                     97.050 
_cell.length_b_esd                 ? 
_cell.length_c                     57.990 
_cell.length_c_esd                 ? 
_cell.volume                       ? 
_cell.volume_esd                   ? 
_cell.Z_PDB                        8 
_cell.reciprocal_angle_alpha       ? 
_cell.reciprocal_angle_beta        ? 
_cell.reciprocal_angle_gamma       ? 
_cell.reciprocal_angle_alpha_esd   ? 
_cell.reciprocal_angle_beta_esd    ? 
_cell.reciprocal_angle_gamma_esd   ? 
_cell.reciprocal_length_a          ? 
_cell.reciprocal_length_b          ? 
_cell.reciprocal_length_c          ? 
_cell.reciprocal_length_a_esd      ? 
_cell.reciprocal_length_b_esd      ? 
_cell.reciprocal_length_c_esd      ? 
_cell.pdbx_unique_axis             ? 
# 
_symmetry.entry_id                         5CUC 
_symmetry.cell_setting                     ? 
_symmetry.Int_Tables_number                20 
_symmetry.space_group_name_Hall            ? 
_symmetry.space_group_name_H-M             'C 2 2 21' 
_symmetry.pdbx_full_space_group_name_H-M   ? 
# 
_exptl.absorpt_coefficient_mu     ? 
_exptl.absorpt_correction_T_max   ? 
_exptl.absorpt_correction_T_min   ? 
_exptl.absorpt_correction_type    ? 
_exptl.absorpt_process_details    ? 
_exptl.entry_id                   5CUC 
_exptl.crystals_number            1 
_exptl.details                    ? 
_exptl.method                     'X-RAY DIFFRACTION' 
_exptl.method_details             ? 
# 
_exptl_crystal.colour                      ? 
_exptl_crystal.density_diffrn              ? 
_exptl_crystal.density_Matthews            4.66 
_exptl_crystal.density_method              ? 
_exptl_crystal.density_percent_sol         73.63 
_exptl_crystal.description                 ? 
_exptl_crystal.F_000                       ? 
_exptl_crystal.id                          1 
_exptl_crystal.preparation                 ? 
_exptl_crystal.size_max                    ? 
_exptl_crystal.size_mid                    ? 
_exptl_crystal.size_min                    ? 
_exptl_crystal.size_rad                    ? 
_exptl_crystal.colour_lustre               ? 
_exptl_crystal.colour_modifier             ? 
_exptl_crystal.colour_primary              ? 
_exptl_crystal.density_meas                ? 
_exptl_crystal.density_meas_esd            ? 
_exptl_crystal.density_meas_gt             ? 
_exptl_crystal.density_meas_lt             ? 
_exptl_crystal.density_meas_temp           ? 
_exptl_crystal.density_meas_temp_esd       ? 
_exptl_crystal.density_meas_temp_gt        ? 
_exptl_crystal.density_meas_temp_lt        ? 
_exptl_crystal.pdbx_crystal_image_url      ? 
_exptl_crystal.pdbx_crystal_image_format   ? 
_exptl_crystal.pdbx_mosaicity              ? 
_exptl_crystal.pdbx_mosaicity_esd          ? 
# 
_exptl_crystal_grow.apparatus       ? 
_exptl_crystal_grow.atmosphere      ? 
_exptl_crystal_grow.crystal_id      1 
_exptl_crystal_grow.details         ? 
_exptl_crystal_grow.method          'VAPOR DIFFUSION, SITTING DROP' 
_exptl_crystal_grow.method_ref      ? 
_exptl_crystal_grow.pH              6.0 
_exptl_crystal_grow.pressure        ? 
_exptl_crystal_grow.pressure_esd    ? 
_exptl_crystal_grow.seeding         ? 
_exptl_crystal_grow.seeding_ref     ? 
_exptl_crystal_grow.temp            277 
_exptl_crystal_grow.temp_details    ? 
_exptl_crystal_grow.temp_esd        ? 
_exptl_crystal_grow.time            ? 
_exptl_crystal_grow.pdbx_details    '20% PEG6000, 10% ethylene glycol, 0.1M MES pH 6.0, 0.1M calcium chloride' 
_exptl_crystal_grow.pdbx_pH_range   ? 
# 
_diffrn.ambient_environment    ? 
_diffrn.ambient_temp           100 
_diffrn.ambient_temp_details   ? 
_diffrn.ambient_temp_esd       ? 
_diffrn.crystal_id             1 
_diffrn.crystal_support        ? 
_diffrn.crystal_treatment      ? 
_diffrn.details                ? 
_diffrn.id                     1 
_diffrn.ambient_pressure       ? 
_diffrn.ambient_pressure_esd   ? 
_diffrn.ambient_pressure_gt    ? 
_diffrn.ambient_pressure_lt    ? 
_diffrn.ambient_temp_gt        ? 
_diffrn.ambient_temp_lt        ? 
# 
_diffrn_detector.details                      ? 
_diffrn_detector.detector                     PIXEL 
_diffrn_detector.diffrn_id                    1 
_diffrn_detector.type                         'PSI PILATUS 6M' 
_diffrn_detector.area_resol_mean              ? 
_diffrn_detector.dtime                        ? 
_diffrn_detector.pdbx_frames_total            ? 
_diffrn_detector.pdbx_collection_time_total   ? 
_diffrn_detector.pdbx_collection_date         2014-05-16 
# 
_diffrn_radiation.collimation                      ? 
_diffrn_radiation.diffrn_id                        1 
_diffrn_radiation.filter_edge                      ? 
_diffrn_radiation.inhomogeneity                    ? 
_diffrn_radiation.monochromator                    ? 
_diffrn_radiation.polarisn_norm                    ? 
_diffrn_radiation.polarisn_ratio                   ? 
_diffrn_radiation.probe                            ? 
_diffrn_radiation.type                             ? 
_diffrn_radiation.xray_symbol                      ? 
_diffrn_radiation.wavelength_id                    1 
_diffrn_radiation.pdbx_monochromatic_or_laue_m_l   M 
_diffrn_radiation.pdbx_wavelength_list             ? 
_diffrn_radiation.pdbx_wavelength                  ? 
_diffrn_radiation.pdbx_diffrn_protocol             'SINGLE WAVELENGTH' 
_diffrn_radiation.pdbx_analyzer                    ? 
_diffrn_radiation.pdbx_scattering_type             x-ray 
# 
_diffrn_radiation_wavelength.id           1 
_diffrn_radiation_wavelength.wavelength   0.92001 
_diffrn_radiation_wavelength.wt           1.0 
# 
_diffrn_source.current                     ? 
_diffrn_source.details                     ? 
_diffrn_source.diffrn_id                   1 
_diffrn_source.power                       ? 
_diffrn_source.size                        ? 
_diffrn_source.source                      SYNCHROTRON 
_diffrn_source.target                      ? 
_diffrn_source.type                        'DIAMOND BEAMLINE I04-1' 
_diffrn_source.voltage                     ? 
_diffrn_source.take-off_angle              ? 
_diffrn_source.pdbx_wavelength_list        0.92001 
_diffrn_source.pdbx_wavelength             ? 
_diffrn_source.pdbx_synchrotron_beamline   I04-1 
_diffrn_source.pdbx_synchrotron_site       Diamond 
# 
_reflns.B_iso_Wilson_estimate            ? 
_reflns.entry_id                         5CUC 
_reflns.data_reduction_details           ? 
_reflns.data_reduction_method            ? 
_reflns.d_resolution_high                1.850 
_reflns.d_resolution_low                 34.310 
_reflns.details                          ? 
_reflns.limit_h_max                      ? 
_reflns.limit_h_min                      ? 
_reflns.limit_k_max                      ? 
_reflns.limit_k_min                      ? 
_reflns.limit_l_max                      ? 
_reflns.limit_l_min                      ? 
_reflns.number_all                       ? 
_reflns.number_obs                       20406 
_reflns.observed_criterion               ? 
_reflns.observed_criterion_F_max         ? 
_reflns.observed_criterion_F_min         ? 
_reflns.observed_criterion_I_max         ? 
_reflns.observed_criterion_I_min         ? 
_reflns.observed_criterion_sigma_F       ? 
_reflns.observed_criterion_sigma_I       ? 
_reflns.percent_possible_obs             98.000 
_reflns.R_free_details                   ? 
_reflns.Rmerge_F_all                     ? 
_reflns.Rmerge_F_obs                     ? 
_reflns.Friedel_coverage                 ? 
_reflns.number_gt                        ? 
_reflns.threshold_expression             ? 
_reflns.pdbx_redundancy                  6.700 
_reflns.pdbx_Rmerge_I_obs                0.044 
_reflns.pdbx_Rmerge_I_all                ? 
_reflns.pdbx_Rsym_value                  ? 
_reflns.pdbx_netI_over_av_sigmaI         ? 
_reflns.pdbx_netI_over_sigmaI            22.000 
_reflns.pdbx_res_netI_over_av_sigmaI_2   ? 
_reflns.pdbx_res_netI_over_sigmaI_2      ? 
_reflns.pdbx_chi_squared                 ? 
_reflns.pdbx_scaling_rejects             ? 
_reflns.pdbx_d_res_high_opt              ? 
_reflns.pdbx_d_res_low_opt               ? 
_reflns.pdbx_d_res_opt_method            ? 
_reflns.phase_calculation_details        ? 
_reflns.pdbx_Rrim_I_all                  ? 
_reflns.pdbx_Rpim_I_all                  0.019 
_reflns.pdbx_d_opt                       ? 
_reflns.pdbx_number_measured_all         137323 
_reflns.pdbx_diffrn_id                   1 
_reflns.pdbx_ordinal                     1 
_reflns.pdbx_CC_half                     0.999 
_reflns.pdbx_R_split                     ? 
# 
loop_
_reflns_shell.d_res_high 
_reflns_shell.d_res_low 
_reflns_shell.meanI_over_sigI_all 
_reflns_shell.meanI_over_sigI_obs 
_reflns_shell.number_measured_all 
_reflns_shell.number_measured_obs 
_reflns_shell.number_possible 
_reflns_shell.number_unique_all 
_reflns_shell.number_unique_obs 
_reflns_shell.percent_possible_all 
_reflns_shell.percent_possible_obs 
_reflns_shell.Rmerge_F_all 
_reflns_shell.Rmerge_F_obs 
_reflns_shell.Rmerge_I_all 
_reflns_shell.Rmerge_I_obs 
_reflns_shell.meanI_over_sigI_gt 
_reflns_shell.meanI_over_uI_all 
_reflns_shell.meanI_over_uI_gt 
_reflns_shell.number_measured_gt 
_reflns_shell.number_unique_gt 
_reflns_shell.percent_possible_gt 
_reflns_shell.Rmerge_F_gt 
_reflns_shell.Rmerge_I_gt 
_reflns_shell.pdbx_redundancy 
_reflns_shell.pdbx_Rsym_value 
_reflns_shell.pdbx_chi_squared 
_reflns_shell.pdbx_netI_over_sigmaI_all 
_reflns_shell.pdbx_netI_over_sigmaI_obs 
_reflns_shell.pdbx_Rrim_I_all 
_reflns_shell.pdbx_Rpim_I_all 
_reflns_shell.pdbx_rejects 
_reflns_shell.pdbx_ordinal 
_reflns_shell.pdbx_diffrn_id 
_reflns_shell.pdbx_CC_half 
_reflns_shell.pdbx_R_split 
1.850 1.900  ? 2.900  10630 ? ? 1494 ? 98.700 ? ? ? ? 0.619 ? ? ? ? ? ? ? ? 7.100 ? ? ? ? ? 0.246 0 1 1 0.882 ? 
8.270 34.310 ? 62.800 1669  ? ? 272  ? 98.500 ? ? ? ? 0.023 ? ? ? ? ? ? ? ? 6.100 ? ? ? ? ? 0.010 0 2 1 0.999 ? 
# 
_refine.aniso_B[1][1]                            ? 
_refine.aniso_B[1][2]                            ? 
_refine.aniso_B[1][3]                            ? 
_refine.aniso_B[2][2]                            ? 
_refine.aniso_B[2][3]                            ? 
_refine.aniso_B[3][3]                            ? 
_refine.B_iso_max                                79.950 
_refine.B_iso_mean                               36.7122 
_refine.B_iso_min                                18.500 
_refine.correlation_coeff_Fo_to_Fc               ? 
_refine.correlation_coeff_Fo_to_Fc_free          ? 
_refine.details                                  ? 
_refine.diff_density_max                         ? 
_refine.diff_density_max_esd                     ? 
_refine.diff_density_min                         ? 
_refine.diff_density_min_esd                     ? 
_refine.diff_density_rms                         ? 
_refine.diff_density_rms_esd                     ? 
_refine.entry_id                                 5CUC 
_refine.pdbx_refine_id                           'X-RAY DIFFRACTION' 
_refine.ls_abs_structure_details                 ? 
_refine.ls_abs_structure_Flack                   ? 
_refine.ls_abs_structure_Flack_esd               ? 
_refine.ls_abs_structure_Rogers                  ? 
_refine.ls_abs_structure_Rogers_esd              ? 
_refine.ls_d_res_high                            1.8500 
_refine.ls_d_res_low                             34.310 
_refine.ls_extinction_coef                       ? 
_refine.ls_extinction_coef_esd                   ? 
_refine.ls_extinction_expression                 ? 
_refine.ls_extinction_method                     ? 
_refine.ls_goodness_of_fit_all                   ? 
_refine.ls_goodness_of_fit_all_esd               ? 
_refine.ls_goodness_of_fit_obs                   ? 
_refine.ls_goodness_of_fit_obs_esd               ? 
_refine.ls_hydrogen_treatment                    ? 
_refine.ls_matrix_type                           ? 
_refine.ls_number_constraints                    ? 
_refine.ls_number_parameters                     ? 
_refine.ls_number_reflns_all                     ? 
_refine.ls_number_reflns_obs                     20390 
_refine.ls_number_reflns_R_free                  996 
_refine.ls_number_reflns_R_work                  ? 
_refine.ls_number_restraints                     ? 
_refine.ls_percent_reflns_obs                    97.6700 
_refine.ls_percent_reflns_R_free                 4.8800 
_refine.ls_R_factor_all                          ? 
_refine.ls_R_factor_obs                          0.1951 
_refine.ls_R_factor_R_free                       0.2302 
_refine.ls_R_factor_R_free_error                 ? 
_refine.ls_R_factor_R_free_error_details         ? 
_refine.ls_R_factor_R_work                       0.1933 
_refine.ls_R_Fsqd_factor_obs                     ? 
_refine.ls_R_I_factor_obs                        ? 
_refine.ls_redundancy_reflns_all                 ? 
_refine.ls_redundancy_reflns_obs                 ? 
_refine.ls_restrained_S_all                      ? 
_refine.ls_restrained_S_obs                      ? 
_refine.ls_shift_over_esd_max                    ? 
_refine.ls_shift_over_esd_mean                   ? 
_refine.ls_structure_factor_coef                 ? 
_refine.ls_weighting_details                     ? 
_refine.ls_weighting_scheme                      ? 
_refine.ls_wR_factor_all                         ? 
_refine.ls_wR_factor_obs                         ? 
_refine.ls_wR_factor_R_free                      ? 
_refine.ls_wR_factor_R_work                      ? 
_refine.occupancy_max                            ? 
_refine.occupancy_min                            ? 
_refine.solvent_model_details                    'FLAT BULK SOLVENT MODEL' 
_refine.solvent_model_param_bsol                 ? 
_refine.solvent_model_param_ksol                 ? 
_refine.ls_R_factor_gt                           ? 
_refine.ls_goodness_of_fit_gt                    ? 
_refine.ls_goodness_of_fit_ref                   ? 
_refine.ls_shift_over_su_max                     ? 
_refine.ls_shift_over_su_max_lt                  ? 
_refine.ls_shift_over_su_mean                    ? 
_refine.ls_shift_over_su_mean_lt                 ? 
_refine.pdbx_ls_sigma_I                          ? 
_refine.pdbx_ls_sigma_F                          1.340 
_refine.pdbx_ls_sigma_Fsqd                       ? 
_refine.pdbx_data_cutoff_high_absF               ? 
_refine.pdbx_data_cutoff_high_rms_absF           ? 
_refine.pdbx_data_cutoff_low_absF                ? 
_refine.pdbx_isotropic_thermal_model             ? 
_refine.pdbx_ls_cross_valid_method               'FREE R-VALUE' 
_refine.pdbx_method_to_determine_struct          'MOLECULAR REPLACEMENT' 
_refine.pdbx_starting_model                      ? 
_refine.pdbx_stereochemistry_target_values       ML 
_refine.pdbx_R_Free_selection_details            ? 
_refine.pdbx_stereochem_target_val_spec_case     ? 
_refine.pdbx_overall_ESU_R                       ? 
_refine.pdbx_overall_ESU_R_Free                  ? 
_refine.pdbx_solvent_vdw_probe_radii             1.1100 
_refine.pdbx_solvent_ion_probe_radii             ? 
_refine.pdbx_solvent_shrinkage_radii             0.9000 
_refine.pdbx_real_space_R                        ? 
_refine.pdbx_density_correlation                 ? 
_refine.pdbx_pd_number_of_powder_patterns        ? 
_refine.pdbx_pd_number_of_points                 ? 
_refine.pdbx_pd_meas_number_of_points            ? 
_refine.pdbx_pd_proc_ls_prof_R_factor            ? 
_refine.pdbx_pd_proc_ls_prof_wR_factor           ? 
_refine.pdbx_pd_Marquardt_correlation_coeff      ? 
_refine.pdbx_pd_Fsqrd_R_factor                   ? 
_refine.pdbx_pd_ls_matrix_band_width             ? 
_refine.pdbx_overall_phase_error                 23.7800 
_refine.pdbx_overall_SU_R_free_Cruickshank_DPI   ? 
_refine.pdbx_overall_SU_R_free_Blow_DPI          ? 
_refine.pdbx_overall_SU_R_Blow_DPI               ? 
_refine.pdbx_TLS_residual_ADP_flag               ? 
_refine.pdbx_diffrn_id                           1 
_refine.overall_SU_B                             ? 
_refine.overall_SU_ML                            0.2500 
_refine.overall_SU_R_Cruickshank_DPI             ? 
_refine.overall_SU_R_free                        ? 
_refine.overall_FOM_free_R_set                   ? 
_refine.overall_FOM_work_R_set                   ? 
_refine.pdbx_average_fsc_overall                 ? 
_refine.pdbx_average_fsc_work                    ? 
_refine.pdbx_average_fsc_free                    ? 
# 
_refine_hist.cycle_id                         final 
_refine_hist.pdbx_refine_id                   'X-RAY DIFFRACTION' 
_refine_hist.d_res_high                       1.8500 
_refine_hist.d_res_low                        34.310 
_refine_hist.pdbx_number_atoms_ligand         16 
_refine_hist.number_atoms_solvent             181 
_refine_hist.number_atoms_total               1127 
_refine_hist.pdbx_number_residues_total       114 
_refine_hist.pdbx_B_iso_mean_ligand           44.65 
_refine_hist.pdbx_B_iso_mean_solvent          45.41 
_refine_hist.pdbx_number_atoms_protein        930 
_refine_hist.pdbx_number_atoms_nucleic_acid   0 
# 
_struct.entry_id                     5CUC 
_struct.title                        
;Crystal structure of the bromodomain of bromodomain adjacent to zinc finger domain protein 2B (BAZ2B) in complex with N-Acetyl-2-phenylethylamine (SGC - Diamond I04-1 fragment screening)
;
_struct.pdbx_model_details           ? 
_struct.pdbx_formula_weight          ? 
_struct.pdbx_formula_weight_method   ? 
_struct.pdbx_model_type_details      ? 
_struct.pdbx_CASP_flag               ? 
# 
_struct_keywords.entry_id        5CUC 
_struct_keywords.text            'Structural Genomics, Structural Genomics Consortium, SGC, transcription' 
_struct_keywords.pdbx_keywords   TRANSCRIPTION 
# 
loop_
_struct_asym.id 
_struct_asym.pdbx_blank_PDB_chainid_flag 
_struct_asym.pdbx_modified 
_struct_asym.entity_id 
_struct_asym.details 
A N N 1 ? 
B N N 2 ? 
C N N 3 ? 
D N N 4 ? 
# 
_struct_ref.id                         1 
_struct_ref.db_name                    UNP 
_struct_ref.db_code                    BAZ2B_HUMAN 
_struct_ref.pdbx_db_accession          Q9UIF8 
_struct_ref.pdbx_db_isoform            Q9UIF8-4 
_struct_ref.entity_id                  1 
_struct_ref.pdbx_seq_one_letter_code   
;SVKKPKRDDSKDLALCSMILTEMETHEDAWPFLLPVNLKLVPGYKKVIKKPMDFSTIREKLSSGQYPNLETFALDVRLVF
DNCETFNEDDSDIGRAGHNMRKYFEKKWTDTFK
;
_struct_ref.pdbx_align_begin           1858 
# 
_struct_ref_seq.align_id                      1 
_struct_ref_seq.ref_id                        1 
_struct_ref_seq.pdbx_PDB_id_code              5CUC 
_struct_ref_seq.pdbx_strand_id                A 
_struct_ref_seq.seq_align_beg                 3 
_struct_ref_seq.pdbx_seq_align_beg_ins_code   ? 
_struct_ref_seq.seq_align_end                 115 
_struct_ref_seq.pdbx_seq_align_end_ins_code   ? 
_struct_ref_seq.pdbx_db_accession             Q9UIF8 
_struct_ref_seq.db_align_beg                  1858 
_struct_ref_seq.pdbx_db_align_beg_ins_code    ? 
_struct_ref_seq.db_align_end                  1970 
_struct_ref_seq.pdbx_db_align_end_ins_code    ? 
_struct_ref_seq.pdbx_auth_seq_align_beg       1858 
_struct_ref_seq.pdbx_auth_seq_align_end       1970 
# 
loop_
_struct_ref_seq_dif.align_id 
_struct_ref_seq_dif.pdbx_pdb_id_code 
_struct_ref_seq_dif.mon_id 
_struct_ref_seq_dif.pdbx_pdb_strand_id 
_struct_ref_seq_dif.seq_num 
_struct_ref_seq_dif.pdbx_pdb_ins_code 
_struct_ref_seq_dif.pdbx_seq_db_name 
_struct_ref_seq_dif.pdbx_seq_db_accession_code 
_struct_ref_seq_dif.db_mon_id 
_struct_ref_seq_dif.pdbx_seq_db_seq_num 
_struct_ref_seq_dif.details 
_struct_ref_seq_dif.pdbx_auth_seq_num 
_struct_ref_seq_dif.pdbx_ordinal 
1 5CUC SER A 1 ? UNP Q9UIF8 ? ? 'expression tag' 1856 1 
1 5CUC MET A 2 ? UNP Q9UIF8 ? ? 'expression tag' 1857 2 
# 
_pdbx_struct_assembly.id                   1 
_pdbx_struct_assembly.details              author_and_software_defined_assembly 
_pdbx_struct_assembly.method_details       PISA 
_pdbx_struct_assembly.oligomeric_details   monomeric 
_pdbx_struct_assembly.oligomeric_count     1 
# 
loop_
_pdbx_struct_assembly_prop.biol_id 
_pdbx_struct_assembly_prop.type 
_pdbx_struct_assembly_prop.value 
_pdbx_struct_assembly_prop.details 
1 'ABSA (A^2)' 210  ? 
1 MORE         3    ? 
1 'SSA (A^2)'  7740 ? 
# 
_pdbx_struct_assembly_gen.assembly_id       1 
_pdbx_struct_assembly_gen.oper_expression   1 
_pdbx_struct_assembly_gen.asym_id_list      A,B,C,D 
# 
_pdbx_struct_oper_list.id                   1 
_pdbx_struct_oper_list.type                 'identity operation' 
_pdbx_struct_oper_list.name                 1_555 
_pdbx_struct_oper_list.symmetry_operation   x,y,z 
_pdbx_struct_oper_list.matrix[1][1]         1.0000000000 
_pdbx_struct_oper_list.matrix[1][2]         0.0000000000 
_pdbx_struct_oper_list.matrix[1][3]         0.0000000000 
_pdbx_struct_oper_list.vector[1]            0.0000000000 
_pdbx_struct_oper_list.matrix[2][1]         0.0000000000 
_pdbx_struct_oper_list.matrix[2][2]         1.0000000000 
_pdbx_struct_oper_list.matrix[2][3]         0.0000000000 
_pdbx_struct_oper_list.vector[2]            0.0000000000 
_pdbx_struct_oper_list.matrix[3][1]         0.0000000000 
_pdbx_struct_oper_list.matrix[3][2]         0.0000000000 
_pdbx_struct_oper_list.matrix[3][3]         1.0000000000 
_pdbx_struct_oper_list.vector[3]            0.0000000000 
# 
loop_
_struct_conf.conf_type_id 
_struct_conf.id 
_struct_conf.pdbx_PDB_helix_id 
_struct_conf.beg_label_comp_id 
_struct_conf.beg_label_asym_id 
_struct_conf.beg_label_seq_id 
_struct_conf.pdbx_beg_PDB_ins_code 
_struct_conf.end_label_comp_id 
_struct_conf.end_label_asym_id 
_struct_conf.end_label_seq_id 
_struct_conf.pdbx_end_PDB_ins_code 
_struct_conf.beg_auth_comp_id 
_struct_conf.beg_auth_asym_id 
_struct_conf.beg_auth_seq_id 
_struct_conf.end_auth_comp_id 
_struct_conf.end_auth_asym_id 
_struct_conf.end_auth_seq_id 
_struct_conf.pdbx_PDB_helix_class 
_struct_conf.details 
_struct_conf.pdbx_PDB_helix_length 
HELX_P HELX_P1 AA1 LYS A 13 ? THR A 27  ? LYS A 1868 THR A 1882 1 ? 15 
HELX_P HELX_P2 AA2 HIS A 28 ? LEU A 35  ? HIS A 1883 LEU A 1890 5 ? 8  
HELX_P HELX_P3 AA3 GLY A 45 ? ILE A 50  ? GLY A 1900 ILE A 1905 1 ? 6  
HELX_P HELX_P4 AA4 ASP A 55 ? SER A 65  ? ASP A 1910 SER A 1920 1 ? 11 
HELX_P HELX_P5 AA5 ASN A 70 ? ASN A 89  ? ASN A 1925 ASN A 1944 1 ? 20 
HELX_P HELX_P6 AA6 SER A 93 ? LYS A 115 ? SER A 1948 LYS A 1970 1 ? 23 
# 
_struct_conf_type.id          HELX_P 
_struct_conf_type.criteria    ? 
_struct_conf_type.reference   ? 
# 
loop_
_struct_site.id 
_struct_site.pdbx_evidence_code 
_struct_site.pdbx_auth_asym_id 
_struct_site.pdbx_auth_comp_id 
_struct_site.pdbx_auth_seq_id 
_struct_site.pdbx_auth_ins_code 
_struct_site.pdbx_num_residues 
_struct_site.details 
AC1 Software A 54W 2001 ? 6 'binding site for residue 54W A 2001' 
AC2 Software A EDO 2002 ? 4 'binding site for residue EDO A 2002' 
# 
loop_
_struct_site_gen.id 
_struct_site_gen.site_id 
_struct_site_gen.pdbx_num_res 
_struct_site_gen.label_comp_id 
_struct_site_gen.label_asym_id 
_struct_site_gen.label_seq_id 
_struct_site_gen.pdbx_auth_ins_code 
_struct_site_gen.auth_comp_id 
_struct_site_gen.auth_asym_id 
_struct_site_gen.auth_seq_id 
_struct_site_gen.label_atom_id 
_struct_site_gen.label_alt_id 
_struct_site_gen.symmetry 
_struct_site_gen.details 
1  AC1 6 PRO A 33  ? PRO A 1888 . ? 1_555 ? 
2  AC1 6 VAL A 38  ? VAL A 1893 . ? 1_555 ? 
3  AC1 6 PRO A 44  ? PRO A 1899 . ? 4_566 ? 
4  AC1 6 ASN A 89  ? ASN A 1944 . ? 1_555 ? 
5  AC1 6 HOH D .   ? HOH A 2113 . ? 1_555 ? 
6  AC1 6 HOH D .   ? HOH A 2195 . ? 1_555 ? 
7  AC2 4 MET A 20  ? MET A 1875 . ? 1_555 ? 
8  AC2 4 GLU A 24  ? GLU A 1879 . ? 1_555 ? 
9  AC2 4 THR A 113 ? THR A 1968 . ? 1_555 ? 
10 AC2 4 HOH D .   ? HOH A 2164 . ? 1_555 ? 
# 
_pdbx_validate_close_contact.id               1 
_pdbx_validate_close_contact.PDB_model_num    1 
_pdbx_validate_close_contact.auth_atom_id_1   O 
_pdbx_validate_close_contact.auth_asym_id_1   A 
_pdbx_validate_close_contact.auth_comp_id_1   HOH 
_pdbx_validate_close_contact.auth_seq_id_1    2226 
_pdbx_validate_close_contact.PDB_ins_code_1   ? 
_pdbx_validate_close_contact.label_alt_id_1   ? 
_pdbx_validate_close_contact.auth_atom_id_2   O 
_pdbx_validate_close_contact.auth_asym_id_2   A 
_pdbx_validate_close_contact.auth_comp_id_2   HOH 
_pdbx_validate_close_contact.auth_seq_id_2    2232 
_pdbx_validate_close_contact.PDB_ins_code_2   ? 
_pdbx_validate_close_contact.label_alt_id_2   ? 
_pdbx_validate_close_contact.dist             2.18 
# 
_pdbx_validate_symm_contact.id                1 
_pdbx_validate_symm_contact.PDB_model_num     1 
_pdbx_validate_symm_contact.auth_atom_id_1    O 
_pdbx_validate_symm_contact.auth_asym_id_1    A 
_pdbx_validate_symm_contact.auth_comp_id_1    HOH 
_pdbx_validate_symm_contact.auth_seq_id_1     2256 
_pdbx_validate_symm_contact.PDB_ins_code_1    ? 
_pdbx_validate_symm_contact.label_alt_id_1    ? 
_pdbx_validate_symm_contact.site_symmetry_1   1_555 
_pdbx_validate_symm_contact.auth_atom_id_2    O 
_pdbx_validate_symm_contact.auth_asym_id_2    A 
_pdbx_validate_symm_contact.auth_comp_id_2    HOH 
_pdbx_validate_symm_contact.auth_seq_id_2     2273 
_pdbx_validate_symm_contact.PDB_ins_code_2    ? 
_pdbx_validate_symm_contact.label_alt_id_2    ? 
_pdbx_validate_symm_contact.site_symmetry_2   8_456 
_pdbx_validate_symm_contact.dist              2.18 
# 
loop_
_pdbx_validate_torsion.id 
_pdbx_validate_torsion.PDB_model_num 
_pdbx_validate_torsion.auth_comp_id 
_pdbx_validate_torsion.auth_asym_id 
_pdbx_validate_torsion.auth_seq_id 
_pdbx_validate_torsion.PDB_ins_code 
_pdbx_validate_torsion.label_alt_id 
_pdbx_validate_torsion.phi 
_pdbx_validate_torsion.psi 
1 1 PRO A 1899 ? ? -39.20 119.83 
2 1 ASP A 1947 ? ? -91.74 58.72  
# 
_pdbx_SG_project.id                    1 
_pdbx_SG_project.project_name          ? 
_pdbx_SG_project.full_name_of_center   'Structural Genomics Consortium' 
_pdbx_SG_project.initial_of_center     SGC 
# 
_phasing.method   MR 
# 
loop_
_pdbx_distant_solvent_atoms.id 
_pdbx_distant_solvent_atoms.PDB_model_num 
_pdbx_distant_solvent_atoms.auth_atom_id 
_pdbx_distant_solvent_atoms.label_alt_id 
_pdbx_distant_solvent_atoms.auth_asym_id 
_pdbx_distant_solvent_atoms.auth_comp_id 
_pdbx_distant_solvent_atoms.auth_seq_id 
_pdbx_distant_solvent_atoms.PDB_ins_code 
_pdbx_distant_solvent_atoms.neighbor_macromolecule_distance 
_pdbx_distant_solvent_atoms.neighbor_ligand_distance 
1 1 O ? A HOH 2280 ? 5.84 .    
2 1 O ? A HOH 2281 ? .    6.10 
# 
loop_
_chem_comp_atom.comp_id 
_chem_comp_atom.atom_id 
_chem_comp_atom.type_symbol 
_chem_comp_atom.pdbx_aromatic_flag 
_chem_comp_atom.pdbx_stereo_config 
_chem_comp_atom.pdbx_ordinal 
54W C4   C Y N 1   
54W C5   C Y N 2   
54W C6   C Y N 3   
54W C7   C Y N 4   
54W C8   C Y N 5   
54W O    O N N 6   
54W C1   C N N 7   
54W C    C N N 8   
54W N    N N N 9   
54W C2   C N N 10  
54W C3   C N N 11  
54W C9   C Y N 12  
54W H1   H N N 13  
54W H2   H N N 14  
54W H3   H N N 15  
54W H4   H N N 16  
54W H5   H N N 17  
54W H6   H N N 18  
54W H7   H N N 19  
54W H8   H N N 20  
54W H9   H N N 21  
54W H10  H N N 22  
54W H11  H N N 23  
54W H12  H N N 24  
54W H13  H N N 25  
ALA N    N N N 26  
ALA CA   C N S 27  
ALA C    C N N 28  
ALA O    O N N 29  
ALA CB   C N N 30  
ALA OXT  O N N 31  
ALA H    H N N 32  
ALA H2   H N N 33  
ALA HA   H N N 34  
ALA HB1  H N N 35  
ALA HB2  H N N 36  
ALA HB3  H N N 37  
ALA HXT  H N N 38  
ARG N    N N N 39  
ARG CA   C N S 40  
ARG C    C N N 41  
ARG O    O N N 42  
ARG CB   C N N 43  
ARG CG   C N N 44  
ARG CD   C N N 45  
ARG NE   N N N 46  
ARG CZ   C N N 47  
ARG NH1  N N N 48  
ARG NH2  N N N 49  
ARG OXT  O N N 50  
ARG H    H N N 51  
ARG H2   H N N 52  
ARG HA   H N N 53  
ARG HB2  H N N 54  
ARG HB3  H N N 55  
ARG HG2  H N N 56  
ARG HG3  H N N 57  
ARG HD2  H N N 58  
ARG HD3  H N N 59  
ARG HE   H N N 60  
ARG HH11 H N N 61  
ARG HH12 H N N 62  
ARG HH21 H N N 63  
ARG HH22 H N N 64  
ARG HXT  H N N 65  
ASN N    N N N 66  
ASN CA   C N S 67  
ASN C    C N N 68  
ASN O    O N N 69  
ASN CB   C N N 70  
ASN CG   C N N 71  
ASN OD1  O N N 72  
ASN ND2  N N N 73  
ASN OXT  O N N 74  
ASN H    H N N 75  
ASN H2   H N N 76  
ASN HA   H N N 77  
ASN HB2  H N N 78  
ASN HB3  H N N 79  
ASN HD21 H N N 80  
ASN HD22 H N N 81  
ASN HXT  H N N 82  
ASP N    N N N 83  
ASP CA   C N S 84  
ASP C    C N N 85  
ASP O    O N N 86  
ASP CB   C N N 87  
ASP CG   C N N 88  
ASP OD1  O N N 89  
ASP OD2  O N N 90  
ASP OXT  O N N 91  
ASP H    H N N 92  
ASP H2   H N N 93  
ASP HA   H N N 94  
ASP HB2  H N N 95  
ASP HB3  H N N 96  
ASP HD2  H N N 97  
ASP HXT  H N N 98  
CYS N    N N N 99  
CYS CA   C N R 100 
CYS C    C N N 101 
CYS O    O N N 102 
CYS CB   C N N 103 
CYS SG   S N N 104 
CYS OXT  O N N 105 
CYS H    H N N 106 
CYS H2   H N N 107 
CYS HA   H N N 108 
CYS HB2  H N N 109 
CYS HB3  H N N 110 
CYS HG   H N N 111 
CYS HXT  H N N 112 
EDO C1   C N N 113 
EDO O1   O N N 114 
EDO C2   C N N 115 
EDO O2   O N N 116 
EDO H11  H N N 117 
EDO H12  H N N 118 
EDO HO1  H N N 119 
EDO H21  H N N 120 
EDO H22  H N N 121 
EDO HO2  H N N 122 
GLN N    N N N 123 
GLN CA   C N S 124 
GLN C    C N N 125 
GLN O    O N N 126 
GLN CB   C N N 127 
GLN CG   C N N 128 
GLN CD   C N N 129 
GLN OE1  O N N 130 
GLN NE2  N N N 131 
GLN OXT  O N N 132 
GLN H    H N N 133 
GLN H2   H N N 134 
GLN HA   H N N 135 
GLN HB2  H N N 136 
GLN HB3  H N N 137 
GLN HG2  H N N 138 
GLN HG3  H N N 139 
GLN HE21 H N N 140 
GLN HE22 H N N 141 
GLN HXT  H N N 142 
GLU N    N N N 143 
GLU CA   C N S 144 
GLU C    C N N 145 
GLU O    O N N 146 
GLU CB   C N N 147 
GLU CG   C N N 148 
GLU CD   C N N 149 
GLU OE1  O N N 150 
GLU OE2  O N N 151 
GLU OXT  O N N 152 
GLU H    H N N 153 
GLU H2   H N N 154 
GLU HA   H N N 155 
GLU HB2  H N N 156 
GLU HB3  H N N 157 
GLU HG2  H N N 158 
GLU HG3  H N N 159 
GLU HE2  H N N 160 
GLU HXT  H N N 161 
GLY N    N N N 162 
GLY CA   C N N 163 
GLY C    C N N 164 
GLY O    O N N 165 
GLY OXT  O N N 166 
GLY H    H N N 167 
GLY H2   H N N 168 
GLY HA2  H N N 169 
GLY HA3  H N N 170 
GLY HXT  H N N 171 
HIS N    N N N 172 
HIS CA   C N S 173 
HIS C    C N N 174 
HIS O    O N N 175 
HIS CB   C N N 176 
HIS CG   C Y N 177 
HIS ND1  N Y N 178 
HIS CD2  C Y N 179 
HIS CE1  C Y N 180 
HIS NE2  N Y N 181 
HIS OXT  O N N 182 
HIS H    H N N 183 
HIS H2   H N N 184 
HIS HA   H N N 185 
HIS HB2  H N N 186 
HIS HB3  H N N 187 
HIS HD1  H N N 188 
HIS HD2  H N N 189 
HIS HE1  H N N 190 
HIS HE2  H N N 191 
HIS HXT  H N N 192 
HOH O    O N N 193 
HOH H1   H N N 194 
HOH H2   H N N 195 
ILE N    N N N 196 
ILE CA   C N S 197 
ILE C    C N N 198 
ILE O    O N N 199 
ILE CB   C N S 200 
ILE CG1  C N N 201 
ILE CG2  C N N 202 
ILE CD1  C N N 203 
ILE OXT  O N N 204 
ILE H    H N N 205 
ILE H2   H N N 206 
ILE HA   H N N 207 
ILE HB   H N N 208 
ILE HG12 H N N 209 
ILE HG13 H N N 210 
ILE HG21 H N N 211 
ILE HG22 H N N 212 
ILE HG23 H N N 213 
ILE HD11 H N N 214 
ILE HD12 H N N 215 
ILE HD13 H N N 216 
ILE HXT  H N N 217 
LEU N    N N N 218 
LEU CA   C N S 219 
LEU C    C N N 220 
LEU O    O N N 221 
LEU CB   C N N 222 
LEU CG   C N N 223 
LEU CD1  C N N 224 
LEU CD2  C N N 225 
LEU OXT  O N N 226 
LEU H    H N N 227 
LEU H2   H N N 228 
LEU HA   H N N 229 
LEU HB2  H N N 230 
LEU HB3  H N N 231 
LEU HG   H N N 232 
LEU HD11 H N N 233 
LEU HD12 H N N 234 
LEU HD13 H N N 235 
LEU HD21 H N N 236 
LEU HD22 H N N 237 
LEU HD23 H N N 238 
LEU HXT  H N N 239 
LYS N    N N N 240 
LYS CA   C N S 241 
LYS C    C N N 242 
LYS O    O N N 243 
LYS CB   C N N 244 
LYS CG   C N N 245 
LYS CD   C N N 246 
LYS CE   C N N 247 
LYS NZ   N N N 248 
LYS OXT  O N N 249 
LYS H    H N N 250 
LYS H2   H N N 251 
LYS HA   H N N 252 
LYS HB2  H N N 253 
LYS HB3  H N N 254 
LYS HG2  H N N 255 
LYS HG3  H N N 256 
LYS HD2  H N N 257 
LYS HD3  H N N 258 
LYS HE2  H N N 259 
LYS HE3  H N N 260 
LYS HZ1  H N N 261 
LYS HZ2  H N N 262 
LYS HZ3  H N N 263 
LYS HXT  H N N 264 
MET N    N N N 265 
MET CA   C N S 266 
MET C    C N N 267 
MET O    O N N 268 
MET CB   C N N 269 
MET CG   C N N 270 
MET SD   S N N 271 
MET CE   C N N 272 
MET OXT  O N N 273 
MET H    H N N 274 
MET H2   H N N 275 
MET HA   H N N 276 
MET HB2  H N N 277 
MET HB3  H N N 278 
MET HG2  H N N 279 
MET HG3  H N N 280 
MET HE1  H N N 281 
MET HE2  H N N 282 
MET HE3  H N N 283 
MET HXT  H N N 284 
PHE N    N N N 285 
PHE CA   C N S 286 
PHE C    C N N 287 
PHE O    O N N 288 
PHE CB   C N N 289 
PHE CG   C Y N 290 
PHE CD1  C Y N 291 
PHE CD2  C Y N 292 
PHE CE1  C Y N 293 
PHE CE2  C Y N 294 
PHE CZ   C Y N 295 
PHE OXT  O N N 296 
PHE H    H N N 297 
PHE H2   H N N 298 
PHE HA   H N N 299 
PHE HB2  H N N 300 
PHE HB3  H N N 301 
PHE HD1  H N N 302 
PHE HD2  H N N 303 
PHE HE1  H N N 304 
PHE HE2  H N N 305 
PHE HZ   H N N 306 
PHE HXT  H N N 307 
PRO N    N N N 308 
PRO CA   C N S 309 
PRO C    C N N 310 
PRO O    O N N 311 
PRO CB   C N N 312 
PRO CG   C N N 313 
PRO CD   C N N 314 
PRO OXT  O N N 315 
PRO H    H N N 316 
PRO HA   H N N 317 
PRO HB2  H N N 318 
PRO HB3  H N N 319 
PRO HG2  H N N 320 
PRO HG3  H N N 321 
PRO HD2  H N N 322 
PRO HD3  H N N 323 
PRO HXT  H N N 324 
SER N    N N N 325 
SER CA   C N S 326 
SER C    C N N 327 
SER O    O N N 328 
SER CB   C N N 329 
SER OG   O N N 330 
SER OXT  O N N 331 
SER H    H N N 332 
SER H2   H N N 333 
SER HA   H N N 334 
SER HB2  H N N 335 
SER HB3  H N N 336 
SER HG   H N N 337 
SER HXT  H N N 338 
THR N    N N N 339 
THR CA   C N S 340 
THR C    C N N 341 
THR O    O N N 342 
THR CB   C N R 343 
THR OG1  O N N 344 
THR CG2  C N N 345 
THR OXT  O N N 346 
THR H    H N N 347 
THR H2   H N N 348 
THR HA   H N N 349 
THR HB   H N N 350 
THR HG1  H N N 351 
THR HG21 H N N 352 
THR HG22 H N N 353 
THR HG23 H N N 354 
THR HXT  H N N 355 
TRP N    N N N 356 
TRP CA   C N S 357 
TRP C    C N N 358 
TRP O    O N N 359 
TRP CB   C N N 360 
TRP CG   C Y N 361 
TRP CD1  C Y N 362 
TRP CD2  C Y N 363 
TRP NE1  N Y N 364 
TRP CE2  C Y N 365 
TRP CE3  C Y N 366 
TRP CZ2  C Y N 367 
TRP CZ3  C Y N 368 
TRP CH2  C Y N 369 
TRP OXT  O N N 370 
TRP H    H N N 371 
TRP H2   H N N 372 
TRP HA   H N N 373 
TRP HB2  H N N 374 
TRP HB3  H N N 375 
TRP HD1  H N N 376 
TRP HE1  H N N 377 
TRP HE3  H N N 378 
TRP HZ2  H N N 379 
TRP HZ3  H N N 380 
TRP HH2  H N N 381 
TRP HXT  H N N 382 
TYR N    N N N 383 
TYR CA   C N S 384 
TYR C    C N N 385 
TYR O    O N N 386 
TYR CB   C N N 387 
TYR CG   C Y N 388 
TYR CD1  C Y N 389 
TYR CD2  C Y N 390 
TYR CE1  C Y N 391 
TYR CE2  C Y N 392 
TYR CZ   C Y N 393 
TYR OH   O N N 394 
TYR OXT  O N N 395 
TYR H    H N N 396 
TYR H2   H N N 397 
TYR HA   H N N 398 
TYR HB2  H N N 399 
TYR HB3  H N N 400 
TYR HD1  H N N 401 
TYR HD2  H N N 402 
TYR HE1  H N N 403 
TYR HE2  H N N 404 
TYR HH   H N N 405 
TYR HXT  H N N 406 
VAL N    N N N 407 
VAL CA   C N S 408 
VAL C    C N N 409 
VAL O    O N N 410 
VAL CB   C N N 411 
VAL CG1  C N N 412 
VAL CG2  C N N 413 
VAL OXT  O N N 414 
VAL H    H N N 415 
VAL H2   H N N 416 
VAL HA   H N N 417 
VAL HB   H N N 418 
VAL HG11 H N N 419 
VAL HG12 H N N 420 
VAL HG13 H N N 421 
VAL HG21 H N N 422 
VAL HG22 H N N 423 
VAL HG23 H N N 424 
VAL HXT  H N N 425 
# 
loop_
_chem_comp_bond.comp_id 
_chem_comp_bond.atom_id_1 
_chem_comp_bond.atom_id_2 
_chem_comp_bond.value_order 
_chem_comp_bond.pdbx_aromatic_flag 
_chem_comp_bond.pdbx_stereo_config 
_chem_comp_bond.pdbx_ordinal 
54W N   C2   sing N N 1   
54W N   C1   sing N N 2   
54W C   C1   sing N N 3   
54W C2  C3   sing N N 4   
54W C1  O    doub N N 5   
54W C5  C6   doub Y N 6   
54W C5  C4   sing Y N 7   
54W C6  C7   sing Y N 8   
54W C3  C4   sing N N 9   
54W C4  C9   doub Y N 10  
54W C7  C8   doub Y N 11  
54W C9  C8   sing Y N 12  
54W C5  H1   sing N N 13  
54W C6  H2   sing N N 14  
54W C7  H3   sing N N 15  
54W C8  H4   sing N N 16  
54W C   H5   sing N N 17  
54W C   H6   sing N N 18  
54W C   H7   sing N N 19  
54W N   H8   sing N N 20  
54W C2  H9   sing N N 21  
54W C2  H10  sing N N 22  
54W C3  H11  sing N N 23  
54W C3  H12  sing N N 24  
54W C9  H13  sing N N 25  
ALA N   CA   sing N N 26  
ALA N   H    sing N N 27  
ALA N   H2   sing N N 28  
ALA CA  C    sing N N 29  
ALA CA  CB   sing N N 30  
ALA CA  HA   sing N N 31  
ALA C   O    doub N N 32  
ALA C   OXT  sing N N 33  
ALA CB  HB1  sing N N 34  
ALA CB  HB2  sing N N 35  
ALA CB  HB3  sing N N 36  
ALA OXT HXT  sing N N 37  
ARG N   CA   sing N N 38  
ARG N   H    sing N N 39  
ARG N   H2   sing N N 40  
ARG CA  C    sing N N 41  
ARG CA  CB   sing N N 42  
ARG CA  HA   sing N N 43  
ARG C   O    doub N N 44  
ARG C   OXT  sing N N 45  
ARG CB  CG   sing N N 46  
ARG CB  HB2  sing N N 47  
ARG CB  HB3  sing N N 48  
ARG CG  CD   sing N N 49  
ARG CG  HG2  sing N N 50  
ARG CG  HG3  sing N N 51  
ARG CD  NE   sing N N 52  
ARG CD  HD2  sing N N 53  
ARG CD  HD3  sing N N 54  
ARG NE  CZ   sing N N 55  
ARG NE  HE   sing N N 56  
ARG CZ  NH1  sing N N 57  
ARG CZ  NH2  doub N N 58  
ARG NH1 HH11 sing N N 59  
ARG NH1 HH12 sing N N 60  
ARG NH2 HH21 sing N N 61  
ARG NH2 HH22 sing N N 62  
ARG OXT HXT  sing N N 63  
ASN N   CA   sing N N 64  
ASN N   H    sing N N 65  
ASN N   H2   sing N N 66  
ASN CA  C    sing N N 67  
ASN CA  CB   sing N N 68  
ASN CA  HA   sing N N 69  
ASN C   O    doub N N 70  
ASN C   OXT  sing N N 71  
ASN CB  CG   sing N N 72  
ASN CB  HB2  sing N N 73  
ASN CB  HB3  sing N N 74  
ASN CG  OD1  doub N N 75  
ASN CG  ND2  sing N N 76  
ASN ND2 HD21 sing N N 77  
ASN ND2 HD22 sing N N 78  
ASN OXT HXT  sing N N 79  
ASP N   CA   sing N N 80  
ASP N   H    sing N N 81  
ASP N   H2   sing N N 82  
ASP CA  C    sing N N 83  
ASP CA  CB   sing N N 84  
ASP CA  HA   sing N N 85  
ASP C   O    doub N N 86  
ASP C   OXT  sing N N 87  
ASP CB  CG   sing N N 88  
ASP CB  HB2  sing N N 89  
ASP CB  HB3  sing N N 90  
ASP CG  OD1  doub N N 91  
ASP CG  OD2  sing N N 92  
ASP OD2 HD2  sing N N 93  
ASP OXT HXT  sing N N 94  
CYS N   CA   sing N N 95  
CYS N   H    sing N N 96  
CYS N   H2   sing N N 97  
CYS CA  C    sing N N 98  
CYS CA  CB   sing N N 99  
CYS CA  HA   sing N N 100 
CYS C   O    doub N N 101 
CYS C   OXT  sing N N 102 
CYS CB  SG   sing N N 103 
CYS CB  HB2  sing N N 104 
CYS CB  HB3  sing N N 105 
CYS SG  HG   sing N N 106 
CYS OXT HXT  sing N N 107 
EDO C1  O1   sing N N 108 
EDO C1  C2   sing N N 109 
EDO C1  H11  sing N N 110 
EDO C1  H12  sing N N 111 
EDO O1  HO1  sing N N 112 
EDO C2  O2   sing N N 113 
EDO C2  H21  sing N N 114 
EDO C2  H22  sing N N 115 
EDO O2  HO2  sing N N 116 
GLN N   CA   sing N N 117 
GLN N   H    sing N N 118 
GLN N   H2   sing N N 119 
GLN CA  C    sing N N 120 
GLN CA  CB   sing N N 121 
GLN CA  HA   sing N N 122 
GLN C   O    doub N N 123 
GLN C   OXT  sing N N 124 
GLN CB  CG   sing N N 125 
GLN CB  HB2  sing N N 126 
GLN CB  HB3  sing N N 127 
GLN CG  CD   sing N N 128 
GLN CG  HG2  sing N N 129 
GLN CG  HG3  sing N N 130 
GLN CD  OE1  doub N N 131 
GLN CD  NE2  sing N N 132 
GLN NE2 HE21 sing N N 133 
GLN NE2 HE22 sing N N 134 
GLN OXT HXT  sing N N 135 
GLU N   CA   sing N N 136 
GLU N   H    sing N N 137 
GLU N   H2   sing N N 138 
GLU CA  C    sing N N 139 
GLU CA  CB   sing N N 140 
GLU CA  HA   sing N N 141 
GLU C   O    doub N N 142 
GLU C   OXT  sing N N 143 
GLU CB  CG   sing N N 144 
GLU CB  HB2  sing N N 145 
GLU CB  HB3  sing N N 146 
GLU CG  CD   sing N N 147 
GLU CG  HG2  sing N N 148 
GLU CG  HG3  sing N N 149 
GLU CD  OE1  doub N N 150 
GLU CD  OE2  sing N N 151 
GLU OE2 HE2  sing N N 152 
GLU OXT HXT  sing N N 153 
GLY N   CA   sing N N 154 
GLY N   H    sing N N 155 
GLY N   H2   sing N N 156 
GLY CA  C    sing N N 157 
GLY CA  HA2  sing N N 158 
GLY CA  HA3  sing N N 159 
GLY C   O    doub N N 160 
GLY C   OXT  sing N N 161 
GLY OXT HXT  sing N N 162 
HIS N   CA   sing N N 163 
HIS N   H    sing N N 164 
HIS N   H2   sing N N 165 
HIS CA  C    sing N N 166 
HIS CA  CB   sing N N 167 
HIS CA  HA   sing N N 168 
HIS C   O    doub N N 169 
HIS C   OXT  sing N N 170 
HIS CB  CG   sing N N 171 
HIS CB  HB2  sing N N 172 
HIS CB  HB3  sing N N 173 
HIS CG  ND1  sing Y N 174 
HIS CG  CD2  doub Y N 175 
HIS ND1 CE1  doub Y N 176 
HIS ND1 HD1  sing N N 177 
HIS CD2 NE2  sing Y N 178 
HIS CD2 HD2  sing N N 179 
HIS CE1 NE2  sing Y N 180 
HIS CE1 HE1  sing N N 181 
HIS NE2 HE2  sing N N 182 
HIS OXT HXT  sing N N 183 
HOH O   H1   sing N N 184 
HOH O   H2   sing N N 185 
ILE N   CA   sing N N 186 
ILE N   H    sing N N 187 
ILE N   H2   sing N N 188 
ILE CA  C    sing N N 189 
ILE CA  CB   sing N N 190 
ILE CA  HA   sing N N 191 
ILE C   O    doub N N 192 
ILE C   OXT  sing N N 193 
ILE CB  CG1  sing N N 194 
ILE CB  CG2  sing N N 195 
ILE CB  HB   sing N N 196 
ILE CG1 CD1  sing N N 197 
ILE CG1 HG12 sing N N 198 
ILE CG1 HG13 sing N N 199 
ILE CG2 HG21 sing N N 200 
ILE CG2 HG22 sing N N 201 
ILE CG2 HG23 sing N N 202 
ILE CD1 HD11 sing N N 203 
ILE CD1 HD12 sing N N 204 
ILE CD1 HD13 sing N N 205 
ILE OXT HXT  sing N N 206 
LEU N   CA   sing N N 207 
LEU N   H    sing N N 208 
LEU N   H2   sing N N 209 
LEU CA  C    sing N N 210 
LEU CA  CB   sing N N 211 
LEU CA  HA   sing N N 212 
LEU C   O    doub N N 213 
LEU C   OXT  sing N N 214 
LEU CB  CG   sing N N 215 
LEU CB  HB2  sing N N 216 
LEU CB  HB3  sing N N 217 
LEU CG  CD1  sing N N 218 
LEU CG  CD2  sing N N 219 
LEU CG  HG   sing N N 220 
LEU CD1 HD11 sing N N 221 
LEU CD1 HD12 sing N N 222 
LEU CD1 HD13 sing N N 223 
LEU CD2 HD21 sing N N 224 
LEU CD2 HD22 sing N N 225 
LEU CD2 HD23 sing N N 226 
LEU OXT HXT  sing N N 227 
LYS N   CA   sing N N 228 
LYS N   H    sing N N 229 
LYS N   H2   sing N N 230 
LYS CA  C    sing N N 231 
LYS CA  CB   sing N N 232 
LYS CA  HA   sing N N 233 
LYS C   O    doub N N 234 
LYS C   OXT  sing N N 235 
LYS CB  CG   sing N N 236 
LYS CB  HB2  sing N N 237 
LYS CB  HB3  sing N N 238 
LYS CG  CD   sing N N 239 
LYS CG  HG2  sing N N 240 
LYS CG  HG3  sing N N 241 
LYS CD  CE   sing N N 242 
LYS CD  HD2  sing N N 243 
LYS CD  HD3  sing N N 244 
LYS CE  NZ   sing N N 245 
LYS CE  HE2  sing N N 246 
LYS CE  HE3  sing N N 247 
LYS NZ  HZ1  sing N N 248 
LYS NZ  HZ2  sing N N 249 
LYS NZ  HZ3  sing N N 250 
LYS OXT HXT  sing N N 251 
MET N   CA   sing N N 252 
MET N   H    sing N N 253 
MET N   H2   sing N N 254 
MET CA  C    sing N N 255 
MET CA  CB   sing N N 256 
MET CA  HA   sing N N 257 
MET C   O    doub N N 258 
MET C   OXT  sing N N 259 
MET CB  CG   sing N N 260 
MET CB  HB2  sing N N 261 
MET CB  HB3  sing N N 262 
MET CG  SD   sing N N 263 
MET CG  HG2  sing N N 264 
MET CG  HG3  sing N N 265 
MET SD  CE   sing N N 266 
MET CE  HE1  sing N N 267 
MET CE  HE2  sing N N 268 
MET CE  HE3  sing N N 269 
MET OXT HXT  sing N N 270 
PHE N   CA   sing N N 271 
PHE N   H    sing N N 272 
PHE N   H2   sing N N 273 
PHE CA  C    sing N N 274 
PHE CA  CB   sing N N 275 
PHE CA  HA   sing N N 276 
PHE C   O    doub N N 277 
PHE C   OXT  sing N N 278 
PHE CB  CG   sing N N 279 
PHE CB  HB2  sing N N 280 
PHE CB  HB3  sing N N 281 
PHE CG  CD1  doub Y N 282 
PHE CG  CD2  sing Y N 283 
PHE CD1 CE1  sing Y N 284 
PHE CD1 HD1  sing N N 285 
PHE CD2 CE2  doub Y N 286 
PHE CD2 HD2  sing N N 287 
PHE CE1 CZ   doub Y N 288 
PHE CE1 HE1  sing N N 289 
PHE CE2 CZ   sing Y N 290 
PHE CE2 HE2  sing N N 291 
PHE CZ  HZ   sing N N 292 
PHE OXT HXT  sing N N 293 
PRO N   CA   sing N N 294 
PRO N   CD   sing N N 295 
PRO N   H    sing N N 296 
PRO CA  C    sing N N 297 
PRO CA  CB   sing N N 298 
PRO CA  HA   sing N N 299 
PRO C   O    doub N N 300 
PRO C   OXT  sing N N 301 
PRO CB  CG   sing N N 302 
PRO CB  HB2  sing N N 303 
PRO CB  HB3  sing N N 304 
PRO CG  CD   sing N N 305 
PRO CG  HG2  sing N N 306 
PRO CG  HG3  sing N N 307 
PRO CD  HD2  sing N N 308 
PRO CD  HD3  sing N N 309 
PRO OXT HXT  sing N N 310 
SER N   CA   sing N N 311 
SER N   H    sing N N 312 
SER N   H2   sing N N 313 
SER CA  C    sing N N 314 
SER CA  CB   sing N N 315 
SER CA  HA   sing N N 316 
SER C   O    doub N N 317 
SER C   OXT  sing N N 318 
SER CB  OG   sing N N 319 
SER CB  HB2  sing N N 320 
SER CB  HB3  sing N N 321 
SER OG  HG   sing N N 322 
SER OXT HXT  sing N N 323 
THR N   CA   sing N N 324 
THR N   H    sing N N 325 
THR N   H2   sing N N 326 
THR CA  C    sing N N 327 
THR CA  CB   sing N N 328 
THR CA  HA   sing N N 329 
THR C   O    doub N N 330 
THR C   OXT  sing N N 331 
THR CB  OG1  sing N N 332 
THR CB  CG2  sing N N 333 
THR CB  HB   sing N N 334 
THR OG1 HG1  sing N N 335 
THR CG2 HG21 sing N N 336 
THR CG2 HG22 sing N N 337 
THR CG2 HG23 sing N N 338 
THR OXT HXT  sing N N 339 
TRP N   CA   sing N N 340 
TRP N   H    sing N N 341 
TRP N   H2   sing N N 342 
TRP CA  C    sing N N 343 
TRP CA  CB   sing N N 344 
TRP CA  HA   sing N N 345 
TRP C   O    doub N N 346 
TRP C   OXT  sing N N 347 
TRP CB  CG   sing N N 348 
TRP CB  HB2  sing N N 349 
TRP CB  HB3  sing N N 350 
TRP CG  CD1  doub Y N 351 
TRP CG  CD2  sing Y N 352 
TRP CD1 NE1  sing Y N 353 
TRP CD1 HD1  sing N N 354 
TRP CD2 CE2  doub Y N 355 
TRP CD2 CE3  sing Y N 356 
TRP NE1 CE2  sing Y N 357 
TRP NE1 HE1  sing N N 358 
TRP CE2 CZ2  sing Y N 359 
TRP CE3 CZ3  doub Y N 360 
TRP CE3 HE3  sing N N 361 
TRP CZ2 CH2  doub Y N 362 
TRP CZ2 HZ2  sing N N 363 
TRP CZ3 CH2  sing Y N 364 
TRP CZ3 HZ3  sing N N 365 
TRP CH2 HH2  sing N N 366 
TRP OXT HXT  sing N N 367 
TYR N   CA   sing N N 368 
TYR N   H    sing N N 369 
TYR N   H2   sing N N 370 
TYR CA  C    sing N N 371 
TYR CA  CB   sing N N 372 
TYR CA  HA   sing N N 373 
TYR C   O    doub N N 374 
TYR C   OXT  sing N N 375 
TYR CB  CG   sing N N 376 
TYR CB  HB2  sing N N 377 
TYR CB  HB3  sing N N 378 
TYR CG  CD1  doub Y N 379 
TYR CG  CD2  sing Y N 380 
TYR CD1 CE1  sing Y N 381 
TYR CD1 HD1  sing N N 382 
TYR CD2 CE2  doub Y N 383 
TYR CD2 HD2  sing N N 384 
TYR CE1 CZ   doub Y N 385 
TYR CE1 HE1  sing N N 386 
TYR CE2 CZ   sing Y N 387 
TYR CE2 HE2  sing N N 388 
TYR CZ  OH   sing N N 389 
TYR OH  HH   sing N N 390 
TYR OXT HXT  sing N N 391 
VAL N   CA   sing N N 392 
VAL N   H    sing N N 393 
VAL N   H2   sing N N 394 
VAL CA  C    sing N N 395 
VAL CA  CB   sing N N 396 
VAL CA  HA   sing N N 397 
VAL C   O    doub N N 398 
VAL C   OXT  sing N N 399 
VAL CB  CG1  sing N N 400 
VAL CB  CG2  sing N N 401 
VAL CB  HB   sing N N 402 
VAL CG1 HG11 sing N N 403 
VAL CG1 HG12 sing N N 404 
VAL CG1 HG13 sing N N 405 
VAL CG2 HG21 sing N N 406 
VAL CG2 HG22 sing N N 407 
VAL CG2 HG23 sing N N 408 
VAL OXT HXT  sing N N 409 
# 
_atom_sites.entry_id                    5CUC 
_atom_sites.fract_transf_matrix[1][1]   0.00973932 
_atom_sites.fract_transf_matrix[1][2]   0.00606784 
_atom_sites.fract_transf_matrix[1][3]   0.00251844 
_atom_sites.fract_transf_matrix[2][1]   0.00186375 
_atom_sites.fract_transf_matrix[2][2]   0.00118576 
_atom_sites.fract_transf_matrix[2][3]   -0.01006443 
_atom_sites.fract_transf_matrix[3][1]   -0.00912484 
_atom_sites.fract_transf_matrix[3][2]   0.01463187 
_atom_sites.fract_transf_matrix[3][3]   0.00003413 
_atom_sites.fract_transf_vector[1]      0.281229 
_atom_sites.fract_transf_vector[2]      0.294383 
_atom_sites.fract_transf_vector[3]      0.460485 
# 
loop_
_atom_type.symbol 
C 
N 
O 
S 
# 
loop_
_atom_site.group_PDB 
_atom_site.id 
_atom_site.type_symbol 
_atom_site.label_atom_id 
_atom_site.label_alt_id 
_atom_site.label_comp_id 
_atom_site.label_asym_id 
_atom_site.label_entity_id 
_atom_site.label_seq_id 
_atom_site.pdbx_PDB_ins_code 
_atom_site.Cartn_x 
_atom_site.Cartn_y 
_atom_site.Cartn_z 
_atom_site.occupancy 
_atom_site.B_iso_or_equiv 
_atom_site.pdbx_formal_charge 
_atom_site.auth_seq_id 
_atom_site.auth_comp_id 
_atom_site.auth_asym_id 
_atom_site.auth_atom_id 
_atom_site.pdbx_PDB_model_num 
ATOM   1    N N   . SER A 1 1   ? 28.092  6.186   14.149  1.00 39.29 ? 1856 SER A N   1 
ATOM   2    C CA  . SER A 1 1   ? 29.334  5.519   13.791  1.00 39.20 ? 1856 SER A CA  1 
ATOM   3    C C   . SER A 1 1   ? 29.640  4.383   14.764  1.00 42.50 ? 1856 SER A C   1 
ATOM   4    O O   . SER A 1 1   ? 28.814  4.059   15.630  1.00 40.33 ? 1856 SER A O   1 
ATOM   5    C CB  . SER A 1 1   ? 30.487  6.521   13.769  1.00 35.09 ? 1856 SER A CB  1 
ATOM   6    O OG  . SER A 1 1   ? 30.893  6.845   15.084  1.00 35.12 ? 1856 SER A OG  1 
ATOM   7    N N   . MET A 1 2   ? 30.826  3.790   14.632  1.00 37.62 ? 1857 MET A N   1 
ATOM   8    C CA  . MET A 1 2   ? 31.201  2.637   15.441  1.00 34.87 ? 1857 MET A CA  1 
ATOM   9    C C   . MET A 1 2   ? 31.021  2.935   16.915  1.00 38.90 ? 1857 MET A C   1 
ATOM   10   O O   . MET A 1 2   ? 31.630  3.868   17.437  1.00 37.27 ? 1857 MET A O   1 
ATOM   11   C CB  . MET A 1 2   ? 32.648  2.210   15.174  1.00 38.52 ? 1857 MET A CB  1 
ATOM   12   C CG  . MET A 1 2   ? 32.890  0.748   15.514  1.00 31.22 ? 1857 MET A CG  1 
ATOM   13   S SD  . MET A 1 2   ? 34.585  0.149   15.388  1.00 31.93 ? 1857 MET A SD  1 
ATOM   14   C CE  . MET A 1 2   ? 35.175  0.989   13.924  1.00 33.08 ? 1857 MET A CE  1 
ATOM   15   N N   . SER A 1 3   ? 30.166  2.140   17.563  1.00 42.25 ? 1858 SER A N   1 
ATOM   16   C CA  . SER A 1 3   ? 29.851  2.271   18.991  1.00 41.48 ? 1858 SER A CA  1 
ATOM   17   C C   . SER A 1 3   ? 29.198  3.615   19.363  1.00 31.65 ? 1858 SER A C   1 
ATOM   18   O O   . SER A 1 3   ? 29.281  4.057   20.505  1.00 42.12 ? 1858 SER A O   1 
ATOM   19   C CB  . SER A 1 3   ? 31.109  2.063   19.833  1.00 34.86 ? 1858 SER A CB  1 
ATOM   20   O OG  . SER A 1 3   ? 31.693  0.803   19.543  1.00 38.29 ? 1858 SER A OG  1 
ATOM   21   N N   . VAL A 1 4   ? 28.558  4.252   18.394  1.00 37.18 ? 1859 VAL A N   1 
ATOM   22   C CA  . VAL A 1 4   ? 27.855  5.506   18.648  1.00 39.96 ? 1859 VAL A CA  1 
ATOM   23   C C   . VAL A 1 4   ? 26.513  5.438   17.963  1.00 33.16 ? 1859 VAL A C   1 
ATOM   24   O O   . VAL A 1 4   ? 26.405  5.614   16.748  1.00 39.98 ? 1859 VAL A O   1 
ATOM   25   C CB  . VAL A 1 4   ? 28.652  6.740   18.161  1.00 36.92 ? 1859 VAL A CB  1 
ATOM   26   C CG1 . VAL A 1 4   ? 27.850  8.036   18.398  1.00 29.55 ? 1859 VAL A CG1 1 
ATOM   27   C CG2 . VAL A 1 4   ? 29.964  6.811   18.891  1.00 36.70 ? 1859 VAL A CG2 1 
ATOM   28   N N   . LYS A 1 5   ? 25.482  5.175   18.761  1.00 40.81 ? 1860 LYS A N   1 
ATOM   29   C CA  . LYS A 1 5   ? 24.158  4.859   18.240  1.00 42.73 ? 1860 LYS A CA  1 
ATOM   30   C C   . LYS A 1 5   ? 23.117  5.852   18.712  1.00 35.66 ? 1860 LYS A C   1 
ATOM   31   O O   . LYS A 1 5   ? 23.042  6.130   19.905  1.00 39.65 ? 1860 LYS A O   1 
ATOM   32   C CB  . LYS A 1 5   ? 23.733  3.455   18.689  1.00 49.76 ? 1860 LYS A CB  1 
ATOM   33   C CG  . LYS A 1 5   ? 24.766  2.358   18.484  1.00 56.71 ? 1860 LYS A CG  1 
ATOM   34   C CD  . LYS A 1 5   ? 24.780  1.879   17.045  1.00 58.88 ? 1860 LYS A CD  1 
ATOM   35   C CE  . LYS A 1 5   ? 26.047  2.306   16.331  1.00 49.39 ? 1860 LYS A CE  1 
ATOM   36   N NZ  . LYS A 1 5   ? 25.745  2.594   14.907  1.00 51.07 ? 1860 LYS A NZ  1 
ATOM   37   N N   . LYS A 1 6   ? 22.333  6.385   17.777  1.00 37.93 ? 1861 LYS A N   1 
ATOM   38   C CA  . LYS A 1 6   ? 21.085  7.074   18.104  1.00 50.88 ? 1861 LYS A CA  1 
ATOM   39   C C   . LYS A 1 6   ? 20.226  6.190   18.980  1.00 51.21 ? 1861 LYS A C   1 
ATOM   40   O O   . LYS A 1 6   ? 20.263  4.967   18.840  1.00 53.22 ? 1861 LYS A O   1 
ATOM   41   C CB  . LYS A 1 6   ? 20.286  7.413   16.848  1.00 51.75 ? 1861 LYS A CB  1 
ATOM   42   C CG  . LYS A 1 6   ? 20.712  8.642   16.091  1.00 47.89 ? 1861 LYS A CG  1 
ATOM   43   C CD  . LYS A 1 6   ? 19.478  9.357   15.557  1.00 50.90 ? 1861 LYS A CD  1 
ATOM   44   C CE  . LYS A 1 6   ? 19.801  10.204  14.339  1.00 48.78 ? 1861 LYS A CE  1 
ATOM   45   N NZ  . LYS A 1 6   ? 20.501  9.405   13.291  1.00 50.32 ? 1861 LYS A NZ  1 
ATOM   46   N N   . PRO A 1 7   ? 19.435  6.799   19.872  1.00 54.80 ? 1862 PRO A N   1 
ATOM   47   C CA  . PRO A 1 7   ? 18.455  6.029   20.647  1.00 53.69 ? 1862 PRO A CA  1 
ATOM   48   C C   . PRO A 1 7   ? 17.549  5.196   19.738  1.00 60.08 ? 1862 PRO A C   1 
ATOM   49   O O   . PRO A 1 7   ? 17.205  5.640   18.633  1.00 53.69 ? 1862 PRO A O   1 
ATOM   50   C CB  . PRO A 1 7   ? 17.666  7.110   21.384  1.00 57.23 ? 1862 PRO A CB  1 
ATOM   51   C CG  . PRO A 1 7   ? 18.650  8.233   21.537  1.00 57.68 ? 1862 PRO A CG  1 
ATOM   52   C CD  . PRO A 1 7   ? 19.487  8.212   20.287  1.00 48.91 ? 1862 PRO A CD  1 
ATOM   53   N N   . LYS A 1 8   ? 17.190  4.000   20.201  1.00 57.00 ? 1863 LYS A N   1 
ATOM   54   C CA  . LYS A 1 8   ? 16.445  3.034   19.391  1.00 69.87 ? 1863 LYS A CA  1 
ATOM   55   C C   . LYS A 1 8   ? 14.923  3.255   19.406  1.00 56.25 ? 1863 LYS A C   1 
ATOM   56   O O   . LYS A 1 8   ? 14.259  2.953   20.398  1.00 59.94 ? 1863 LYS A O   1 
ATOM   57   C CB  . LYS A 1 8   ? 16.763  1.605   19.861  1.00 62.42 ? 1863 LYS A CB  1 
ATOM   58   N N   . ARG A 1 9   ? 14.382  3.781   18.308  1.00 52.00 ? 1864 ARG A N   1 
ATOM   59   C CA  . ARG A 1 9   ? 12.932  3.838   18.121  1.00 59.40 ? 1864 ARG A CA  1 
ATOM   60   C C   . ARG A 1 9   ? 12.317  2.438   18.254  1.00 52.41 ? 1864 ARG A C   1 
ATOM   61   O O   . ARG A 1 9   ? 12.816  1.477   17.670  1.00 50.74 ? 1864 ARG A O   1 
ATOM   62   C CB  . ARG A 1 9   ? 12.570  4.432   16.758  1.00 56.87 ? 1864 ARG A CB  1 
ATOM   63   C CG  . ARG A 1 9   ? 11.075  4.387   16.491  1.00 49.03 ? 1864 ARG A CG  1 
ATOM   64   C CD  . ARG A 1 9   ? 10.683  4.474   15.010  1.00 46.89 ? 1864 ARG A CD  1 
ATOM   65   N NE  . ARG A 1 9   ? 9.254   4.174   14.877  1.00 49.23 ? 1864 ARG A NE  1 
ATOM   66   C CZ  . ARG A 1 9   ? 8.741   3.004   14.490  1.00 43.65 ? 1864 ARG A CZ  1 
ATOM   67   N NH1 . ARG A 1 9   ? 9.517   2.001   14.103  1.00 37.91 ? 1864 ARG A NH1 1 
ATOM   68   N NH2 . ARG A 1 9   ? 7.430   2.849   14.455  1.00 44.18 ? 1864 ARG A NH2 1 
ATOM   69   N N   . ASP A 1 10  ? 11.248  2.326   19.034  1.00 50.74 ? 1865 ASP A N   1 
ATOM   70   C CA  . ASP A 1 10  ? 10.618  1.035   19.289  1.00 51.89 ? 1865 ASP A CA  1 
ATOM   71   C C   . ASP A 1 10  ? 9.803   0.543   18.084  1.00 45.80 ? 1865 ASP A C   1 
ATOM   72   O O   . ASP A 1 10  ? 8.782   1.137   17.730  1.00 42.87 ? 1865 ASP A O   1 
ATOM   73   C CB  . ASP A 1 10  ? 9.729   1.131   20.524  1.00 50.11 ? 1865 ASP A CB  1 
ATOM   74   C CG  . ASP A 1 10  ? 9.107   -0.191  20.897  1.00 52.58 ? 1865 ASP A CG  1 
ATOM   75   O OD1 . ASP A 1 10  ? 9.599   -1.243  20.436  1.00 54.48 ? 1865 ASP A OD1 1 
ATOM   76   O OD2 . ASP A 1 10  ? 8.111   -0.174  21.648  1.00 60.94 ? 1865 ASP A OD2 1 
ATOM   77   N N   . ASP A 1 11  ? 10.255  -0.545  17.461  1.00 45.67 ? 1866 ASP A N   1 
ATOM   78   C CA  . ASP A 1 11  ? 9.605   -1.054  16.250  1.00 40.15 ? 1866 ASP A CA  1 
ATOM   79   C C   . ASP A 1 11  ? 8.910   -2.399  16.474  1.00 47.15 ? 1866 ASP A C   1 
ATOM   80   O O   . ASP A 1 11  ? 8.434   -3.030  15.524  1.00 38.52 ? 1866 ASP A O   1 
ATOM   81   C CB  . ASP A 1 11  ? 10.627  -1.174  15.113  1.00 37.03 ? 1866 ASP A CB  1 
ATOM   82   C CG  . ASP A 1 11  ? 11.701  -2.217  15.392  1.00 38.75 ? 1866 ASP A CG  1 
ATOM   83   O OD1 . ASP A 1 11  ? 11.783  -2.723  16.527  1.00 50.06 ? 1866 ASP A OD1 1 
ATOM   84   O OD2 . ASP A 1 11  ? 12.479  -2.526  14.472  1.00 46.33 ? 1866 ASP A OD2 1 
ATOM   85   N N   . SER A 1 12  ? 8.845   -2.827  17.732  1.00 39.93 ? 1867 SER A N   1 
ATOM   86   C CA  . SER A 1 12  ? 8.358   -4.164  18.063  1.00 42.95 ? 1867 SER A CA  1 
ATOM   87   C C   . SER A 1 12  ? 6.874   -4.371  17.734  1.00 36.88 ? 1867 SER A C   1 
ATOM   88   O O   . SER A 1 12  ? 6.433   -5.503  17.561  1.00 40.90 ? 1867 SER A O   1 
ATOM   89   C CB  . SER A 1 12  ? 8.599   -4.458  19.551  1.00 46.93 ? 1867 SER A CB  1 
ATOM   90   O OG  . SER A 1 12  ? 7.953   -3.498  20.374  1.00 45.55 ? 1867 SER A OG  1 
ATOM   91   N N   . LYS A 1 13  ? 6.118   -3.278  17.670  1.00 35.53 ? 1868 LYS A N   1 
ATOM   92   C CA  . LYS A 1 13  ? 4.683   -3.324  17.393  1.00 39.85 ? 1868 LYS A CA  1 
ATOM   93   C C   . LYS A 1 13  ? 4.332   -3.016  15.933  1.00 34.49 ? 1868 LYS A C   1 
ATOM   94   O O   . LYS A 1 13  ? 3.158   -2.979  15.565  1.00 33.26 ? 1868 LYS A O   1 
ATOM   95   C CB  . LYS A 1 13  ? 3.943   -2.335  18.294  1.00 37.26 ? 1868 LYS A CB  1 
ATOM   96   C CG  . LYS A 1 13  ? 3.933   -2.718  19.769  1.00 39.05 ? 1868 LYS A CG  1 
ATOM   97   C CD  . LYS A 1 13  ? 3.058   -1.763  20.557  1.00 42.54 ? 1868 LYS A CD  1 
ATOM   98   N N   . ASP A 1 14  ? 5.345   -2.794  15.109  1.00 29.22 ? 1869 ASP A N   1 
ATOM   99   C CA  . ASP A 1 14  ? 5.121   -2.328  13.737  1.00 31.85 ? 1869 ASP A CA  1 
ATOM   100  C C   . ASP A 1 14  ? 4.314   -3.322  12.897  1.00 28.07 ? 1869 ASP A C   1 
ATOM   101  O O   . ASP A 1 14  ? 3.427   -2.925  12.132  1.00 32.61 ? 1869 ASP A O   1 
ATOM   102  C CB  . ASP A 1 14  ? 6.456   -2.042  13.052  1.00 29.82 ? 1869 ASP A CB  1 
ATOM   103  C CG  . ASP A 1 14  ? 7.084   -0.724  13.505  1.00 32.04 ? 1869 ASP A CG  1 
ATOM   104  O OD1 . ASP A 1 14  ? 6.563   -0.088  14.442  1.00 29.83 ? 1869 ASP A OD1 1 
ATOM   105  O OD2 . ASP A 1 14  ? 8.103   -0.332  12.909  1.00 30.46 ? 1869 ASP A OD2 1 
ATOM   106  N N   . LEU A 1 15  ? 4.629   -4.610  13.024  1.00 30.58 ? 1870 LEU A N   1 
ATOM   107  C CA  . LEU A 1 15  ? 3.956   -5.637  12.220  1.00 35.61 ? 1870 LEU A CA  1 
ATOM   108  C C   . LEU A 1 15  ? 2.461   -5.643  12.519  1.00 37.02 ? 1870 LEU A C   1 
ATOM   109  O O   . LEU A 1 15  ? 1.636   -5.690  11.602  1.00 33.25 ? 1870 LEU A O   1 
ATOM   110  C CB  . LEU A 1 15  ? 4.568   -7.020  12.468  1.00 36.10 ? 1870 LEU A CB  1 
ATOM   111  C CG  . LEU A 1 15  ? 4.088   -8.229  11.641  1.00 41.76 ? 1870 LEU A CG  1 
ATOM   112  C CD1 . LEU A 1 15  ? 4.138   -7.969  10.137  1.00 34.84 ? 1870 LEU A CD1 1 
ATOM   113  C CD2 . LEU A 1 15  ? 4.895   -9.499  11.992  1.00 39.18 ? 1870 LEU A CD2 1 
ATOM   114  N N   . ALA A 1 16  ? 2.109   -5.562  13.800  1.00 34.71 ? 1871 ALA A N   1 
ATOM   115  C CA  . ALA A 1 16  ? 0.710   -5.545  14.200  1.00 32.36 ? 1871 ALA A CA  1 
ATOM   116  C C   . ALA A 1 16  ? -0.007  -4.277  13.755  1.00 36.02 ? 1871 ALA A C   1 
ATOM   117  O O   . ALA A 1 16  ? -1.170  -4.322  13.346  1.00 36.08 ? 1871 ALA A O   1 
ATOM   118  C CB  . ALA A 1 16  ? 0.588   -5.715  15.723  1.00 36.79 ? 1871 ALA A CB  1 
ATOM   119  N N   . LEU A 1 17  ? 0.673   -3.140  13.844  1.00 33.02 ? 1872 LEU A N   1 
ATOM   120  C CA  . LEU A 1 17  ? 0.062   -1.868  13.490  1.00 27.64 ? 1872 LEU A CA  1 
ATOM   121  C C   . LEU A 1 17  ? -0.166  -1.744  11.983  1.00 34.20 ? 1872 LEU A C   1 
ATOM   122  O O   . LEU A 1 17  ? -1.167  -1.179  11.537  1.00 29.64 ? 1872 LEU A O   1 
ATOM   123  C CB  . LEU A 1 17  ? 0.929   -0.711  13.975  1.00 32.48 ? 1872 LEU A CB  1 
ATOM   124  C CG  . LEU A 1 17  ? 0.910   -0.494  15.493  1.00 34.96 ? 1872 LEU A CG  1 
ATOM   125  C CD1 . LEU A 1 17  ? 2.032   0.455   15.916  1.00 36.38 ? 1872 LEU A CD1 1 
ATOM   126  C CD2 . LEU A 1 17  ? -0.447  0.059   15.902  1.00 37.29 ? 1872 LEU A CD2 1 
ATOM   127  N N   . CYS A 1 18  ? 0.782   -2.250  11.207  1.00 30.34 ? 1873 CYS A N   1 
ATOM   128  C CA  . CYS A 1 18  ? 0.639   -2.260  9.750   1.00 28.18 ? 1873 CYS A CA  1 
ATOM   129  C C   . CYS A 1 18  ? -0.516  -3.164  9.328   1.00 28.67 ? 1873 CYS A C   1 
ATOM   130  O O   . CYS A 1 18  ? -1.311  -2.809  8.467   1.00 28.38 ? 1873 CYS A O   1 
ATOM   131  C CB  . CYS A 1 18  ? 1.929   -2.713  9.082   1.00 26.73 ? 1873 CYS A CB  1 
ATOM   132  S SG  . CYS A 1 18  ? 3.224   -1.412  9.049   1.00 27.62 ? 1873 CYS A SG  1 
ATOM   133  N N   . SER A 1 19  ? -0.600  -4.337  9.949   1.00 30.75 ? 1874 SER A N   1 
ATOM   134  C CA  . SER A 1 19  ? -1.717  -5.243  9.719   1.00 32.04 ? 1874 SER A CA  1 
ATOM   135  C C   . SER A 1 19  ? -3.054  -4.561  10.000  1.00 33.23 ? 1874 SER A C   1 
ATOM   136  O O   . SER A 1 19  ? -4.031  -4.744  9.267   1.00 32.49 ? 1874 SER A O   1 
ATOM   137  C CB  . SER A 1 19  ? -1.563  -6.495  10.579  1.00 30.35 ? 1874 SER A CB  1 
ATOM   138  O OG  . SER A 1 19  ? -2.645  -7.391  10.366  1.00 43.36 ? 1874 SER A OG  1 
ATOM   139  N N   . MET A 1 20  ? -3.109  -3.774  11.062  1.00 34.30 ? 1875 MET A N   1 
ATOM   140  C CA  . MET A 1 20  ? -4.335  -3.060  11.389  1.00 33.10 ? 1875 MET A CA  1 
ATOM   141  C C   . MET A 1 20  ? -4.698  -2.023  10.340  1.00 35.02 ? 1875 MET A C   1 
ATOM   142  O O   . MET A 1 20  ? -5.859  -1.903  9.954   1.00 33.70 ? 1875 MET A O   1 
ATOM   143  C CB  . MET A 1 20  ? -4.221  -2.378  12.749  1.00 34.72 ? 1875 MET A CB  1 
ATOM   144  C CG  . MET A 1 20  ? -4.254  -3.316  13.931  1.00 52.65 ? 1875 MET A CG  1 
ATOM   145  S SD  . MET A 1 20  ? -4.468  -2.382  15.455  1.00 79.95 ? 1875 MET A SD  1 
ATOM   146  C CE  . MET A 1 20  ? -6.063  -1.623  15.145  1.00 57.72 ? 1875 MET A CE  1 
ATOM   147  N N   . ILE A 1 21  ? -3.709  -1.262  9.896   1.00 32.03 ? 1876 ILE A N   1 
ATOM   148  C CA  . ILE A 1 21  ? -3.934  -0.278  8.838   1.00 27.97 ? 1876 ILE A CA  1 
ATOM   149  C C   . ILE A 1 21  ? -4.431  -0.950  7.551   1.00 25.25 ? 1876 ILE A C   1 
ATOM   150  O O   . ILE A 1 21  ? -5.356  -0.447  6.897   1.00 25.93 ? 1876 ILE A O   1 
ATOM   151  C CB  . ILE A 1 21  ? -2.661  0.522   8.537   1.00 24.48 ? 1876 ILE A CB  1 
ATOM   152  C CG1 . ILE A 1 21  ? -2.324  1.405   9.742   1.00 29.99 ? 1876 ILE A CG1 1 
ATOM   153  C CG2 . ILE A 1 21  ? -2.858  1.411   7.312   1.00 26.84 ? 1876 ILE A CG2 1 
ATOM   154  C CD1 . ILE A 1 21  ? -1.039  2.173   9.593   1.00 32.45 ? 1876 ILE A CD1 1 
ATOM   155  N N   . LEU A 1 22  ? -3.811  -2.073  7.210   1.00 23.99 ? 1877 LEU A N   1 
ATOM   156  C CA  . LEU A 1 22  ? -4.177  -2.814  6.008   1.00 26.31 ? 1877 LEU A CA  1 
ATOM   157  C C   . LEU A 1 22  ? -5.618  -3.282  6.123   1.00 30.79 ? 1877 LEU A C   1 
ATOM   158  O O   . LEU A 1 22  ? -6.371  -3.212  5.170   1.00 25.70 ? 1877 LEU A O   1 
ATOM   159  C CB  . LEU A 1 22  ? -3.240  -3.991  5.774   1.00 27.18 ? 1877 LEU A CB  1 
ATOM   160  C CG  . LEU A 1 22  ? -3.429  -4.749  4.464   1.00 25.10 ? 1877 LEU A CG  1 
ATOM   161  C CD1 . LEU A 1 22  ? -3.408  -3.787  3.269   1.00 22.20 ? 1877 LEU A CD1 1 
ATOM   162  C CD2 . LEU A 1 22  ? -2.370  -5.827  4.301   1.00 26.44 ? 1877 LEU A CD2 1 
ATOM   163  N N   . THR A 1 23  ? -6.008  -3.729  7.315   1.00 26.69 ? 1878 THR A N   1 
ATOM   164  C CA  . THR A 1 23  ? -7.378  -4.185  7.514   1.00 25.96 ? 1878 THR A CA  1 
ATOM   165  C C   . THR A 1 23  ? -8.374  -3.061  7.293   1.00 27.30 ? 1878 THR A C   1 
ATOM   166  O O   . THR A 1 23  ? -9.431  -3.263  6.705   1.00 33.63 ? 1878 THR A O   1 
ATOM   167  C CB  . THR A 1 23  ? -7.547  -4.795  8.926   1.00 26.36 ? 1878 THR A CB  1 
ATOM   168  O OG1 . THR A 1 23  ? -6.801  -6.014  8.984   1.00 31.64 ? 1878 THR A OG1 1 
ATOM   169  C CG2 . THR A 1 23  ? -9.018  -5.076  9.236   1.00 37.44 ? 1878 THR A CG2 1 
ATOM   170  N N   . GLU A 1 24  ? -8.037  -1.867  7.745   1.00 28.39 ? 1879 GLU A N   1 
ATOM   171  C CA  . GLU A 1 24  ? -8.923  -0.737  7.565   1.00 31.48 ? 1879 GLU A CA  1 
ATOM   172  C C   . GLU A 1 24  ? -9.015  -0.332  6.096   1.00 34.49 ? 1879 GLU A C   1 
ATOM   173  O O   . GLU A 1 24  ? -10.055 0.117   5.638   1.00 31.03 ? 1879 GLU A O   1 
ATOM   174  C CB  . GLU A 1 24  ? -8.458  0.429   8.427   1.00 39.01 ? 1879 GLU A CB  1 
ATOM   175  C CG  . GLU A 1 24  ? -8.667  0.132   9.907   1.00 41.87 ? 1879 GLU A CG  1 
ATOM   176  C CD  . GLU A 1 24  ? -7.885  1.040   10.832  1.00 52.55 ? 1879 GLU A CD  1 
ATOM   177  O OE1 . GLU A 1 24  ? -7.260  2.007   10.349  1.00 50.32 ? 1879 GLU A OE1 1 
ATOM   178  O OE2 . GLU A 1 24  ? -7.908  0.777   12.056  1.00 58.80 ? 1879 GLU A OE2 1 
ATOM   179  N N   . MET A 1 25  ? -7.935  -0.493  5.347   1.00 30.32 ? 1880 MET A N   1 
ATOM   180  C CA  . MET A 1 25  ? -8.016  -0.150  3.934   1.00 27.86 ? 1880 MET A CA  1 
ATOM   181  C C   . MET A 1 25  ? -8.795  -1.238  3.177   1.00 25.79 ? 1880 MET A C   1 
ATOM   182  O O   . MET A 1 25  ? -9.570  -0.928  2.273   1.00 30.69 ? 1880 MET A O   1 
ATOM   183  C CB  . MET A 1 25  ? -6.620  0.075   3.359   1.00 27.70 ? 1880 MET A CB  1 
ATOM   184  C CG  . MET A 1 25  ? -6.079  1.501   3.726   1.00 29.41 ? 1880 MET A CG  1 
ATOM   185  S SD  . MET A 1 25  ? -4.739  1.859   2.637   1.00 51.11 ? 1880 MET A SD  1 
ATOM   186  C CE  . MET A 1 25  ? -3.667  0.503   3.120   1.00 46.08 ? 1880 MET A CE  1 
ATOM   187  N N   . GLU A 1 26  ? -8.628  -2.491  3.581   1.00 25.94 ? 1881 GLU A N   1 
ATOM   188  C CA  . GLU A 1 26  ? -9.358  -3.604  2.967   1.00 27.14 ? 1881 GLU A CA  1 
ATOM   189  C C   . GLU A 1 26  ? -10.882 -3.468  3.129   1.00 34.59 ? 1881 GLU A C   1 
ATOM   190  O O   . GLU A 1 26  ? -11.646 -3.915  2.268   1.00 32.83 ? 1881 GLU A O   1 
ATOM   191  C CB  . GLU A 1 26  ? -8.884  -4.933  3.560   1.00 29.30 ? 1881 GLU A CB  1 
ATOM   192  C CG  . GLU A 1 26  ? -7.517  -5.388  3.049   1.00 29.97 ? 1881 GLU A CG  1 
ATOM   193  C CD  . GLU A 1 26  ? -6.935  -6.532  3.860   1.00 38.12 ? 1881 GLU A CD  1 
ATOM   194  O OE1 . GLU A 1 26  ? -7.365  -6.722  5.015   1.00 38.08 ? 1881 GLU A OE1 1 
ATOM   195  O OE2 . GLU A 1 26  ? -6.050  -7.243  3.339   1.00 36.39 ? 1881 GLU A OE2 1 
ATOM   196  N N   . THR A 1 27  ? -11.321 -2.851  4.225   1.00 30.96 ? 1882 THR A N   1 
ATOM   197  C CA  . THR A 1 27  ? -12.750 -2.748  4.515   1.00 33.72 ? 1882 THR A CA  1 
ATOM   198  C C   . THR A 1 27  ? -13.361 -1.397  4.116   1.00 32.70 ? 1882 THR A C   1 
ATOM   199  O O   . THR A 1 27  ? -14.545 -1.161  4.313   1.00 39.24 ? 1882 THR A O   1 
ATOM   200  C CB  . THR A 1 27  ? -13.021 -3.010  6.024   1.00 30.79 ? 1882 THR A CB  1 
ATOM   201  O OG1 . THR A 1 27  ? -12.406 -1.982  6.798   1.00 39.77 ? 1882 THR A OG1 1 
ATOM   202  C CG2 . THR A 1 27  ? -12.430 -4.340  6.436   1.00 35.06 ? 1882 THR A CG2 1 
ATOM   203  N N   . HIS A 1 28  ? -12.565 -0.508  3.545   1.00 28.47 ? 1883 HIS A N   1 
ATOM   204  C CA  . HIS A 1 28  ? -13.077 0.772   3.072   1.00 30.60 ? 1883 HIS A CA  1 
ATOM   205  C C   . HIS A 1 28  ? -14.008 0.503   1.873   1.00 32.95 ? 1883 HIS A C   1 
ATOM   206  O O   . HIS A 1 28  ? -13.732 -0.385  1.072   1.00 33.28 ? 1883 HIS A O   1 
ATOM   207  C CB  . HIS A 1 28  ? -11.901 1.678   2.703   1.00 31.04 ? 1883 HIS A CB  1 
ATOM   208  C CG  . HIS A 1 28  ? -12.272 3.094   2.392   1.00 35.10 ? 1883 HIS A CG  1 
ATOM   209  N ND1 . HIS A 1 28  ? -13.124 3.440   1.366   1.00 34.04 ? 1883 HIS A ND1 1 
ATOM   210  C CD2 . HIS A 1 28  ? -11.860 4.263   2.945   1.00 33.72 ? 1883 HIS A CD2 1 
ATOM   211  C CE1 . HIS A 1 28  ? -13.225 4.756   1.301   1.00 37.24 ? 1883 HIS A CE1 1 
ATOM   212  N NE2 . HIS A 1 28  ? -12.471 5.278   2.252   1.00 36.72 ? 1883 HIS A NE2 1 
ATOM   213  N N   . GLU A 1 29  ? -15.118 1.222   1.752   1.00 34.89 ? 1884 GLU A N   1 
ATOM   214  C CA  . GLU A 1 29  ? -16.037 0.907   0.652   1.00 35.45 ? 1884 GLU A CA  1 
ATOM   215  C C   . GLU A 1 29  ? -15.437 1.240   -0.729  1.00 37.96 ? 1884 GLU A C   1 
ATOM   216  O O   . GLU A 1 29  ? -15.904 0.718   -1.742  1.00 37.83 ? 1884 GLU A O   1 
ATOM   217  C CB  . GLU A 1 29  ? -17.393 1.614   0.839   1.00 37.02 ? 1884 GLU A CB  1 
ATOM   218  C CG  . GLU A 1 29  ? -17.437 3.088   0.464   1.00 43.82 ? 1884 GLU A CG  1 
ATOM   219  C CD  . GLU A 1 29  ? -18.862 3.672   0.491   1.00 56.07 ? 1884 GLU A CD  1 
ATOM   220  O OE1 . GLU A 1 29  ? -19.735 3.184   -0.261  1.00 51.35 ? 1884 GLU A OE1 1 
ATOM   221  O OE2 . GLU A 1 29  ? -19.112 4.623   1.273   1.00 56.91 ? 1884 GLU A OE2 1 
ATOM   222  N N   . ASP A 1 30  ? -14.403 2.079   -0.780  1.00 29.97 ? 1885 ASP A N   1 
ATOM   223  C CA  . ASP A 1 30  ? -13.782 2.410   -2.061  1.00 24.55 ? 1885 ASP A CA  1 
ATOM   224  C C   . ASP A 1 30  ? -12.597 1.505   -2.362  1.00 25.13 ? 1885 ASP A C   1 
ATOM   225  O O   . ASP A 1 30  ? -11.851 1.787   -3.283  1.00 25.58 ? 1885 ASP A O   1 
ATOM   226  C CB  . ASP A 1 30  ? -13.309 3.868   -2.106  1.00 29.61 ? 1885 ASP A CB  1 
ATOM   227  C CG  . ASP A 1 30  ? -14.463 4.874   -2.186  1.00 39.28 ? 1885 ASP A CG  1 
ATOM   228  O OD1 . ASP A 1 30  ? -15.623 4.445   -2.339  1.00 37.56 ? 1885 ASP A OD1 1 
ATOM   229  O OD2 . ASP A 1 30  ? -14.192 6.093   -2.102  1.00 34.68 ? 1885 ASP A OD2 1 
ATOM   230  N N   . ALA A 1 31  ? -12.420 0.437   -1.589  1.00 25.32 ? 1886 ALA A N   1 
ATOM   231  C CA  . ALA A 1 31  ? -11.272 -0.469  -1.787  1.00 28.27 ? 1886 ALA A CA  1 
ATOM   232  C C   . ALA A 1 31  ? -11.419 -1.395  -2.996  1.00 29.57 ? 1886 ALA A C   1 
ATOM   233  O O   . ALA A 1 31  ? -10.428 -1.992  -3.451  1.00 25.12 ? 1886 ALA A O   1 
ATOM   234  C CB  . ALA A 1 31  ? -11.041 -1.309  -0.527  1.00 25.59 ? 1886 ALA A CB  1 
ATOM   235  N N   . TRP A 1 32  ? -12.635 -1.493  -3.546  1.00 26.53 ? 1887 TRP A N   1 
ATOM   236  C CA  . TRP A 1 32  ? -12.910 -2.549  -4.518  1.00 26.60 ? 1887 TRP A CA  1 
ATOM   237  C C   . TRP A 1 32  ? -11.968 -2.611  -5.753  1.00 22.18 ? 1887 TRP A C   1 
ATOM   238  O O   . TRP A 1 32  ? -11.713 -3.713  -6.241  1.00 29.20 ? 1887 TRP A O   1 
ATOM   239  C CB  . TRP A 1 32  ? -14.394 -2.484  -4.966  1.00 28.67 ? 1887 TRP A CB  1 
ATOM   240  C CG  . TRP A 1 32  ? -14.826 -1.169  -5.517  1.00 27.39 ? 1887 TRP A CG  1 
ATOM   241  C CD1 . TRP A 1 32  ? -15.371 -0.122  -4.826  1.00 26.70 ? 1887 TRP A CD1 1 
ATOM   242  C CD2 . TRP A 1 32  ? -14.758 -0.756  -6.882  1.00 28.25 ? 1887 TRP A CD2 1 
ATOM   243  N NE1 . TRP A 1 32  ? -15.626 0.927   -5.680  1.00 27.15 ? 1887 TRP A NE1 1 
ATOM   244  C CE2 . TRP A 1 32  ? -15.248 0.564   -6.946  1.00 29.05 ? 1887 TRP A CE2 1 
ATOM   245  C CE3 . TRP A 1 32  ? -14.303 -1.365  -8.056  1.00 25.15 ? 1887 TRP A CE3 1 
ATOM   246  C CZ2 . TRP A 1 32  ? -15.321 1.274   -8.139  1.00 32.52 ? 1887 TRP A CZ2 1 
ATOM   247  C CZ3 . TRP A 1 32  ? -14.360 -0.649  -9.236  1.00 26.82 ? 1887 TRP A CZ3 1 
ATOM   248  C CH2 . TRP A 1 32  ? -14.871 0.647   -9.271  1.00 30.47 ? 1887 TRP A CH2 1 
ATOM   249  N N   . PRO A 1 33  ? -11.433 -1.474  -6.255  1.00 22.94 ? 1888 PRO A N   1 
ATOM   250  C CA  . PRO A 1 33  ? -10.530 -1.666  -7.392  1.00 22.72 ? 1888 PRO A CA  1 
ATOM   251  C C   . PRO A 1 33  ? -9.207  -2.298  -7.023  1.00 27.82 ? 1888 PRO A C   1 
ATOM   252  O O   . PRO A 1 33  ? -8.477  -2.679  -7.933  1.00 26.13 ? 1888 PRO A O   1 
ATOM   253  C CB  . PRO A 1 33  ? -10.265 -0.237  -7.900  1.00 21.35 ? 1888 PRO A CB  1 
ATOM   254  C CG  . PRO A 1 33  ? -11.357 0.596   -7.317  1.00 26.91 ? 1888 PRO A CG  1 
ATOM   255  C CD  . PRO A 1 33  ? -11.649 -0.038  -5.990  1.00 23.46 ? 1888 PRO A CD  1 
ATOM   256  N N   . PHE A 1 34  ? -8.903  -2.372  -5.728  1.00 22.16 ? 1889 PHE A N   1 
ATOM   257  C CA  . PHE A 1 34  ? -7.557  -2.695  -5.263  1.00 23.24 ? 1889 PHE A CA  1 
ATOM   258  C C   . PHE A 1 34  ? -7.451  -3.982  -4.469  1.00 24.26 ? 1889 PHE A C   1 
ATOM   259  O O   . PHE A 1 34  ? -6.381  -4.287  -3.967  1.00 23.37 ? 1889 PHE A O   1 
ATOM   260  C CB  . PHE A 1 34  ? -7.029  -1.534  -4.411  1.00 23.82 ? 1889 PHE A CB  1 
ATOM   261  C CG  . PHE A 1 34  ? -7.269  -0.199  -5.039  1.00 26.54 ? 1889 PHE A CG  1 
ATOM   262  C CD1 . PHE A 1 34  ? -6.615  0.142   -6.218  1.00 22.70 ? 1889 PHE A CD1 1 
ATOM   263  C CD2 . PHE A 1 34  ? -8.185  0.704   -4.489  1.00 23.15 ? 1889 PHE A CD2 1 
ATOM   264  C CE1 . PHE A 1 34  ? -6.849  1.372   -6.839  1.00 22.67 ? 1889 PHE A CE1 1 
ATOM   265  C CE2 . PHE A 1 34  ? -8.408  1.941   -5.100  1.00 23.59 ? 1889 PHE A CE2 1 
ATOM   266  C CZ  . PHE A 1 34  ? -7.738  2.270   -6.283  1.00 24.50 ? 1889 PHE A CZ  1 
ATOM   267  N N   . LEU A 1 35  ? -8.546  -4.728  -4.350  1.00 24.01 ? 1890 LEU A N   1 
ATOM   268  C CA  . LEU A 1 35  ? -8.565  -5.904  -3.473  1.00 24.69 ? 1890 LEU A CA  1 
ATOM   269  C C   . LEU A 1 35  ? -7.792  -7.082  -4.060  1.00 30.64 ? 1890 LEU A C   1 
ATOM   270  O O   . LEU A 1 35  ? -7.228  -7.877  -3.316  1.00 29.13 ? 1890 LEU A O   1 
ATOM   271  C CB  . LEU A 1 35  ? -10.006 -6.319  -3.164  1.00 24.98 ? 1890 LEU A CB  1 
ATOM   272  C CG  . LEU A 1 35  ? -10.839 -5.308  -2.363  1.00 33.18 ? 1890 LEU A CG  1 
ATOM   273  C CD1 . LEU A 1 35  ? -12.290 -5.743  -2.260  1.00 33.18 ? 1890 LEU A CD1 1 
ATOM   274  C CD2 . LEU A 1 35  ? -10.240 -5.113  -0.966  1.00 31.58 ? 1890 LEU A CD2 1 
ATOM   275  N N   . LEU A 1 36  ? -7.759  -7.175  -5.391  1.00 25.95 ? 1891 LEU A N   1 
ATOM   276  C CA  . LEU A 1 36  ? -7.093  -8.268  -6.094  1.00 27.99 ? 1891 LEU A CA  1 
ATOM   277  C C   . LEU A 1 36  ? -6.206  -7.726  -7.203  1.00 25.19 ? 1891 LEU A C   1 
ATOM   278  O O   . LEU A 1 36  ? -6.394  -6.594  -7.640  1.00 24.97 ? 1891 LEU A O   1 
ATOM   279  C CB  . LEU A 1 36  ? -8.136  -9.226  -6.672  1.00 32.62 ? 1891 LEU A CB  1 
ATOM   280  C CG  . LEU A 1 36  ? -9.034  -9.953  -5.678  1.00 31.78 ? 1891 LEU A CG  1 
ATOM   281  C CD1 . LEU A 1 36  ? -10.082 -10.760 -6.425  1.00 41.66 ? 1891 LEU A CD1 1 
ATOM   282  C CD2 . LEU A 1 36  ? -8.210  -10.852 -4.765  1.00 37.06 ? 1891 LEU A CD2 1 
ATOM   283  N N   . PRO A 1 37  ? -5.239  -8.526  -7.685  1.00 25.47 ? 1892 PRO A N   1 
ATOM   284  C CA  . PRO A 1 37  ? -4.429  -8.032  -8.801  1.00 25.42 ? 1892 PRO A CA  1 
ATOM   285  C C   . PRO A 1 37  ? -5.268  -7.711  -10.028 1.00 28.29 ? 1892 PRO A C   1 
ATOM   286  O O   . PRO A 1 37  ? -6.263  -8.384  -10.293 1.00 29.79 ? 1892 PRO A O   1 
ATOM   287  C CB  . PRO A 1 37  ? -3.490  -9.204  -9.108  1.00 31.40 ? 1892 PRO A CB  1 
ATOM   288  C CG  . PRO A 1 37  ? -3.501  -10.040 -7.895  1.00 28.91 ? 1892 PRO A CG  1 
ATOM   289  C CD  . PRO A 1 37  ? -4.842  -9.887  -7.279  1.00 28.45 ? 1892 PRO A CD  1 
ATOM   290  N N   . VAL A 1 38  ? -4.870  -6.680  -10.753 1.00 28.31 ? 1893 VAL A N   1 
ATOM   291  C CA  . VAL A 1 38  ? -5.438  -6.401  -12.068 1.00 25.28 ? 1893 VAL A CA  1 
ATOM   292  C C   . VAL A 1 38  ? -5.161  -7.600  -12.978 1.00 32.99 ? 1893 VAL A C   1 
ATOM   293  O O   . VAL A 1 38  ? -4.046  -8.124  -12.982 1.00 35.22 ? 1893 VAL A O   1 
ATOM   294  C CB  . VAL A 1 38  ? -4.824  -5.123  -12.670 1.00 28.94 ? 1893 VAL A CB  1 
ATOM   295  C CG1 . VAL A 1 38  ? -5.306  -4.900  -14.104 1.00 29.22 ? 1893 VAL A CG1 1 
ATOM   296  C CG2 . VAL A 1 38  ? -5.163  -3.922  -11.798 1.00 27.35 ? 1893 VAL A CG2 1 
ATOM   297  N N   . ASN A 1 39  ? -6.175  -8.052  -13.715 1.00 33.07 ? 1894 ASN A N   1 
ATOM   298  C CA  . ASN A 1 39  ? -6.010  -9.165  -14.668 1.00 39.01 ? 1894 ASN A CA  1 
ATOM   299  C C   . ASN A 1 39  ? -5.200  -8.774  -15.905 1.00 40.19 ? 1894 ASN A C   1 
ATOM   300  O O   . ASN A 1 39  ? -5.695  -8.075  -16.794 1.00 43.22 ? 1894 ASN A O   1 
ATOM   301  C CB  . ASN A 1 39  ? -7.375  -9.695  -15.096 1.00 43.59 ? 1894 ASN A CB  1 
ATOM   302  C CG  . ASN A 1 39  ? -7.283  -11.025 -15.829 1.00 46.45 ? 1894 ASN A CG  1 
ATOM   303  O OD1 . ASN A 1 39  ? -6.339  -11.283 -16.578 1.00 45.96 ? 1894 ASN A OD1 1 
ATOM   304  N ND2 . ASN A 1 39  ? -8.268  -11.878 -15.610 1.00 38.48 ? 1894 ASN A ND2 1 
ATOM   305  N N   . LEU A 1 40  ? -3.963  -9.255  -15.967 1.00 36.81 ? 1895 LEU A N   1 
ATOM   306  C CA  . LEU A 1 40  ? -3.020  -8.846  -16.998 1.00 39.23 ? 1895 LEU A CA  1 
ATOM   307  C C   . LEU A 1 40  ? -3.366  -9.402  -18.374 1.00 49.21 ? 1895 LEU A C   1 
ATOM   308  O O   . LEU A 1 40  ? -2.844  -8.934  -19.393 1.00 44.18 ? 1895 LEU A O   1 
ATOM   309  C CB  . LEU A 1 40  ? -1.609  -9.277  -16.609 1.00 42.62 ? 1895 LEU A CB  1 
ATOM   310  C CG  . LEU A 1 40  ? -1.111  -8.662  -15.305 1.00 41.49 ? 1895 LEU A CG  1 
ATOM   311  C CD1 . LEU A 1 40  ? 0.257   -9.213  -14.970 1.00 39.78 ? 1895 LEU A CD1 1 
ATOM   312  C CD2 . LEU A 1 40  ? -1.062  -7.150  -15.427 1.00 35.76 ? 1895 LEU A CD2 1 
ATOM   313  N N   . LYS A 1 41  ? -4.250  -10.392 -18.400 1.00 40.82 ? 1896 LYS A N   1 
ATOM   314  C CA  . LYS A 1 41  ? -4.687  -10.994 -19.652 1.00 53.04 ? 1896 LYS A CA  1 
ATOM   315  C C   . LYS A 1 41  ? -5.876  -10.248 -20.245 1.00 52.75 ? 1896 LYS A C   1 
ATOM   316  O O   . LYS A 1 41  ? -6.044  -10.203 -21.462 1.00 53.05 ? 1896 LYS A O   1 
ATOM   317  C CB  . LYS A 1 41  ? -5.043  -12.466 -19.442 1.00 46.07 ? 1896 LYS A CB  1 
ATOM   318  C CG  . LYS A 1 41  ? -3.844  -13.339 -19.139 1.00 53.51 ? 1896 LYS A CG  1 
ATOM   319  C CD  . LYS A 1 41  ? -4.252  -14.786 -18.904 1.00 62.44 ? 1896 LYS A CD  1 
ATOM   320  C CE  . LYS A 1 41  ? -3.051  -15.626 -18.489 1.00 71.58 ? 1896 LYS A CE  1 
ATOM   321  N NZ  . LYS A 1 41  ? -3.446  -16.916 -17.854 1.00 74.08 ? 1896 LYS A NZ  1 
ATOM   322  N N   . LEU A 1 42  ? -6.691  -9.645  -19.386 1.00 46.32 ? 1897 LEU A N   1 
ATOM   323  C CA  . LEU A 1 42  ? -7.943  -9.050  -19.829 1.00 43.61 ? 1897 LEU A CA  1 
ATOM   324  C C   . LEU A 1 42  ? -7.905  -7.533  -19.904 1.00 47.34 ? 1897 LEU A C   1 
ATOM   325  O O   . LEU A 1 42  ? -8.839  -6.924  -20.421 1.00 49.97 ? 1897 LEU A O   1 
ATOM   326  C CB  . LEU A 1 42  ? -9.084  -9.468  -18.903 1.00 42.79 ? 1897 LEU A CB  1 
ATOM   327  C CG  . LEU A 1 42  ? -9.265  -10.969 -18.670 1.00 45.88 ? 1897 LEU A CG  1 
ATOM   328  C CD1 . LEU A 1 42  ? -10.507 -11.223 -17.827 1.00 49.99 ? 1897 LEU A CD1 1 
ATOM   329  C CD2 . LEU A 1 42  ? -9.360  -11.689 -19.998 1.00 49.69 ? 1897 LEU A CD2 1 
ATOM   330  N N   . VAL A 1 43  ? -6.859  -6.912  -19.365 1.00 44.20 ? 1898 VAL A N   1 
ATOM   331  C CA  . VAL A 1 43  ? -6.785  -5.456  -19.399 1.00 39.72 ? 1898 VAL A CA  1 
ATOM   332  C C   . VAL A 1 43  ? -5.679  -4.981  -20.337 1.00 41.95 ? 1898 VAL A C   1 
ATOM   333  O O   . VAL A 1 43  ? -4.488  -5.047  -20.010 1.00 41.22 ? 1898 VAL A O   1 
ATOM   334  C CB  . VAL A 1 43  ? -6.572  -4.848  -17.993 1.00 37.84 ? 1898 VAL A CB  1 
ATOM   335  C CG1 . VAL A 1 43  ? -6.497  -3.332  -18.095 1.00 40.80 ? 1898 VAL A CG1 1 
ATOM   336  C CG2 . VAL A 1 43  ? -7.715  -5.241  -17.062 1.00 33.86 ? 1898 VAL A CG2 1 
ATOM   337  N N   . PRO A 1 44  ? -6.088  -4.514  -21.529 1.00 44.91 ? 1899 PRO A N   1 
ATOM   338  C CA  . PRO A 1 44  ? -5.255  -3.894  -22.555 1.00 44.77 ? 1899 PRO A CA  1 
ATOM   339  C C   . PRO A 1 44  ? -4.186  -2.973  -21.997 1.00 38.83 ? 1899 PRO A C   1 
ATOM   340  O O   . PRO A 1 44  ? -4.502  -2.004  -21.321 1.00 41.70 ? 1899 PRO A O   1 
ATOM   341  C CB  . PRO A 1 44  ? -6.268  -3.092  -23.364 1.00 44.75 ? 1899 PRO A CB  1 
ATOM   342  C CG  . PRO A 1 44  ? -7.484  -3.948  -23.323 1.00 48.45 ? 1899 PRO A CG  1 
ATOM   343  C CD  . PRO A 1 44  ? -7.497  -4.586  -21.960 1.00 46.80 ? 1899 PRO A CD  1 
ATOM   344  N N   . GLY A 1 45  ? -2.932  -3.290  -22.274 1.00 40.11 ? 1900 GLY A N   1 
ATOM   345  C CA  . GLY A 1 45  ? -1.850  -2.376  -21.983 1.00 39.27 ? 1900 GLY A CA  1 
ATOM   346  C C   . GLY A 1 45  ? -1.364  -2.353  -20.550 1.00 42.14 ? 1900 GLY A C   1 
ATOM   347  O O   . GLY A 1 45  ? -0.339  -1.719  -20.270 1.00 38.33 ? 1900 GLY A O   1 
ATOM   348  N N   . TYR A 1 46  ? -2.069  -3.025  -19.640 1.00 36.11 ? 1901 TYR A N   1 
ATOM   349  C CA  . TYR A 1 46  ? -1.694  -2.906  -18.227 1.00 39.14 ? 1901 TYR A CA  1 
ATOM   350  C C   . TYR A 1 46  ? -0.329  -3.553  -17.996 1.00 35.37 ? 1901 TYR A C   1 
ATOM   351  O O   . TYR A 1 46  ? 0.537   -2.951  -17.379 1.00 35.69 ? 1901 TYR A O   1 
ATOM   352  C CB  . TYR A 1 46  ? -2.747  -3.517  -17.285 1.00 35.18 ? 1901 TYR A CB  1 
ATOM   353  C CG  . TYR A 1 46  ? -2.630  -2.974  -15.863 1.00 33.65 ? 1901 TYR A CG  1 
ATOM   354  C CD1 . TYR A 1 46  ? -3.316  -1.821  -15.473 1.00 30.21 ? 1901 TYR A CD1 1 
ATOM   355  C CD2 . TYR A 1 46  ? -1.803  -3.591  -14.923 1.00 35.03 ? 1901 TYR A CD2 1 
ATOM   356  C CE1 . TYR A 1 46  ? -3.192  -1.310  -14.161 1.00 30.76 ? 1901 TYR A CE1 1 
ATOM   357  C CE2 . TYR A 1 46  ? -1.678  -3.082  -13.616 1.00 30.32 ? 1901 TYR A CE2 1 
ATOM   358  C CZ  . TYR A 1 46  ? -2.367  -1.951  -13.243 1.00 28.13 ? 1901 TYR A CZ  1 
ATOM   359  O OH  . TYR A 1 46  ? -2.223  -1.453  -11.943 1.00 28.13 ? 1901 TYR A OH  1 
ATOM   360  N N   . LYS A 1 47  ? -0.116  -4.750  -18.530 1.00 41.04 ? 1902 LYS A N   1 
ATOM   361  C CA  . LYS A 1 47  ? 1.163   -5.431  -18.300 1.00 42.57 ? 1902 LYS A CA  1 
ATOM   362  C C   . LYS A 1 47  ? 2.373   -4.647  -18.826 1.00 42.59 ? 1902 LYS A C   1 
ATOM   363  O O   . LYS A 1 47  ? 3.412   -4.588  -18.177 1.00 40.89 ? 1902 LYS A O   1 
ATOM   364  C CB  . LYS A 1 47  ? 1.139   -6.826  -18.922 1.00 46.59 ? 1902 LYS A CB  1 
ATOM   365  C CG  . LYS A 1 47  ? 2.383   -7.670  -18.612 1.00 45.48 ? 1902 LYS A CG  1 
ATOM   366  C CD  . LYS A 1 47  ? 2.110   -9.156  -18.876 1.00 50.38 ? 1902 LYS A CD  1 
ATOM   367  C CE  . LYS A 1 47  ? 3.401   -9.964  -19.006 1.00 56.15 ? 1902 LYS A CE  1 
ATOM   368  N NZ  . LYS A 1 47  ? 4.577   -9.089  -19.300 1.00 65.06 ? 1902 LYS A NZ  1 
ATOM   369  N N   . LYS A 1 48  ? 2.243   -4.028  -19.992 1.00 37.10 ? 1903 LYS A N   1 
ATOM   370  C CA  . LYS A 1 48  ? 3.374   -3.336  -20.591 1.00 37.31 ? 1903 LYS A CA  1 
ATOM   371  C C   . LYS A 1 48  ? 3.652   -1.996  -19.905 1.00 40.48 ? 1903 LYS A C   1 
ATOM   372  O O   . LYS A 1 48  ? 4.801   -1.589  -19.733 1.00 43.67 ? 1903 LYS A O   1 
ATOM   373  C CB  . LYS A 1 48  ? 3.114   -3.132  -22.092 1.00 43.33 ? 1903 LYS A CB  1 
ATOM   374  C CG  . LYS A 1 48  ? 4.276   -2.522  -22.857 1.00 43.99 ? 1903 LYS A CG  1 
ATOM   375  C CD  . LYS A 1 48  ? 5.505   -3.400  -22.784 1.00 48.17 ? 1903 LYS A CD  1 
ATOM   376  C CE  . LYS A 1 48  ? 6.686   -2.739  -23.476 1.00 43.13 ? 1903 LYS A CE  1 
ATOM   377  N NZ  . LYS A 1 48  ? 6.660   -3.005  -24.930 1.00 46.58 ? 1903 LYS A NZ  1 
ATOM   378  N N   . VAL A 1 49  ? 2.587   -1.319  -19.499 1.00 31.19 ? 1904 VAL A N   1 
ATOM   379  C CA  . VAL A 1 49  ? 2.683   0.034   -18.978 1.00 34.09 ? 1904 VAL A CA  1 
ATOM   380  C C   . VAL A 1 49  ? 3.049   0.065   -17.485 1.00 33.34 ? 1904 VAL A C   1 
ATOM   381  O O   . VAL A 1 49  ? 3.840   0.905   -17.037 1.00 35.95 ? 1904 VAL A O   1 
ATOM   382  C CB  . VAL A 1 49  ? 1.357   0.771   -19.200 1.00 38.82 ? 1904 VAL A CB  1 
ATOM   383  C CG1 . VAL A 1 49  ? 1.306   2.076   -18.432 1.00 40.52 ? 1904 VAL A CG1 1 
ATOM   384  C CG2 . VAL A 1 49  ? 1.146   1.013   -20.695 1.00 45.62 ? 1904 VAL A CG2 1 
ATOM   385  N N   . ILE A 1 50  ? 2.462   -0.855  -16.732 1.00 32.59 ? 1905 ILE A N   1 
ATOM   386  C CA  . ILE A 1 50  ? 2.636   -0.899  -15.275 1.00 32.92 ? 1905 ILE A CA  1 
ATOM   387  C C   . ILE A 1 50  ? 3.718   -1.891  -14.877 1.00 27.09 ? 1905 ILE A C   1 
ATOM   388  O O   . ILE A 1 50  ? 3.469   -3.092  -14.784 1.00 32.59 ? 1905 ILE A O   1 
ATOM   389  C CB  . ILE A 1 50  ? 1.316   -1.272  -14.570 1.00 34.12 ? 1905 ILE A CB  1 
ATOM   390  C CG1 . ILE A 1 50  ? 0.216   -0.304  -14.986 1.00 27.89 ? 1905 ILE A CG1 1 
ATOM   391  C CG2 . ILE A 1 50  ? 1.489   -1.277  -13.047 1.00 32.62 ? 1905 ILE A CG2 1 
ATOM   392  C CD1 . ILE A 1 50  ? 0.485   1.105   -14.557 1.00 29.97 ? 1905 ILE A CD1 1 
ATOM   393  N N   . LYS A 1 51  ? 4.918   -1.377  -14.631 1.00 33.34 ? 1906 LYS A N   1 
ATOM   394  C CA  . LYS A 1 51  ? 6.084   -2.235  -14.434 1.00 33.86 ? 1906 LYS A CA  1 
ATOM   395  C C   . LYS A 1 51  ? 6.033   -3.053  -13.137 1.00 35.43 ? 1906 LYS A C   1 
ATOM   396  O O   . LYS A 1 51  ? 6.550   -4.172  -13.083 1.00 36.04 ? 1906 LYS A O   1 
ATOM   397  C CB  . LYS A 1 51  ? 7.359   -1.385  -14.467 1.00 36.92 ? 1906 LYS A CB  1 
ATOM   398  C CG  . LYS A 1 51  ? 7.549   -0.618  -15.777 1.00 46.69 ? 1906 LYS A CG  1 
ATOM   399  C CD  . LYS A 1 51  ? 7.460   -1.548  -16.986 1.00 49.02 ? 1906 LYS A CD  1 
ATOM   400  C CE  . LYS A 1 51  ? 7.574   -0.778  -18.304 1.00 49.05 ? 1906 LYS A CE  1 
ATOM   401  N NZ  . LYS A 1 51  ? 7.563   -1.707  -19.478 1.00 49.37 ? 1906 LYS A NZ  1 
ATOM   402  N N   . LYS A 1 52  ? 5.421   -2.504  -12.093 1.00 34.21 ? 1907 LYS A N   1 
ATOM   403  C CA  . LYS A 1 52  ? 5.313   -3.223  -10.823 1.00 33.55 ? 1907 LYS A CA  1 
ATOM   404  C C   . LYS A 1 52  ? 3.889   -3.201  -10.281 1.00 26.70 ? 1907 LYS A C   1 
ATOM   405  O O   . LYS A 1 52  ? 3.564   -2.335  -9.463  1.00 29.66 ? 1907 LYS A O   1 
ATOM   406  C CB  . LYS A 1 52  ? 6.266   -2.620  -9.788  1.00 32.26 ? 1907 LYS A CB  1 
ATOM   407  C CG  . LYS A 1 52  ? 7.727   -2.585  -10.231 1.00 38.16 ? 1907 LYS A CG  1 
ATOM   408  C CD  . LYS A 1 52  ? 8.651   -3.140  -9.161  1.00 57.33 ? 1907 LYS A CD  1 
ATOM   409  C CE  . LYS A 1 52  ? 10.042  -3.436  -9.730  1.00 61.04 ? 1907 LYS A CE  1 
ATOM   410  N NZ  . LYS A 1 52  ? 10.002  -4.361  -10.905 1.00 61.56 ? 1907 LYS A NZ  1 
ATOM   411  N N   . PRO A 1 53  ? 3.038   -4.138  -10.737 1.00 28.61 ? 1908 PRO A N   1 
ATOM   412  C CA  . PRO A 1 53  ? 1.662   -4.251  -10.239 1.00 28.16 ? 1908 PRO A CA  1 
ATOM   413  C C   . PRO A 1 53  ? 1.645   -4.555  -8.747  1.00 28.07 ? 1908 PRO A C   1 
ATOM   414  O O   . PRO A 1 53  ? 2.503   -5.297  -8.250  1.00 27.89 ? 1908 PRO A O   1 
ATOM   415  C CB  . PRO A 1 53  ? 1.078   -5.428  -11.017 1.00 25.30 ? 1908 PRO A CB  1 
ATOM   416  C CG  . PRO A 1 53  ? 1.953   -5.560  -12.225 1.00 33.95 ? 1908 PRO A CG  1 
ATOM   417  C CD  . PRO A 1 53  ? 3.319   -5.116  -11.804 1.00 34.60 ? 1908 PRO A CD  1 
ATOM   418  N N   . MET A 1 54  ? 0.666   -3.994  -8.050  1.00 27.43 ? 1909 MET A N   1 
ATOM   419  C CA  . MET A 1 54  ? 0.529   -4.242  -6.620  1.00 22.07 ? 1909 MET A CA  1 
ATOM   420  C C   . MET A 1 54  ? -0.938  -4.083  -6.237  1.00 21.88 ? 1909 MET A C   1 
ATOM   421  O O   . MET A 1 54  ? -1.671  -3.289  -6.850  1.00 22.11 ? 1909 MET A O   1 
ATOM   422  C CB  . MET A 1 54  ? 1.434   -3.296  -5.828  1.00 24.78 ? 1909 MET A CB  1 
ATOM   423  C CG  . MET A 1 54  ? 1.512   -3.584  -4.322  1.00 23.00 ? 1909 MET A CG  1 
ATOM   424  S SD  . MET A 1 54  ? 1.924   -5.303  -3.945  1.00 24.99 ? 1909 MET A SD  1 
ATOM   425  C CE  . MET A 1 54  ? 3.495   -5.426  -4.790  1.00 25.42 ? 1909 MET A CE  1 
ATOM   426  N N   . ASP A 1 55  ? -1.377  -4.851  -5.246  1.00 20.48 ? 1910 ASP A N   1 
ATOM   427  C CA  . ASP A 1 55  ? -2.747  -4.760  -4.779  1.00 21.49 ? 1910 ASP A CA  1 
ATOM   428  C C   . ASP A 1 55  ? -2.795  -5.159  -3.301  1.00 23.92 ? 1910 ASP A C   1 
ATOM   429  O O   . ASP A 1 55  ? -1.806  -5.670  -2.773  1.00 26.58 ? 1910 ASP A O   1 
ATOM   430  C CB  . ASP A 1 55  ? -3.659  -5.673  -5.598  1.00 22.64 ? 1910 ASP A CB  1 
ATOM   431  C CG  . ASP A 1 55  ? -3.419  -7.120  -5.280  1.00 25.21 ? 1910 ASP A CG  1 
ATOM   432  O OD1 . ASP A 1 55  ? -2.397  -7.648  -5.753  1.00 27.06 ? 1910 ASP A OD1 1 
ATOM   433  O OD2 . ASP A 1 55  ? -4.219  -7.710  -4.545  1.00 28.23 ? 1910 ASP A OD2 1 
ATOM   434  N N   . PHE A 1 56  ? -3.925  -4.919  -2.645  1.00 20.89 ? 1911 PHE A N   1 
ATOM   435  C CA  . PHE A 1 56  ? -4.028  -5.175  -1.204  1.00 22.67 ? 1911 PHE A CA  1 
ATOM   436  C C   . PHE A 1 56  ? -3.834  -6.654  -0.852  1.00 25.36 ? 1911 PHE A C   1 
ATOM   437  O O   . PHE A 1 56  ? -3.257  -6.969  0.196   1.00 24.51 ? 1911 PHE A O   1 
ATOM   438  C CB  . PHE A 1 56  ? -5.391  -4.697  -0.663  1.00 22.86 ? 1911 PHE A CB  1 
ATOM   439  C CG  . PHE A 1 56  ? -5.581  -3.195  -0.683  1.00 22.80 ? 1911 PHE A CG  1 
ATOM   440  C CD1 . PHE A 1 56  ? -4.507  -2.333  -0.892  1.00 24.70 ? 1911 PHE A CD1 1 
ATOM   441  C CD2 . PHE A 1 56  ? -6.847  -2.652  -0.519  1.00 24.34 ? 1911 PHE A CD2 1 
ATOM   442  C CE1 . PHE A 1 56  ? -4.702  -0.959  -0.934  1.00 26.32 ? 1911 PHE A CE1 1 
ATOM   443  C CE2 . PHE A 1 56  ? -7.040  -1.275  -0.552  1.00 24.58 ? 1911 PHE A CE2 1 
ATOM   444  C CZ  . PHE A 1 56  ? -5.975  -0.429  -0.745  1.00 20.03 ? 1911 PHE A CZ  1 
ATOM   445  N N   . SER A 1 57  ? -4.308  -7.569  -1.696  1.00 25.07 ? 1912 SER A N   1 
ATOM   446  C CA  . SER A 1 57  ? -4.184  -8.999  -1.346  1.00 24.96 ? 1912 SER A CA  1 
ATOM   447  C C   . SER A 1 57  ? -2.726  -9.456  -1.409  1.00 27.34 ? 1912 SER A C   1 
ATOM   448  O O   . SER A 1 57  ? -2.276  -10.289 -0.601  1.00 28.78 ? 1912 SER A O   1 
ATOM   449  C CB  . SER A 1 57  ? -5.067  -9.880  -2.257  1.00 26.28 ? 1912 SER A CB  1 
ATOM   450  O OG  . SER A 1 57  ? -4.469  -10.035 -3.534  1.00 28.52 ? 1912 SER A OG  1 
ATOM   451  N N   . THR A 1 58  ? -1.977  -8.903  -2.354  1.00 23.95 ? 1913 THR A N   1 
ATOM   452  C CA  . THR A 1 58  ? -0.553  -9.187  -2.468  1.00 28.06 ? 1913 THR A CA  1 
ATOM   453  C C   . THR A 1 58  ? 0.224   -8.590  -1.286  1.00 29.74 ? 1913 THR A C   1 
ATOM   454  O O   . THR A 1 58  ? 1.132   -9.225  -0.729  1.00 27.61 ? 1913 THR A O   1 
ATOM   455  C CB  . THR A 1 58  ? -0.004  -8.661  -3.799  1.00 29.71 ? 1913 THR A CB  1 
ATOM   456  O OG1 . THR A 1 58  ? -0.706  -9.308  -4.866  1.00 26.12 ? 1913 THR A OG1 1 
ATOM   457  C CG2 . THR A 1 58  ? 1.486   -8.958  -3.940  1.00 26.34 ? 1913 THR A CG2 1 
ATOM   458  N N   . ILE A 1 59  ? -0.141  -7.379  -0.884  1.00 22.13 ? 1914 ILE A N   1 
ATOM   459  C CA  . ILE A 1 59  ? 0.461   -6.782  0.312   1.00 23.21 ? 1914 ILE A CA  1 
ATOM   460  C C   . ILE A 1 59  ? 0.175   -7.630  1.559   1.00 29.56 ? 1914 ILE A C   1 
ATOM   461  O O   . ILE A 1 59  ? 1.068   -7.857  2.396   1.00 26.99 ? 1914 ILE A O   1 
ATOM   462  C CB  . ILE A 1 59  ? -0.052  -5.329  0.527   1.00 21.53 ? 1914 ILE A CB  1 
ATOM   463  C CG1 . ILE A 1 59  ? 0.429   -4.425  -0.610  1.00 21.72 ? 1914 ILE A CG1 1 
ATOM   464  C CG2 . ILE A 1 59  ? 0.422   -4.760  1.857   1.00 22.64 ? 1914 ILE A CG2 1 
ATOM   465  C CD1 . ILE A 1 59  ? -0.172  -3.023  -0.562  1.00 19.74 ? 1914 ILE A CD1 1 
ATOM   466  N N   . ARG A 1 60  ? -1.063  -8.098  1.683   1.00 24.57 ? 1915 ARG A N   1 
ATOM   467  C CA  . ARG A 1 60  ? -1.461  -8.913  2.834   1.00 26.12 ? 1915 ARG A CA  1 
ATOM   468  C C   . ARG A 1 60  ? -0.652  -10.203 2.877   1.00 34.05 ? 1915 ARG A C   1 
ATOM   469  O O   . ARG A 1 60  ? -0.183  -10.617 3.940   1.00 32.15 ? 1915 ARG A O   1 
ATOM   470  C CB  . ARG A 1 60  ? -2.957  -9.223  2.797   1.00 28.09 ? 1915 ARG A CB  1 
ATOM   471  C CG  . ARG A 1 60  ? -3.441  -10.208 3.869   1.00 33.61 ? 1915 ARG A CG  1 
ATOM   472  C CD  . ARG A 1 60  ? -3.336  -9.622  5.272   1.00 30.29 ? 1915 ARG A CD  1 
ATOM   473  N NE  . ARG A 1 60  ? -4.366  -8.620  5.523   1.00 29.51 ? 1915 ARG A NE  1 
ATOM   474  C CZ  . ARG A 1 60  ? -4.434  -7.881  6.625   1.00 36.00 ? 1915 ARG A CZ  1 
ATOM   475  N NH1 . ARG A 1 60  ? -3.527  -8.024  7.587   1.00 33.69 ? 1915 ARG A NH1 1 
ATOM   476  N NH2 . ARG A 1 60  ? -5.401  -6.992  6.767   1.00 33.23 ? 1915 ARG A NH2 1 
ATOM   477  N N   . GLU A 1 61  ? -0.456  -10.820 1.718   1.00 32.78 ? 1916 GLU A N   1 
ATOM   478  C CA  . GLU A 1 61  ? 0.364   -12.029 1.640   1.00 39.05 ? 1916 GLU A CA  1 
ATOM   479  C C   . GLU A 1 61  ? 1.816   -11.756 2.059   1.00 37.99 ? 1916 GLU A C   1 
ATOM   480  O O   . GLU A 1 61  ? 2.377   -12.468 2.899   1.00 35.81 ? 1916 GLU A O   1 
ATOM   481  C CB  . GLU A 1 61  ? 0.315   -12.606 0.224   1.00 33.04 ? 1916 GLU A CB  1 
ATOM   482  C CG  . GLU A 1 61  ? 1.033   -13.959 0.035   1.00 41.26 ? 1916 GLU A CG  1 
ATOM   483  C CD  . GLU A 1 61  ? 0.513   -15.080 0.949   1.00 54.73 ? 1916 GLU A CD  1 
ATOM   484  O OE1 . GLU A 1 61  ? -0.724  -15.188 1.156   1.00 46.16 ? 1916 GLU A OE1 1 
ATOM   485  O OE2 . GLU A 1 61  ? 1.350   -15.870 1.448   1.00 52.67 ? 1916 GLU A OE2 1 
ATOM   486  N N   . LYS A 1 62  ? 2.423   -10.720 1.486   1.00 32.09 ? 1917 LYS A N   1 
ATOM   487  C CA  . LYS A 1 62  ? 3.792   -10.370 1.830   1.00 30.95 ? 1917 LYS A CA  1 
ATOM   488  C C   . LYS A 1 62  ? 3.952   -10.022 3.324   1.00 34.44 ? 1917 LYS A C   1 
ATOM   489  O O   . LYS A 1 62  ? 4.943   -10.410 3.952   1.00 30.94 ? 1917 LYS A O   1 
ATOM   490  C CB  . LYS A 1 62  ? 4.287   -9.219  0.955   1.00 28.82 ? 1917 LYS A CB  1 
ATOM   491  C CG  . LYS A 1 62  ? 4.448   -9.575  -0.519  1.00 26.64 ? 1917 LYS A CG  1 
ATOM   492  C CD  . LYS A 1 62  ? 4.785   -8.343  -1.341  1.00 30.52 ? 1917 LYS A CD  1 
ATOM   493  C CE  . LYS A 1 62  ? 6.119   -7.755  -0.924  1.00 29.95 ? 1917 LYS A CE  1 
ATOM   494  N NZ  . LYS A 1 62  ? 6.603   -6.827  -1.970  1.00 29.98 ? 1917 LYS A NZ  1 
ATOM   495  N N   . LEU A 1 63  ? 2.981   -9.312  3.888   1.00 28.84 ? 1918 LEU A N   1 
ATOM   496  C CA  . LEU A 1 63  ? 3.027   -8.940  5.298   1.00 30.62 ? 1918 LEU A CA  1 
ATOM   497  C C   . LEU A 1 63  ? 2.955   -10.177 6.200   1.00 39.40 ? 1918 LEU A C   1 
ATOM   498  O O   . LEU A 1 63  ? 3.707   -10.299 7.165   1.00 37.88 ? 1918 LEU A O   1 
ATOM   499  C CB  . LEU A 1 63  ? 1.889   -7.971  5.631   1.00 29.93 ? 1918 LEU A CB  1 
ATOM   500  C CG  . LEU A 1 63  ? 1.914   -7.241  6.979   1.00 31.48 ? 1918 LEU A CG  1 
ATOM   501  C CD1 . LEU A 1 63  ? 3.143   -6.321  7.099   1.00 23.21 ? 1918 LEU A CD1 1 
ATOM   502  C CD2 . LEU A 1 63  ? 0.645   -6.438  7.197   1.00 28.59 ? 1918 LEU A CD2 1 
ATOM   503  N N   . SER A 1 64  ? 2.048   -11.092 5.871   1.00 30.34 ? 1919 SER A N   1 
ATOM   504  C CA  . SER A 1 64  ? 1.839   -12.322 6.648   1.00 31.37 ? 1919 SER A CA  1 
ATOM   505  C C   . SER A 1 64  ? 2.998   -13.318 6.556   1.00 29.96 ? 1919 SER A C   1 
ATOM   506  O O   . SER A 1 64  ? 3.085   -14.267 7.352   1.00 33.82 ? 1919 SER A O   1 
ATOM   507  C CB  . SER A 1 64  ? 0.568   -13.021 6.176   1.00 37.90 ? 1919 SER A CB  1 
ATOM   508  O OG  . SER A 1 64  ? -0.562  -12.185 6.320   1.00 40.06 ? 1919 SER A OG  1 
ATOM   509  N N   . SER A 1 65  ? 3.869   -13.129 5.576   1.00 29.69 ? 1920 SER A N   1 
ATOM   510  C CA  . SER A 1 65  ? 4.918   -14.100 5.335   1.00 35.04 ? 1920 SER A CA  1 
ATOM   511  C C   . SER A 1 65  ? 6.298   -13.503 5.575   1.00 29.82 ? 1920 SER A C   1 
ATOM   512  O O   . SER A 1 65  ? 7.299   -14.037 5.123   1.00 31.08 ? 1920 SER A O   1 
ATOM   513  C CB  . SER A 1 65  ? 4.805   -14.662 3.909   1.00 34.80 ? 1920 SER A CB  1 
ATOM   514  O OG  . SER A 1 65  ? 5.023   -13.676 2.915   1.00 37.73 ? 1920 SER A OG  1 
ATOM   515  N N   . GLY A 1 66  ? 6.350   -12.377 6.281   1.00 31.92 ? 1921 GLY A N   1 
ATOM   516  C CA  . GLY A 1 66  ? 7.623   -11.770 6.632   1.00 32.16 ? 1921 GLY A CA  1 
ATOM   517  C C   . GLY A 1 66  ? 8.442   -11.223 5.482   1.00 34.28 ? 1921 GLY A C   1 
ATOM   518  O O   . GLY A 1 66  ? 9.658   -11.228 5.537   1.00 32.35 ? 1921 GLY A O   1 
ATOM   519  N N   . GLN A 1 67  ? 7.776   -10.735 4.433   1.00 29.76 ? 1922 GLN A N   1 
ATOM   520  C CA  . GLN A 1 67  ? 8.466   -10.203 3.269   1.00 32.45 ? 1922 GLN A CA  1 
ATOM   521  C C   . GLN A 1 67  ? 8.680   -8.685  3.279   1.00 29.24 ? 1922 GLN A C   1 
ATOM   522  O O   . GLN A 1 67  ? 9.262   -8.140  2.347   1.00 32.75 ? 1922 GLN A O   1 
ATOM   523  C CB  . GLN A 1 67  ? 7.719   -10.592 1.989   1.00 29.06 ? 1922 GLN A CB  1 
ATOM   524  C CG  . GLN A 1 67  ? 7.741   -12.085 1.722   1.00 33.05 ? 1922 GLN A CG  1 
ATOM   525  C CD  . GLN A 1 67  ? 7.218   -12.442 0.344   1.00 31.66 ? 1922 GLN A CD  1 
ATOM   526  O OE1 . GLN A 1 67  ? 7.776   -12.035 -0.673  1.00 40.57 ? 1922 GLN A OE1 1 
ATOM   527  N NE2 . GLN A 1 67  ? 6.133   -13.195 0.309   1.00 36.98 ? 1922 GLN A NE2 1 
ATOM   528  N N   . TYR A 1 68  ? 8.218   -8.008  4.321   1.00 29.20 ? 1923 TYR A N   1 
ATOM   529  C CA  . TYR A 1 68  ? 8.608   -6.608  4.532   1.00 29.22 ? 1923 TYR A CA  1 
ATOM   530  C C   . TYR A 1 68  ? 9.672   -6.478  5.620   1.00 26.55 ? 1923 TYR A C   1 
ATOM   531  O O   . TYR A 1 68  ? 9.385   -6.750  6.784   1.00 28.55 ? 1923 TYR A O   1 
ATOM   532  C CB  . TYR A 1 68  ? 7.398   -5.751  4.917   1.00 27.98 ? 1923 TYR A CB  1 
ATOM   533  C CG  . TYR A 1 68  ? 6.389   -5.647  3.804   1.00 27.04 ? 1923 TYR A CG  1 
ATOM   534  C CD1 . TYR A 1 68  ? 6.732   -5.051  2.605   1.00 25.84 ? 1923 TYR A CD1 1 
ATOM   535  C CD2 . TYR A 1 68  ? 5.110   -6.174  3.941   1.00 27.64 ? 1923 TYR A CD2 1 
ATOM   536  C CE1 . TYR A 1 68  ? 5.821   -4.976  1.558   1.00 23.42 ? 1923 TYR A CE1 1 
ATOM   537  C CE2 . TYR A 1 68  ? 4.171   -6.093  2.890   1.00 23.30 ? 1923 TYR A CE2 1 
ATOM   538  C CZ  . TYR A 1 68  ? 4.545   -5.482  1.710   1.00 27.02 ? 1923 TYR A CZ  1 
ATOM   539  O OH  . TYR A 1 68  ? 3.672   -5.393  0.642   1.00 23.56 ? 1923 TYR A OH  1 
ATOM   540  N N   . PRO A 1 69  ? 10.894  -6.058  5.245   1.00 30.77 ? 1924 PRO A N   1 
ATOM   541  C CA  . PRO A 1 69  ? 11.963  -5.884  6.241   1.00 32.90 ? 1924 PRO A CA  1 
ATOM   542  C C   . PRO A 1 69  ? 11.639  -4.831  7.300   1.00 34.38 ? 1924 PRO A C   1 
ATOM   543  O O   . PRO A 1 69  ? 12.153  -4.917  8.421   1.00 31.80 ? 1924 PRO A O   1 
ATOM   544  C CB  . PRO A 1 69  ? 13.178  -5.463  5.401   1.00 36.27 ? 1924 PRO A CB  1 
ATOM   545  C CG  . PRO A 1 69  ? 12.676  -5.229  4.010   1.00 44.00 ? 1924 PRO A CG  1 
ATOM   546  C CD  . PRO A 1 69  ? 11.405  -6.007  3.867   1.00 33.64 ? 1924 PRO A CD  1 
ATOM   547  N N   . ASN A 1 70  ? 10.790  -3.864  6.971   1.00 26.39 ? 1925 ASN A N   1 
ATOM   548  C CA  . ASN A 1 70  ? 10.485  -2.789  7.920   1.00 26.54 ? 1925 ASN A CA  1 
ATOM   549  C C   . ASN A 1 70  ? 9.231   -2.031  7.519   1.00 29.42 ? 1925 ASN A C   1 
ATOM   550  O O   . ASN A 1 70  ? 8.679   -2.264  6.448   1.00 27.17 ? 1925 ASN A O   1 
ATOM   551  C CB  . ASN A 1 70  ? 11.651  -1.810  8.024   1.00 27.23 ? 1925 ASN A CB  1 
ATOM   552  C CG  . ASN A 1 70  ? 12.048  -1.242  6.678   1.00 30.57 ? 1925 ASN A CG  1 
ATOM   553  O OD1 . ASN A 1 70  ? 11.242  -0.606  5.996   1.00 31.92 ? 1925 ASN A OD1 1 
ATOM   554  N ND2 . ASN A 1 70  ? 13.294  -1.473  6.282   1.00 29.80 ? 1925 ASN A ND2 1 
ATOM   555  N N   A LEU A 1 71  ? 8.828   -1.125  8.405   0.07 28.30 ? 1926 LEU A N   1 
ATOM   556  N N   B LEU A 1 71  ? 8.766   -1.116  8.358   0.93 28.21 ? 1926 LEU A N   1 
ATOM   557  C CA  A LEU A 1 71  ? 7.709   -0.204  8.226   0.07 30.82 ? 1926 LEU A CA  1 
ATOM   558  C CA  B LEU A 1 71  ? 7.508   -0.432  8.040   0.93 31.41 ? 1926 LEU A CA  1 
ATOM   559  C C   A LEU A 1 71  ? 7.620   0.408   6.838   0.07 28.75 ? 1926 LEU A C   1 
ATOM   560  C C   B LEU A 1 71  ? 7.566   0.457   6.775   0.93 28.69 ? 1926 LEU A C   1 
ATOM   561  O O   A LEU A 1 71  ? 6.581   0.370   6.181   0.07 28.11 ? 1926 LEU A O   1 
ATOM   562  O O   B LEU A 1 71  ? 6.541   0.653   6.111   0.93 27.59 ? 1926 LEU A O   1 
ATOM   563  C CB  A LEU A 1 71  ? 7.829   0.930   9.244   0.07 31.34 ? 1926 LEU A CB  1 
ATOM   564  C CB  B LEU A 1 71  ? 7.025   0.400   9.241   0.93 30.41 ? 1926 LEU A CB  1 
ATOM   565  C CG  A LEU A 1 71  ? 6.557   1.407   9.934   0.07 32.17 ? 1926 LEU A CG  1 
ATOM   566  C CG  B LEU A 1 71  ? 7.674   1.761   9.507   0.93 29.35 ? 1926 LEU A CG  1 
ATOM   567  C CD1 A LEU A 1 71  ? 5.832   0.215   10.478  0.07 32.92 ? 1926 LEU A CD1 1 
ATOM   568  C CD1 B LEU A 1 71  ? 6.944   2.431   10.661  0.93 34.84 ? 1926 LEU A CD1 1 
ATOM   569  C CD2 A LEU A 1 71  ? 6.901   2.383   11.043  0.07 34.71 ? 1926 LEU A CD2 1 
ATOM   570  C CD2 B LEU A 1 71  ? 9.148   1.615   9.832   0.93 27.77 ? 1926 LEU A CD2 1 
ATOM   571  N N   . GLU A 1 72  ? 8.734   0.985   6.416   1.00 28.10 ? 1927 GLU A N   1 
ATOM   572  C CA  . GLU A 1 72  ? 8.804   1.802   5.207   1.00 29.05 ? 1927 GLU A CA  1 
ATOM   573  C C   . GLU A 1 72  ? 8.620   0.996   3.927   1.00 28.41 ? 1927 GLU A C   1 
ATOM   574  O O   . GLU A 1 72  ? 8.021   1.486   2.965   1.00 28.04 ? 1927 GLU A O   1 
ATOM   575  C CB  . GLU A 1 72  ? 10.138  2.564   5.140   1.00 31.81 ? 1927 GLU A CB  1 
ATOM   576  C CG  . GLU A 1 72  ? 10.397  3.474   6.348   1.00 39.49 ? 1927 GLU A CG  1 
ATOM   577  C CD  . GLU A 1 72  ? 9.298   4.521   6.604   1.00 39.91 ? 1927 GLU A CD  1 
ATOM   578  O OE1 . GLU A 1 72  ? 9.234   5.033   7.745   1.00 47.04 ? 1927 GLU A OE1 1 
ATOM   579  O OE2 . GLU A 1 72  ? 8.510   4.851   5.686   1.00 43.15 ? 1927 GLU A OE2 1 
ATOM   580  N N   . THR A 1 73  ? 9.127   -0.230  3.902   1.00 25.64 ? 1928 THR A N   1 
ATOM   581  C CA  . THR A 1 73  ? 8.949   -1.068  2.717   1.00 23.95 ? 1928 THR A CA  1 
ATOM   582  C C   . THR A 1 73  ? 7.470   -1.388  2.531   1.00 29.17 ? 1928 THR A C   1 
ATOM   583  O O   . THR A 1 73  ? 7.013   -1.560  1.408   1.00 25.51 ? 1928 THR A O   1 
ATOM   584  C CB  . THR A 1 73  ? 9.766   -2.373  2.807   1.00 29.08 ? 1928 THR A CB  1 
ATOM   585  O OG1 . THR A 1 73  ? 9.350   -3.126  3.948   1.00 29.35 ? 1928 THR A OG1 1 
ATOM   586  C CG2 . THR A 1 73  ? 11.244  -2.056  2.921   1.00 36.64 ? 1928 THR A CG2 1 
ATOM   587  N N   . PHE A 1 74  ? 6.737   -1.467  3.639   1.00 24.79 ? 1929 PHE A N   1 
ATOM   588  C CA  . PHE A 1 74  ? 5.300   -1.712  3.592   1.00 24.16 ? 1929 PHE A CA  1 
ATOM   589  C C   . PHE A 1 74  ? 4.601   -0.487  3.003   1.00 24.72 ? 1929 PHE A C   1 
ATOM   590  O O   . PHE A 1 74  ? 3.797   -0.607  2.082   1.00 24.71 ? 1929 PHE A O   1 
ATOM   591  C CB  . PHE A 1 74  ? 4.759   -2.050  4.994   1.00 26.62 ? 1929 PHE A CB  1 
ATOM   592  C CG  . PHE A 1 74  ? 3.246   -1.965  5.127   1.00 24.97 ? 1929 PHE A CG  1 
ATOM   593  C CD1 . PHE A 1 74  ? 2.431   -3.044  4.794   1.00 25.44 ? 1929 PHE A CD1 1 
ATOM   594  C CD2 . PHE A 1 74  ? 2.651   -0.811  5.608   1.00 22.31 ? 1929 PHE A CD2 1 
ATOM   595  C CE1 . PHE A 1 74  ? 1.065   -2.969  4.934   1.00 25.65 ? 1929 PHE A CE1 1 
ATOM   596  C CE2 . PHE A 1 74  ? 1.263   -0.717  5.742   1.00 24.64 ? 1929 PHE A CE2 1 
ATOM   597  C CZ  . PHE A 1 74  ? 0.466   -1.801  5.397   1.00 24.92 ? 1929 PHE A CZ  1 
ATOM   598  N N   . ALA A 1 75  ? 4.920   0.696   3.521   1.00 24.61 ? 1930 ALA A N   1 
ATOM   599  C CA  . ALA A 1 75  ? 4.293   1.929   3.023   1.00 25.62 ? 1930 ALA A CA  1 
ATOM   600  C C   . ALA A 1 75  ? 4.590   2.149   1.539   1.00 24.60 ? 1930 ALA A C   1 
ATOM   601  O O   . ALA A 1 75  ? 3.741   2.638   0.801   1.00 25.39 ? 1930 ALA A O   1 
ATOM   602  C CB  . ALA A 1 75  ? 4.757   3.123   3.828   1.00 22.47 ? 1930 ALA A CB  1 
ATOM   603  N N   . LEU A 1 76  ? 5.791   1.781   1.100   1.00 23.88 ? 1931 LEU A N   1 
ATOM   604  C CA  . LEU A 1 76  ? 6.139   1.906   -0.317  1.00 25.01 ? 1931 LEU A CA  1 
ATOM   605  C C   . LEU A 1 76  ? 5.218   1.073   -1.221  1.00 26.03 ? 1931 LEU A C   1 
ATOM   606  O O   . LEU A 1 76  ? 4.800   1.535   -2.285  1.00 24.38 ? 1931 LEU A O   1 
ATOM   607  C CB  . LEU A 1 76  ? 7.591   1.492   -0.557  1.00 25.56 ? 1931 LEU A CB  1 
ATOM   608  C CG  . LEU A 1 76  ? 8.666   2.515   -0.163  1.00 38.83 ? 1931 LEU A CG  1 
ATOM   609  C CD1 . LEU A 1 76  ? 10.056  1.915   -0.313  1.00 36.03 ? 1931 LEU A CD1 1 
ATOM   610  C CD2 . LEU A 1 76  ? 8.545   3.777   -1.000  1.00 36.10 ? 1931 LEU A CD2 1 
ATOM   611  N N   . ASP A 1 77  ? 4.912   -0.156  -0.817  1.00 22.44 ? 1932 ASP A N   1 
ATOM   612  C CA  . ASP A 1 77  ? 3.979   -0.987  -1.586  1.00 20.87 ? 1932 ASP A CA  1 
ATOM   613  C C   . ASP A 1 77  ? 2.541   -0.437  -1.559  1.00 22.30 ? 1932 ASP A C   1 
ATOM   614  O O   . ASP A 1 77  ? 1.805   -0.554  -2.556  1.00 19.94 ? 1932 ASP A O   1 
ATOM   615  C CB  . ASP A 1 77  ? 3.978   -2.440  -1.063  1.00 22.22 ? 1932 ASP A CB  1 
ATOM   616  C CG  . ASP A 1 77  ? 4.816   -3.382  -1.918  1.00 29.49 ? 1932 ASP A CG  1 
ATOM   617  O OD1 . ASP A 1 77  ? 5.436   -2.919  -2.890  1.00 27.48 ? 1932 ASP A OD1 1 
ATOM   618  O OD2 . ASP A 1 77  ? 4.866   -4.589  -1.590  1.00 29.72 ? 1932 ASP A OD2 1 
ATOM   619  N N   . VAL A 1 78  ? 2.103   0.115   -0.425  1.00 19.62 ? 1933 VAL A N   1 
ATOM   620  C CA  . VAL A 1 78  ? 0.767   0.703   -0.397  1.00 18.94 ? 1933 VAL A CA  1 
ATOM   621  C C   . VAL A 1 78  ? 0.735   1.868   -1.402  1.00 22.77 ? 1933 VAL A C   1 
ATOM   622  O O   . VAL A 1 78  ? -0.197  2.011   -2.185  1.00 21.87 ? 1933 VAL A O   1 
ATOM   623  C CB  . VAL A 1 78  ? 0.367   1.185   0.998   1.00 22.41 ? 1933 VAL A CB  1 
ATOM   624  C CG1 . VAL A 1 78  ? -0.966  1.908   0.946   1.00 23.22 ? 1933 VAL A CG1 1 
ATOM   625  C CG2 . VAL A 1 78  ? 0.293   -0.035  1.965   1.00 20.68 ? 1933 VAL A CG2 1 
ATOM   626  N N   . ARG A 1 79  ? 1.779   2.681   -1.386  1.00 23.08 ? 1934 ARG A N   1 
ATOM   627  C CA  . ARG A 1 79  ? 1.797   3.863   -2.241  1.00 25.11 ? 1934 ARG A CA  1 
ATOM   628  C C   . ARG A 1 79  ? 1.871   3.473   -3.706  1.00 24.16 ? 1934 ARG A C   1 
ATOM   629  O O   . ARG A 1 79  ? 1.290   4.144   -4.560  1.00 25.60 ? 1934 ARG A O   1 
ATOM   630  C CB  . ARG A 1 79  ? 2.957   4.778   -1.850  1.00 23.19 ? 1934 ARG A CB  1 
ATOM   631  C CG  . ARG A 1 79  ? 2.697   5.461   -0.494  1.00 24.74 ? 1934 ARG A CG  1 
ATOM   632  C CD  . ARG A 1 79  ? 3.897   6.273   0.008   1.00 29.54 ? 1934 ARG A CD  1 
ATOM   633  N NE  . ARG A 1 79  ? 3.607   6.840   1.320   1.00 32.02 ? 1934 ARG A NE  1 
ATOM   634  C CZ  . ARG A 1 79  ? 4.457   6.865   2.341   1.00 32.13 ? 1934 ARG A CZ  1 
ATOM   635  N NH1 . ARG A 1 79  ? 5.681   6.386   2.211   1.00 29.15 ? 1934 ARG A NH1 1 
ATOM   636  N NH2 . ARG A 1 79  ? 4.072   7.385   3.496   1.00 34.71 ? 1934 ARG A NH2 1 
ATOM   637  N N   . LEU A 1 80  ? 2.564   2.375   -3.993  1.00 24.65 ? 1935 LEU A N   1 
ATOM   638  C CA  . LEU A 1 80  ? 2.665   1.857   -5.353  1.00 23.44 ? 1935 LEU A CA  1 
ATOM   639  C C   . LEU A 1 80  ? 1.276   1.527   -5.934  1.00 27.14 ? 1935 LEU A C   1 
ATOM   640  O O   . LEU A 1 80  ? 1.011   1.783   -7.113  1.00 24.07 ? 1935 LEU A O   1 
ATOM   641  C CB  . LEU A 1 80  ? 3.570   0.619   -5.353  1.00 23.72 ? 1935 LEU A CB  1 
ATOM   642  C CG  . LEU A 1 80  ? 3.764   -0.197  -6.636  1.00 26.59 ? 1935 LEU A CG  1 
ATOM   643  C CD1 . LEU A 1 80  ? 4.298   0.703   -7.753  1.00 29.38 ? 1935 LEU A CD1 1 
ATOM   644  C CD2 . LEU A 1 80  ? 4.717   -1.364  -6.362  1.00 27.29 ? 1935 LEU A CD2 1 
ATOM   645  N N   . VAL A 1 81  ? 0.392   0.955   -5.109  1.00 24.22 ? 1936 VAL A N   1 
ATOM   646  C CA  . VAL A 1 81  ? -0.982  0.705   -5.523  1.00 22.99 ? 1936 VAL A CA  1 
ATOM   647  C C   . VAL A 1 81  ? -1.613  1.992   -6.073  1.00 22.75 ? 1936 VAL A C   1 
ATOM   648  O O   . VAL A 1 81  ? -2.215  1.994   -7.136  1.00 24.55 ? 1936 VAL A O   1 
ATOM   649  C CB  . VAL A 1 81  ? -1.867  0.172   -4.332  1.00 19.77 ? 1936 VAL A CB  1 
ATOM   650  C CG1 . VAL A 1 81  ? -3.322  0.050   -4.761  1.00 20.23 ? 1936 VAL A CG1 1 
ATOM   651  C CG2 . VAL A 1 81  ? -1.319  -1.195  -3.819  1.00 18.50 ? 1936 VAL A CG2 1 
ATOM   652  N N   . PHE A 1 82  ? -1.470  3.097   -5.353  1.00 21.19 ? 1937 PHE A N   1 
ATOM   653  C CA  . PHE A 1 82  ? -2.145  4.329   -5.791  1.00 19.89 ? 1937 PHE A CA  1 
ATOM   654  C C   . PHE A 1 82  ? -1.370  5.059   -6.888  1.00 26.03 ? 1937 PHE A C   1 
ATOM   655  O O   . PHE A 1 82  ? -1.978  5.718   -7.728  1.00 27.33 ? 1937 PHE A O   1 
ATOM   656  C CB  . PHE A 1 82  ? -2.401  5.233   -4.573  1.00 25.36 ? 1937 PHE A CB  1 
ATOM   657  C CG  . PHE A 1 82  ? -3.087  4.505   -3.460  1.00 21.21 ? 1937 PHE A CG  1 
ATOM   658  C CD1 . PHE A 1 82  ? -4.215  3.752   -3.728  1.00 21.76 ? 1937 PHE A CD1 1 
ATOM   659  C CD2 . PHE A 1 82  ? -2.569  4.518   -2.174  1.00 29.48 ? 1937 PHE A CD2 1 
ATOM   660  C CE1 . PHE A 1 82  ? -4.869  3.024   -2.720  1.00 24.99 ? 1937 PHE A CE1 1 
ATOM   661  C CE2 . PHE A 1 82  ? -3.200  3.797   -1.149  1.00 24.44 ? 1937 PHE A CE2 1 
ATOM   662  C CZ  . PHE A 1 82  ? -4.346  3.051   -1.419  1.00 25.07 ? 1937 PHE A CZ  1 
ATOM   663  N N   . ASP A 1 83  ? -0.047  4.910   -6.916  1.00 25.24 ? 1938 ASP A N   1 
ATOM   664  C CA  . ASP A 1 83  ? 0.735   5.472   -8.019  1.00 27.54 ? 1938 ASP A CA  1 
ATOM   665  C C   . ASP A 1 83  ? 0.395   4.756   -9.343  1.00 29.11 ? 1938 ASP A C   1 
ATOM   666  O O   . ASP A 1 83  ? 0.220   5.415   -10.373 1.00 31.16 ? 1938 ASP A O   1 
ATOM   667  C CB  . ASP A 1 83  ? 2.243   5.397   -7.742  1.00 26.79 ? 1938 ASP A CB  1 
ATOM   668  C CG  . ASP A 1 83  ? 2.682   6.318   -6.624  1.00 29.93 ? 1938 ASP A CG  1 
ATOM   669  O OD1 . ASP A 1 83  ? 1.912   7.230   -6.256  1.00 31.19 ? 1938 ASP A OD1 1 
ATOM   670  O OD2 . ASP A 1 83  ? 3.807   6.130   -6.110  1.00 32.01 ? 1938 ASP A OD2 1 
ATOM   671  N N   . ASN A 1 84  ? 0.276   3.424   -9.308  1.00 25.61 ? 1939 ASN A N   1 
ATOM   672  C CA  . ASN A 1 84  ? -0.179  2.646   -10.470 1.00 31.00 ? 1939 ASN A CA  1 
ATOM   673  C C   . ASN A 1 84  ? -1.567  3.076   -10.917 1.00 30.59 ? 1939 ASN A C   1 
ATOM   674  O O   . ASN A 1 84  ? -1.829  3.228   -12.119 1.00 28.89 ? 1939 ASN A O   1 
ATOM   675  C CB  . ASN A 1 84  ? -0.210  1.133   -10.181 1.00 23.43 ? 1939 ASN A CB  1 
ATOM   676  C CG  . ASN A 1 84  ? 1.191   0.514   -10.061 1.00 26.95 ? 1939 ASN A CG  1 
ATOM   677  O OD1 . ASN A 1 84  ? 2.192   1.116   -10.449 1.00 29.58 ? 1939 ASN A OD1 1 
ATOM   678  N ND2 . ASN A 1 84  ? 1.249   -0.711  -9.544  1.00 25.94 ? 1939 ASN A ND2 1 
ATOM   679  N N   . CYS A 1 85  ? -2.468  3.246   -9.950  1.00 24.62 ? 1940 CYS A N   1 
ATOM   680  C CA  . CYS A 1 85  ? -3.830  3.688   -10.253 1.00 25.11 ? 1940 CYS A CA  1 
ATOM   681  C C   . CYS A 1 85  ? -3.858  5.015   -11.006 1.00 30.32 ? 1940 CYS A C   1 
ATOM   682  O O   . CYS A 1 85  ? -4.595  5.157   -11.988 1.00 30.14 ? 1940 CYS A O   1 
ATOM   683  C CB  . CYS A 1 85  ? -4.662  3.818   -8.965  1.00 21.89 ? 1940 CYS A CB  1 
ATOM   684  S SG  . CYS A 1 85  ? -6.423  4.248   -9.235  1.00 26.24 ? 1940 CYS A SG  1 
ATOM   685  N N   . GLU A 1 86  ? -3.059  5.975   -10.543 1.00 27.84 ? 1941 GLU A N   1 
ATOM   686  C CA  . GLU A 1 86  ? -2.996  7.300   -11.173 1.00 32.72 ? 1941 GLU A CA  1 
ATOM   687  C C   . GLU A 1 86  ? -2.437  7.262   -12.577 1.00 41.40 ? 1941 GLU A C   1 
ATOM   688  O O   . GLU A 1 86  ? -2.836  8.042   -13.438 1.00 44.30 ? 1941 GLU A O   1 
ATOM   689  C CB  . GLU A 1 86  ? -2.131  8.248   -10.358 1.00 33.70 ? 1941 GLU A CB  1 
ATOM   690  C CG  . GLU A 1 86  ? -2.908  9.238   -9.549  1.00 46.28 ? 1941 GLU A CG  1 
ATOM   691  C CD  . GLU A 1 86  ? -2.009  10.294  -8.963  1.00 49.27 ? 1941 GLU A CD  1 
ATOM   692  O OE1 . GLU A 1 86  ? -1.476  11.114  -9.745  1.00 60.21 ? 1941 GLU A OE1 1 
ATOM   693  O OE2 . GLU A 1 86  ? -1.819  10.289  -7.729  1.00 46.44 ? 1941 GLU A OE2 1 
ATOM   694  N N   . THR A 1 87  ? -1.474  6.381   -12.783 1.00 34.85 ? 1942 THR A N   1 
ATOM   695  C CA  . THR A 1 87  ? -0.846  6.229   -14.080 1.00 38.95 ? 1942 THR A CA  1 
ATOM   696  C C   . THR A 1 87  ? -1.821  5.708   -15.128 1.00 48.11 ? 1942 THR A C   1 
ATOM   697  O O   . THR A 1 87  ? -1.806  6.170   -16.273 1.00 42.13 ? 1942 THR A O   1 
ATOM   698  C CB  . THR A 1 87  ? 0.361   5.278   -14.005 1.00 39.87 ? 1942 THR A CB  1 
ATOM   699  O OG1 . THR A 1 87  ? 1.413   5.896   -13.256 1.00 46.48 ? 1942 THR A OG1 1 
ATOM   700  C CG2 . THR A 1 87  ? 0.861   4.932   -15.396 1.00 42.72 ? 1942 THR A CG2 1 
ATOM   701  N N   . PHE A 1 88  ? -2.676  4.762   -14.743 1.00 31.88 ? 1943 PHE A N   1 
ATOM   702  C CA  . PHE A 1 88  ? -3.480  4.048   -15.722 1.00 33.73 ? 1943 PHE A CA  1 
ATOM   703  C C   . PHE A 1 88  ? -4.910  4.570   -15.858 1.00 34.33 ? 1943 PHE A C   1 
ATOM   704  O O   . PHE A 1 88  ? -5.558  4.335   -16.873 1.00 40.44 ? 1943 PHE A O   1 
ATOM   705  C CB  . PHE A 1 88  ? -3.514  2.561   -15.379 1.00 32.26 ? 1943 PHE A CB  1 
ATOM   706  C CG  . PHE A 1 88  ? -3.841  1.677   -16.545 1.00 30.02 ? 1943 PHE A CG  1 
ATOM   707  C CD1 . PHE A 1 88  ? -2.871  1.363   -17.490 1.00 35.60 ? 1943 PHE A CD1 1 
ATOM   708  C CD2 . PHE A 1 88  ? -5.118  1.147   -16.695 1.00 37.95 ? 1943 PHE A CD2 1 
ATOM   709  C CE1 . PHE A 1 88  ? -3.175  0.537   -18.572 1.00 34.72 ? 1943 PHE A CE1 1 
ATOM   710  C CE2 . PHE A 1 88  ? -5.426  0.330   -17.773 1.00 39.35 ? 1943 PHE A CE2 1 
ATOM   711  C CZ  . PHE A 1 88  ? -4.450  0.022   -18.713 1.00 33.48 ? 1943 PHE A CZ  1 
ATOM   712  N N   . ASN A 1 89  ? -5.399  5.271   -14.842 1.00 29.73 ? 1944 ASN A N   1 
ATOM   713  C CA  . ASN A 1 89  ? -6.785  5.720   -14.816 1.00 26.62 ? 1944 ASN A CA  1 
ATOM   714  C C   . ASN A 1 89  ? -6.907  7.239   -14.858 1.00 36.79 ? 1944 ASN A C   1 
ATOM   715  O O   . ASN A 1 89  ? -6.105  7.957   -14.262 1.00 36.85 ? 1944 ASN A O   1 
ATOM   716  C CB  . ASN A 1 89  ? -7.487  5.185   -13.560 1.00 31.28 ? 1944 ASN A CB  1 
ATOM   717  C CG  . ASN A 1 89  ? -7.572  3.674   -13.540 1.00 36.14 ? 1944 ASN A CG  1 
ATOM   718  O OD1 . ASN A 1 89  ? -8.561  3.088   -13.997 1.00 32.93 ? 1944 ASN A OD1 1 
ATOM   719  N ND2 . ASN A 1 89  ? -6.544  3.032   -13.000 1.00 29.48 ? 1944 ASN A ND2 1 
ATOM   720  N N   . GLU A 1 90  ? -7.929  7.731   -15.551 1.00 43.62 ? 1945 GLU A N   1 
ATOM   721  C CA  . GLU A 1 90  ? -8.202  9.161   -15.561 1.00 40.48 ? 1945 GLU A CA  1 
ATOM   722  C C   . GLU A 1 90  ? -8.692  9.615   -14.192 1.00 38.94 ? 1945 GLU A C   1 
ATOM   723  O O   . GLU A 1 90  ? -9.416  8.882   -13.520 1.00 38.48 ? 1945 GLU A O   1 
ATOM   724  C CB  A GLU A 1 90  ? -9.200  9.497   -16.675 0.57 46.55 ? 1945 GLU A CB  1 
ATOM   725  C CB  B GLU A 1 90  ? -9.262  9.494   -16.612 0.43 46.53 ? 1945 GLU A CB  1 
ATOM   726  C CG  A GLU A 1 90  ? -8.764  8.921   -18.024 0.57 45.43 ? 1945 GLU A CG  1 
ATOM   727  C CG  B GLU A 1 90  ? -8.826  9.318   -18.044 0.43 45.86 ? 1945 GLU A CG  1 
ATOM   728  C CD  A GLU A 1 90  ? -9.603  9.388   -19.197 0.57 48.42 ? 1945 GLU A CD  1 
ATOM   729  C CD  B GLU A 1 90  ? -8.111  10.531  -18.582 0.43 46.52 ? 1945 GLU A CD  1 
ATOM   730  O OE1 A GLU A 1 90  ? -9.940  10.587  -19.250 0.57 48.35 ? 1945 GLU A OE1 1 
ATOM   731  O OE1 B GLU A 1 90  ? -7.711  11.401  -17.778 0.43 50.92 ? 1945 GLU A OE1 1 
ATOM   732  O OE2 A GLU A 1 90  ? -9.925  8.550   -20.066 0.57 48.15 ? 1945 GLU A OE2 1 
ATOM   733  O OE2 B GLU A 1 90  ? -7.964  10.628  -19.816 0.43 49.12 ? 1945 GLU A OE2 1 
ATOM   734  N N   . ASP A 1 91  ? -8.299  10.819  -13.777 1.00 43.34 ? 1946 ASP A N   1 
ATOM   735  C CA  . ASP A 1 91  ? -8.749  11.364  -12.491 1.00 41.83 ? 1946 ASP A CA  1 
ATOM   736  C C   . ASP A 1 91  ? -10.271 11.422  -12.420 1.00 47.66 ? 1946 ASP A C   1 
ATOM   737  O O   . ASP A 1 91  ? -10.873 11.213  -11.363 1.00 36.20 ? 1946 ASP A O   1 
ATOM   738  C CB  . ASP A 1 91  ? -8.161  12.757  -12.251 1.00 46.37 ? 1946 ASP A CB  1 
ATOM   739  C CG  . ASP A 1 91  ? -6.666  12.726  -12.030 1.00 55.09 ? 1946 ASP A CG  1 
ATOM   740  O OD1 . ASP A 1 91  ? -6.163  11.663  -11.625 1.00 51.51 ? 1946 ASP A OD1 1 
ATOM   741  O OD2 . ASP A 1 91  ? -5.991  13.756  -12.248 1.00 51.12 ? 1946 ASP A OD2 1 
ATOM   742  N N   . ASP A 1 92  ? -10.892 11.685  -13.566 1.00 48.42 ? 1947 ASP A N   1 
ATOM   743  C CA  . ASP A 1 92  ? -12.341 11.788  -13.646 1.00 46.17 ? 1947 ASP A CA  1 
ATOM   744  C C   . ASP A 1 92  ? -12.962 10.432  -13.996 1.00 49.71 ? 1947 ASP A C   1 
ATOM   745  O O   . ASP A 1 92  ? -13.642 10.279  -15.004 1.00 52.67 ? 1947 ASP A O   1 
ATOM   746  C CB  . ASP A 1 92  ? -12.720 12.859  -14.673 1.00 48.84 ? 1947 ASP A CB  1 
ATOM   747  C CG  . ASP A 1 92  ? -14.207 13.094  -14.759 1.00 54.58 ? 1947 ASP A CG  1 
ATOM   748  O OD1 . ASP A 1 92  ? -14.959 12.592  -13.896 1.00 54.41 ? 1947 ASP A OD1 1 
ATOM   749  O OD2 . ASP A 1 92  ? -14.620 13.797  -15.706 1.00 65.86 ? 1947 ASP A OD2 1 
ATOM   750  N N   . SER A 1 93  ? -12.705 9.440   -13.156 1.00 43.11 ? 1948 SER A N   1 
ATOM   751  C CA  . SER A 1 93  ? -13.306 8.129   -13.321 1.00 36.67 ? 1948 SER A CA  1 
ATOM   752  C C   . SER A 1 93  ? -13.591 7.588   -11.936 1.00 36.73 ? 1948 SER A C   1 
ATOM   753  O O   . SER A 1 93  ? -13.043 8.099   -10.964 1.00 39.26 ? 1948 SER A O   1 
ATOM   754  C CB  . SER A 1 93  ? -12.386 7.198   -14.109 1.00 40.32 ? 1948 SER A CB  1 
ATOM   755  O OG  . SER A 1 93  ? -11.155 6.998   -13.436 1.00 40.37 ? 1948 SER A OG  1 
ATOM   756  N N   . ASP A 1 94  ? -14.448 6.577   -11.830 1.00 34.31 ? 1949 ASP A N   1 
ATOM   757  C CA  . ASP A 1 94  ? -14.761 6.016   -10.519 1.00 33.67 ? 1949 ASP A CA  1 
ATOM   758  C C   . ASP A 1 94  ? -13.494 5.465   -9.868  1.00 30.63 ? 1949 ASP A C   1 
ATOM   759  O O   . ASP A 1 94  ? -13.241 5.702   -8.690  1.00 29.38 ? 1949 ASP A O   1 
ATOM   760  C CB  . ASP A 1 94  ? -15.805 4.910   -10.617 1.00 38.24 ? 1949 ASP A CB  1 
ATOM   761  C CG  . ASP A 1 94  ? -17.163 5.424   -11.063 1.00 51.51 ? 1949 ASP A CG  1 
ATOM   762  O OD1 . ASP A 1 94  ? -17.862 6.049   -10.234 1.00 38.31 ? 1949 ASP A OD1 1 
ATOM   763  O OD2 . ASP A 1 94  ? -17.528 5.187   -12.240 1.00 50.16 ? 1949 ASP A OD2 1 
ATOM   764  N N   . ILE A 1 95  ? -12.710 4.725   -10.647 1.00 30.34 ? 1950 ILE A N   1 
ATOM   765  C CA  . ILE A 1 95  ? -11.477 4.110   -10.144 1.00 28.72 ? 1950 ILE A CA  1 
ATOM   766  C C   . ILE A 1 95  ? -10.399 5.163   -9.854  1.00 28.26 ? 1950 ILE A C   1 
ATOM   767  O O   . ILE A 1 95  ? -9.688  5.096   -8.842  1.00 27.93 ? 1950 ILE A O   1 
ATOM   768  C CB  . ILE A 1 95  ? -10.951 3.057   -11.145 1.00 29.53 ? 1950 ILE A CB  1 
ATOM   769  C CG1 . ILE A 1 95  ? -11.899 1.861   -11.181 1.00 29.26 ? 1950 ILE A CG1 1 
ATOM   770  C CG2 . ILE A 1 95  ? -9.540  2.613   -10.784 1.00 26.96 ? 1950 ILE A CG2 1 
ATOM   771  C CD1 . ILE A 1 95  ? -11.462 0.767   -12.165 1.00 30.42 ? 1950 ILE A CD1 1 
ATOM   772  N N   . GLY A 1 96  ? -10.302 6.171   -10.716 1.00 30.07 ? 1951 GLY A N   1 
ATOM   773  C CA  . GLY A 1 96  ? -9.393  7.270   -10.464 1.00 27.04 ? 1951 GLY A CA  1 
ATOM   774  C C   . GLY A 1 96  ? -9.696  7.987   -9.158  1.00 30.10 ? 1951 GLY A C   1 
ATOM   775  O O   . GLY A 1 96  ? -8.787  8.280   -8.381  1.00 29.26 ? 1951 GLY A O   1 
ATOM   776  N N   . ARG A 1 97  ? -10.975 8.256   -8.904  1.00 29.60 ? 1952 ARG A N   1 
ATOM   777  C CA  . ARG A 1 97  ? -11.381 8.915   -7.667  1.00 32.66 ? 1952 ARG A CA  1 
ATOM   778  C C   . ARG A 1 97  ? -11.170 8.013   -6.470  1.00 30.07 ? 1952 ARG A C   1 
ATOM   779  O O   . ARG A 1 97  ? -10.789 8.470   -5.393  1.00 28.54 ? 1952 ARG A O   1 
ATOM   780  C CB  . ARG A 1 97  ? -12.851 9.343   -7.722  1.00 37.16 ? 1952 ARG A CB  1 
ATOM   781  C CG  . ARG A 1 97  ? -13.096 10.643  -8.463  1.00 40.55 ? 1952 ARG A CG  1 
ATOM   782  C CD  . ARG A 1 97  ? -14.560 11.062  -8.371  1.00 40.62 ? 1952 ARG A CD  1 
ATOM   783  N NE  . ARG A 1 97  ? -15.436 10.231  -9.190  1.00 46.01 ? 1952 ARG A NE  1 
ATOM   784  C CZ  . ARG A 1 97  ? -15.619 10.419  -10.492 1.00 48.70 ? 1952 ARG A CZ  1 
ATOM   785  N NH1 . ARG A 1 97  ? -16.428 9.619   -11.183 1.00 49.07 ? 1952 ARG A NH1 1 
ATOM   786  N NH2 . ARG A 1 97  ? -14.974 11.401  -11.105 1.00 42.67 ? 1952 ARG A NH2 1 
ATOM   787  N N   . ALA A 1 98  ? -11.429 6.726   -6.657  1.00 26.26 ? 1953 ALA A N   1 
ATOM   788  C CA  . ALA A 1 98  ? -11.243 5.763   -5.592  1.00 27.80 ? 1953 ALA A CA  1 
ATOM   789  C C   . ALA A 1 98  ? -9.777  5.755   -5.132  1.00 29.48 ? 1953 ALA A C   1 
ATOM   790  O O   . ALA A 1 98  ? -9.500  5.713   -3.930  1.00 28.30 ? 1953 ALA A O   1 
ATOM   791  C CB  . ALA A 1 98  ? -11.667 4.384   -6.040  1.00 24.81 ? 1953 ALA A CB  1 
ATOM   792  N N   . GLY A 1 99  ? -8.855  5.808   -6.090  1.00 27.20 ? 1954 GLY A N   1 
ATOM   793  C CA  . GLY A 1 99  ? -7.433  5.835   -5.788  1.00 27.43 ? 1954 GLY A CA  1 
ATOM   794  C C   . GLY A 1 99  ? -7.037  7.044   -4.963  1.00 32.15 ? 1954 GLY A C   1 
ATOM   795  O O   . GLY A 1 99  ? -6.325  6.931   -3.960  1.00 26.75 ? 1954 GLY A O   1 
ATOM   796  N N   . HIS A 1 100 ? -7.516  8.217   -5.369  1.00 27.93 ? 1955 HIS A N   1 
ATOM   797  C CA  . HIS A 1 100 ? -7.199  9.432   -4.628  1.00 29.90 ? 1955 HIS A CA  1 
ATOM   798  C C   . HIS A 1 100 ? -7.750  9.372   -3.221  1.00 29.01 ? 1955 HIS A C   1 
ATOM   799  O O   . HIS A 1 100 ? -7.044  9.723   -2.280  1.00 33.05 ? 1955 HIS A O   1 
ATOM   800  C CB  . HIS A 1 100 ? -7.732  10.670  -5.363  1.00 30.72 ? 1955 HIS A CB  1 
ATOM   801  C CG  . HIS A 1 100 ? -6.926  11.021  -6.568  1.00 34.93 ? 1955 HIS A CG  1 
ATOM   802  N ND1 . HIS A 1 100 ? -5.602  11.398  -6.492  1.00 43.36 ? 1955 HIS A ND1 1 
ATOM   803  C CD2 . HIS A 1 100 ? -7.244  11.021  -7.884  1.00 38.94 ? 1955 HIS A CD2 1 
ATOM   804  C CE1 . HIS A 1 100 ? -5.144  11.625  -7.710  1.00 46.90 ? 1955 HIS A CE1 1 
ATOM   805  N NE2 . HIS A 1 100 ? -6.120  11.402  -8.572  1.00 42.61 ? 1955 HIS A NE2 1 
ATOM   806  N N   . ASN A 1 101 ? -9.003  8.930   -3.084  1.00 29.27 ? 1956 ASN A N   1 
ATOM   807  C CA  . ASN A 1 101 ? -9.653  8.774   -1.785  1.00 29.95 ? 1956 ASN A CA  1 
ATOM   808  C C   . ASN A 1 101 ? -8.878  7.829   -0.860  1.00 32.74 ? 1956 ASN A C   1 
ATOM   809  O O   . ASN A 1 101 ? -8.636  8.141   0.308   1.00 28.92 ? 1956 ASN A O   1 
ATOM   810  C CB  . ASN A 1 101 ? -11.074 8.229   -1.946  1.00 30.15 ? 1956 ASN A CB  1 
ATOM   811  C CG  . ASN A 1 101 ? -12.076 9.279   -2.414  1.00 33.46 ? 1956 ASN A CG  1 
ATOM   812  O OD1 . ASN A 1 101 ? -11.729 10.439  -2.643  1.00 35.87 ? 1956 ASN A OD1 1 
ATOM   813  N ND2 . ASN A 1 101 ? -13.330 8.860   -2.570  1.00 33.61 ? 1956 ASN A ND2 1 
ATOM   814  N N   . MET A 1 102 ? -8.519  6.654   -1.380  1.00 27.26 ? 1957 MET A N   1 
ATOM   815  C CA  . MET A 1 102 ? -7.793  5.673   -0.572  1.00 28.11 ? 1957 MET A CA  1 
ATOM   816  C C   . MET A 1 102 ? -6.394  6.157   -0.199  1.00 21.48 ? 1957 MET A C   1 
ATOM   817  O O   . MET A 1 102 ? -5.894  5.820   0.888   1.00 26.77 ? 1957 MET A O   1 
ATOM   818  C CB  . MET A 1 102 ? -7.692  4.321   -1.303  1.00 22.92 ? 1957 MET A CB  1 
ATOM   819  C CG  . MET A 1 102 ? -9.004  3.626   -1.538  1.00 28.81 ? 1957 MET A CG  1 
ATOM   820  S SD  . MET A 1 102 ? -9.924  3.212   -0.069  1.00 39.97 ? 1957 MET A SD  1 
ATOM   821  C CE  . MET A 1 102 ? -8.798  2.168   0.858   1.00 31.32 ? 1957 MET A CE  1 
ATOM   822  N N   . ARG A 1 103 ? -5.742  6.917   -1.073  1.00 23.60 ? 1958 ARG A N   1 
ATOM   823  C CA  . ARG A 1 103 ? -4.411  7.437   -0.741  1.00 24.13 ? 1958 ARG A CA  1 
ATOM   824  C C   . ARG A 1 103 ? -4.510  8.396   0.439   1.00 34.66 ? 1958 ARG A C   1 
ATOM   825  O O   . ARG A 1 103 ? -3.716  8.330   1.381   1.00 27.27 ? 1958 ARG A O   1 
ATOM   826  C CB  . ARG A 1 103 ? -3.750  8.153   -1.919  1.00 28.18 ? 1958 ARG A CB  1 
ATOM   827  C CG  . ARG A 1 103 ? -2.341  8.640   -1.595  1.00 28.88 ? 1958 ARG A CG  1 
ATOM   828  C CD  . ARG A 1 103 ? -1.809  9.644   -2.627  1.00 26.40 ? 1958 ARG A CD  1 
ATOM   829  N NE  . ARG A 1 103 ? -1.762  9.121   -3.993  1.00 32.30 ? 1958 ARG A NE  1 
ATOM   830  C CZ  . ARG A 1 103 ? -0.713  8.500   -4.525  1.00 31.35 ? 1958 ARG A CZ  1 
ATOM   831  N NH1 . ARG A 1 103 ? 0.380   8.276   -3.795  1.00 30.70 ? 1958 ARG A NH1 1 
ATOM   832  N NH2 . ARG A 1 103 ? -0.760  8.091   -5.790  1.00 30.68 ? 1958 ARG A NH2 1 
ATOM   833  N N   . LYS A 1 104 ? -5.499  9.285   0.381   1.00 31.11 ? 1959 LYS A N   1 
ATOM   834  C CA  . LYS A 1 104 ? -5.758  10.210  1.478   1.00 31.43 ? 1959 LYS A CA  1 
ATOM   835  C C   . LYS A 1 104 ? -6.050  9.469   2.773   1.00 31.29 ? 1959 LYS A C   1 
ATOM   836  O O   . LYS A 1 104 ? -5.511  9.800   3.827   1.00 35.28 ? 1959 LYS A O   1 
ATOM   837  C CB  . LYS A 1 104 ? -6.923  11.122  1.132   1.00 34.67 ? 1959 LYS A CB  1 
ATOM   838  C CG  . LYS A 1 104 ? -6.991  12.391  1.965   1.00 47.31 ? 1959 LYS A CG  1 
ATOM   839  C CD  . LYS A 1 104 ? -5.873  13.344  1.577   1.00 52.62 ? 1959 LYS A CD  1 
ATOM   840  C CE  . LYS A 1 104 ? -6.021  14.692  2.273   1.00 55.57 ? 1959 LYS A CE  1 
ATOM   841  N NZ  . LYS A 1 104 ? -6.264  14.562  3.741   1.00 61.70 ? 1959 LYS A NZ  1 
ATOM   842  N N   . TYR A 1 105 ? -6.905  8.458   2.690   1.00 26.58 ? 1960 TYR A N   1 
ATOM   843  C CA  . TYR A 1 105 ? -7.263  7.658   3.837   1.00 26.45 ? 1960 TYR A CA  1 
ATOM   844  C C   . TYR A 1 105 ? -6.008  7.017   4.439   1.00 33.59 ? 1960 TYR A C   1 
ATOM   845  O O   . TYR A 1 105 ? -5.782  7.066   5.651   1.00 32.30 ? 1960 TYR A O   1 
ATOM   846  C CB  . TYR A 1 105 ? -8.289  6.593   3.424   1.00 26.56 ? 1960 TYR A CB  1 
ATOM   847  C CG  . TYR A 1 105 ? -8.943  5.829   4.544   1.00 31.07 ? 1960 TYR A CG  1 
ATOM   848  C CD1 . TYR A 1 105 ? -9.864  6.439   5.395   1.00 30.90 ? 1960 TYR A CD1 1 
ATOM   849  C CD2 . TYR A 1 105 ? -8.682  4.487   4.725   1.00 28.26 ? 1960 TYR A CD2 1 
ATOM   850  C CE1 . TYR A 1 105 ? -10.479 5.725   6.401   1.00 28.80 ? 1960 TYR A CE1 1 
ATOM   851  C CE2 . TYR A 1 105 ? -9.288  3.770   5.723   1.00 38.21 ? 1960 TYR A CE2 1 
ATOM   852  C CZ  . TYR A 1 105 ? -10.183 4.389   6.565   1.00 39.10 ? 1960 TYR A CZ  1 
ATOM   853  O OH  . TYR A 1 105 ? -10.778 3.648   7.560   1.00 45.93 ? 1960 TYR A OH  1 
ATOM   854  N N   . PHE A 1 106 ? -5.175  6.430   3.586   1.00 28.71 ? 1961 PHE A N   1 
ATOM   855  C CA  . PHE A 1 106 ? -3.967  5.757   4.075   1.00 27.47 ? 1961 PHE A CA  1 
ATOM   856  C C   . PHE A 1 106 ? -2.994  6.711   4.790   1.00 29.05 ? 1961 PHE A C   1 
ATOM   857  O O   . PHE A 1 106 ? -2.522  6.419   5.899   1.00 27.84 ? 1961 PHE A O   1 
ATOM   858  C CB  . PHE A 1 106 ? -3.234  5.063   2.921   1.00 27.67 ? 1961 PHE A CB  1 
ATOM   859  C CG  . PHE A 1 106 ? -1.856  4.587   3.301   1.00 26.48 ? 1961 PHE A CG  1 
ATOM   860  C CD1 . PHE A 1 106 ? -1.690  3.536   4.195   1.00 24.19 ? 1961 PHE A CD1 1 
ATOM   861  C CD2 . PHE A 1 106 ? -0.737  5.205   2.789   1.00 24.05 ? 1961 PHE A CD2 1 
ATOM   862  C CE1 . PHE A 1 106 ? -0.413  3.103   4.562   1.00 22.50 ? 1961 PHE A CE1 1 
ATOM   863  C CE2 . PHE A 1 106 ? 0.550   4.774   3.157   1.00 26.00 ? 1961 PHE A CE2 1 
ATOM   864  C CZ  . PHE A 1 106 ? 0.693   3.722   4.048   1.00 24.01 ? 1961 PHE A CZ  1 
ATOM   865  N N   . GLU A 1 107 ? -2.707  7.844   4.168   1.00 27.40 ? 1962 GLU A N   1 
ATOM   866  C CA  . GLU A 1 107 ? -1.655  8.728   4.669   1.00 29.64 ? 1962 GLU A CA  1 
ATOM   867  C C   . GLU A 1 107 ? -2.022  9.359   6.017   1.00 31.11 ? 1962 GLU A C   1 
ATOM   868  O O   . GLU A 1 107 ? -1.139  9.687   6.807   1.00 33.55 ? 1962 GLU A O   1 
ATOM   869  C CB  . GLU A 1 107 ? -1.320  9.809   3.641   1.00 29.14 ? 1962 GLU A CB  1 
ATOM   870  C CG  . GLU A 1 107 ? -0.696  9.310   2.319   1.00 31.89 ? 1962 GLU A CG  1 
ATOM   871  C CD  . GLU A 1 107 ? 0.677   8.637   2.474   1.00 30.93 ? 1962 GLU A CD  1 
ATOM   872  O OE1 . GLU A 1 107 ? 1.282   8.721   3.560   1.00 34.11 ? 1962 GLU A OE1 1 
ATOM   873  O OE2 . GLU A 1 107 ? 1.160   8.025   1.493   1.00 29.97 ? 1962 GLU A OE2 1 
ATOM   874  N N   . LYS A 1 108 ? -3.317  9.491   6.292   1.00 34.50 ? 1963 LYS A N   1 
ATOM   875  C CA  . LYS A 1 108 ? -3.776  9.965   7.599   1.00 35.40 ? 1963 LYS A CA  1 
ATOM   876  C C   . LYS A 1 108 ? -3.547  8.888   8.643   1.00 36.22 ? 1963 LYS A C   1 
ATOM   877  O O   . LYS A 1 108 ? -3.011  9.164   9.704   1.00 40.38 ? 1963 LYS A O   1 
ATOM   878  C CB  . LYS A 1 108 ? -5.261  10.362  7.561   1.00 38.53 ? 1963 LYS A CB  1 
ATOM   879  C CG  . LYS A 1 108 ? -5.859  10.716  8.926   1.00 45.94 ? 1963 LYS A CG  1 
ATOM   880  C CD  . LYS A 1 108 ? -5.693  12.194  9.260   1.00 56.27 ? 1963 LYS A CD  1 
ATOM   881  C CE  . LYS A 1 108 ? -6.149  12.515  10.699  1.00 57.97 ? 1963 LYS A CE  1 
ATOM   882  N NZ  . LYS A 1 108 ? -7.340  11.710  11.140  1.00 51.61 ? 1963 LYS A NZ  1 
ATOM   883  N N   . LYS A 1 109 ? -3.961  7.659   8.344   1.00 34.20 ? 1964 LYS A N   1 
ATOM   884  C CA  . LYS A 1 109 ? -3.692  6.548   9.245   1.00 34.05 ? 1964 LYS A CA  1 
ATOM   885  C C   . LYS A 1 109 ? -2.186  6.388   9.459   1.00 37.47 ? 1964 LYS A C   1 
ATOM   886  O O   . LYS A 1 109 ? -1.757  6.029   10.548  1.00 36.91 ? 1964 LYS A O   1 
ATOM   887  C CB  . LYS A 1 109 ? -4.266  5.235   8.710   1.00 34.90 ? 1964 LYS A CB  1 
ATOM   888  C CG  . LYS A 1 109 ? -5.755  5.244   8.425   1.00 37.38 ? 1964 LYS A CG  1 
ATOM   889  C CD  . LYS A 1 109 ? -6.570  5.139   9.696   1.00 52.95 ? 1964 LYS A CD  1 
ATOM   890  C CE  . LYS A 1 109 ? -8.038  4.867   9.380   1.00 46.81 ? 1964 LYS A CE  1 
ATOM   891  N NZ  . LYS A 1 109 ? -8.868  4.990   10.603  1.00 54.92 ? 1964 LYS A NZ  1 
ATOM   892  N N   . TRP A 1 110 ? -1.392  6.642   8.418   1.00 30.58 ? 1965 TRP A N   1 
ATOM   893  C CA  . TRP A 1 110 ? 0.062   6.469   8.519   1.00 32.17 ? 1965 TRP A CA  1 
ATOM   894  C C   . TRP A 1 110 ? 0.670   7.486   9.486   1.00 36.05 ? 1965 TRP A C   1 
ATOM   895  O O   . TRP A 1 110 ? 1.425   7.129   10.393  1.00 34.99 ? 1965 TRP A O   1 
ATOM   896  C CB  . TRP A 1 110 ? 0.741   6.583   7.150   1.00 27.43 ? 1965 TRP A CB  1 
ATOM   897  C CG  . TRP A 1 110 ? 2.199   6.126   7.181   1.00 30.68 ? 1965 TRP A CG  1 
ATOM   898  C CD1 . TRP A 1 110 ? 3.318   6.915   7.109   1.00 33.11 ? 1965 TRP A CD1 1 
ATOM   899  C CD2 . TRP A 1 110 ? 2.672   4.776   7.292   1.00 31.22 ? 1965 TRP A CD2 1 
ATOM   900  N NE1 . TRP A 1 110 ? 4.455   6.137   7.169   1.00 31.52 ? 1965 TRP A NE1 1 
ATOM   901  C CE2 . TRP A 1 110 ? 4.083   4.820   7.284   1.00 31.25 ? 1965 TRP A CE2 1 
ATOM   902  C CE3 . TRP A 1 110 ? 2.037   3.531   7.399   1.00 28.39 ? 1965 TRP A CE3 1 
ATOM   903  C CZ2 . TRP A 1 110 ? 4.869   3.666   7.373   1.00 28.76 ? 1965 TRP A CZ2 1 
ATOM   904  C CZ3 . TRP A 1 110 ? 2.815   2.392   7.489   1.00 31.77 ? 1965 TRP A CZ3 1 
ATOM   905  C CH2 . TRP A 1 110 ? 4.218   2.466   7.474   1.00 31.14 ? 1965 TRP A CH2 1 
ATOM   906  N N   . THR A 1 111 ? 0.326   8.750   9.288   1.00 37.73 ? 1966 THR A N   1 
ATOM   907  C CA  . THR A 1 111 ? 0.767   9.829   10.165  1.00 35.75 ? 1966 THR A CA  1 
ATOM   908  C C   . THR A 1 111 ? 0.353   9.617   11.618  1.00 45.31 ? 1966 THR A C   1 
ATOM   909  O O   . THR A 1 111 ? 1.182   9.697   12.525  1.00 50.06 ? 1966 THR A O   1 
ATOM   910  C CB  . THR A 1 111 ? 0.207   11.177  9.695   1.00 37.65 ? 1966 THR A CB  1 
ATOM   911  O OG1 . THR A 1 111 ? 0.688   11.450  8.378   1.00 42.85 ? 1966 THR A OG1 1 
ATOM   912  C CG2 . THR A 1 111 ? 0.654   12.288  10.624  1.00 52.59 ? 1966 THR A CG2 1 
ATOM   913  N N   . ASP A 1 112 ? -0.929  9.348   11.840  1.00 40.05 ? 1967 ASP A N   1 
ATOM   914  C CA  . ASP A 1 112 ? -1.451  9.218   13.194  1.00 41.11 ? 1967 ASP A CA  1 
ATOM   915  C C   . ASP A 1 112 ? -0.862  8.026   13.929  1.00 47.95 ? 1967 ASP A C   1 
ATOM   916  O O   . ASP A 1 112 ? -0.748  8.043   15.153  1.00 40.88 ? 1967 ASP A O   1 
ATOM   917  C CB  . ASP A 1 112 ? -2.976  9.088   13.185  1.00 42.29 ? 1967 ASP A CB  1 
ATOM   918  C CG  . ASP A 1 112 ? -3.676  10.303  12.593  1.00 42.69 ? 1967 ASP A CG  1 
ATOM   919  O OD1 . ASP A 1 112 ? -3.045  11.372  12.411  1.00 46.92 ? 1967 ASP A OD1 1 
ATOM   920  O OD2 . ASP A 1 112 ? -4.881  10.176  12.306  1.00 55.34 ? 1967 ASP A OD2 1 
ATOM   921  N N   . THR A 1 113 ? -0.509  6.979   13.192  1.00 39.62 ? 1968 THR A N   1 
ATOM   922  C CA  . THR A 1 113 ? -0.011  5.764   13.820  1.00 40.43 ? 1968 THR A CA  1 
ATOM   923  C C   . THR A 1 113 ? 1.491   5.831   14.113  1.00 38.01 ? 1968 THR A C   1 
ATOM   924  O O   . THR A 1 113 ? 1.947   5.293   15.118  1.00 44.47 ? 1968 THR A O   1 
ATOM   925  C CB  . THR A 1 113 ? -0.304  4.518   12.944  1.00 39.46 ? 1968 THR A CB  1 
ATOM   926  O OG1 . THR A 1 113 ? -1.714  4.403   12.722  1.00 41.42 ? 1968 THR A OG1 1 
ATOM   927  C CG2 . THR A 1 113 ? 0.176   3.250   13.621  1.00 40.46 ? 1968 THR A CG2 1 
ATOM   928  N N   . PHE A 1 114 ? 2.260   6.494   13.256  1.00 37.35 ? 1969 PHE A N   1 
ATOM   929  C CA  . PHE A 1 114 ? 3.715   6.411   13.357  1.00 43.01 ? 1969 PHE A CA  1 
ATOM   930  C C   . PHE A 1 114 ? 4.452   7.749   13.471  1.00 53.32 ? 1969 PHE A C   1 
ATOM   931  O O   . PHE A 1 114 ? 5.644   7.769   13.781  1.00 58.08 ? 1969 PHE A O   1 
ATOM   932  C CB  . PHE A 1 114 ? 4.280   5.641   12.153  1.00 45.45 ? 1969 PHE A CB  1 
ATOM   933  C CG  . PHE A 1 114 ? 3.853   4.196   12.092  1.00 39.11 ? 1969 PHE A CG  1 
ATOM   934  C CD1 . PHE A 1 114 ? 4.225   3.303   13.088  1.00 40.94 ? 1969 PHE A CD1 1 
ATOM   935  C CD2 . PHE A 1 114 ? 3.093   3.730   11.028  1.00 34.11 ? 1969 PHE A CD2 1 
ATOM   936  C CE1 . PHE A 1 114 ? 3.839   1.972   13.025  1.00 38.43 ? 1969 PHE A CE1 1 
ATOM   937  C CE2 . PHE A 1 114 ? 2.699   2.401   10.956  1.00 31.00 ? 1969 PHE A CE2 1 
ATOM   938  C CZ  . PHE A 1 114 ? 3.064   1.525   11.953  1.00 38.81 ? 1969 PHE A CZ  1 
ATOM   939  N N   . LYS A 1 115 ? 3.767   8.859   13.208  1.00 52.69 ? 1970 LYS A N   1 
ATOM   940  C CA  . LYS A 1 115 ? 4.406   10.177  13.294  1.00 64.06 ? 1970 LYS A CA  1 
ATOM   941  C C   . LYS A 1 115 ? 3.586   11.151  14.143  1.00 66.04 ? 1970 LYS A C   1 
ATOM   942  O O   . LYS A 1 115 ? 3.158   10.821  15.254  1.00 65.01 ? 1970 LYS A O   1 
ATOM   943  C CB  . LYS A 1 115 ? 4.629   10.762  11.893  1.00 58.98 ? 1970 LYS A CB  1 
HETATM 944  C C4  . 54W B 2 .   ? -9.244  -0.277  -15.705 0.86 48.28 ? 2001 54W A C4  1 
HETATM 945  C C5  . 54W B 2 .   ? -9.766  -1.513  -16.052 0.86 40.77 ? 2001 54W A C5  1 
HETATM 946  C C6  . 54W B 2 .   ? -10.430 -1.694  -17.254 0.86 43.78 ? 2001 54W A C6  1 
HETATM 947  C C7  . 54W B 2 .   ? -10.592 -0.634  -18.116 0.86 46.79 ? 2001 54W A C7  1 
HETATM 948  C C8  . 54W B 2 .   ? -10.076 0.598   -17.792 0.86 46.36 ? 2001 54W A C8  1 
HETATM 949  O O   . 54W B 2 .   ? -6.332  0.322   -12.308 0.86 26.68 ? 2001 54W A O   1 
HETATM 950  C C1  . 54W B 2 .   ? -6.957  -0.585  -11.761 0.86 28.31 ? 2001 54W A C1  1 
HETATM 951  C C   . 54W B 2 .   ? -6.850  -0.845  -10.288 0.86 35.33 ? 2001 54W A C   1 
HETATM 952  N N   . 54W B 2 .   ? -7.748  -1.402  -12.450 0.86 40.35 ? 2001 54W A N   1 
HETATM 953  C C2  . 54W B 2 .   ? -7.878  -1.362  -13.901 0.86 37.86 ? 2001 54W A C2  1 
HETATM 954  C C3  . 54W B 2 .   ? -8.531  -0.082  -14.391 0.86 41.69 ? 2001 54W A C3  1 
HETATM 955  C C9  . 54W B 2 .   ? -9.409  0.774   -16.590 0.86 49.81 ? 2001 54W A C9  1 
HETATM 956  C C1  . EDO C 3 .   ? -5.198  1.752   13.149  1.00 56.70 ? 2002 EDO A C1  1 
HETATM 957  O O1  . EDO C 3 .   ? -5.033  2.776   12.154  1.00 53.24 ? 2002 EDO A O1  1 
HETATM 958  C C2  . EDO C 3 .   ? -3.872  1.045   13.409  1.00 51.55 ? 2002 EDO A C2  1 
HETATM 959  O O2  . EDO C 3 .   ? -2.855  2.011   13.694  1.00 56.98 ? 2002 EDO A O2  1 
HETATM 960  O O   . HOH D 4 .   ? -6.242  -8.379  1.434   1.00 40.74 ? 2101 HOH A O   1 
HETATM 961  O O   . HOH D 4 .   ? 2.469   9.341   16.944  1.00 61.88 ? 2102 HOH A O   1 
HETATM 962  O O   . HOH D 4 .   ? 3.836   -5.327  -15.578 1.00 46.16 ? 2103 HOH A O   1 
HETATM 963  O O   . HOH D 4 .   ? -5.550  11.605  -2.138  1.00 42.46 ? 2104 HOH A O   1 
HETATM 964  O O   . HOH D 4 .   ? 32.937  5.853   15.940  1.00 36.65 ? 2105 HOH A O   1 
HETATM 965  O O   . HOH D 4 .   ? -17.990 6.218   2.795   1.00 45.50 ? 2106 HOH A O   1 
HETATM 966  O O   . HOH D 4 .   ? 7.172   6.819   4.911   1.00 43.39 ? 2107 HOH A O   1 
HETATM 967  O O   . HOH D 4 .   ? -15.828 5.404   -14.126 1.00 43.52 ? 2108 HOH A O   1 
HETATM 968  O O   . HOH D 4 .   ? -12.111 1.247   6.647   1.00 40.39 ? 2109 HOH A O   1 
HETATM 969  O O   . HOH D 4 .   ? 3.798   -15.720 0.727   1.00 38.08 ? 2110 HOH A O   1 
HETATM 970  O O   . HOH D 4 .   ? 1.662   10.264  5.583   1.00 38.69 ? 2111 HOH A O   1 
HETATM 971  O O   . HOH D 4 .   ? -1.434  -2.518  -9.738  1.00 25.46 ? 2112 HOH A O   1 
HETATM 972  O O   . HOH D 4 .   ? -3.884  0.417   -11.330 1.00 27.55 ? 2113 HOH A O   1 
HETATM 973  O O   . HOH D 4 .   ? -5.873  12.147  -19.523 1.00 56.97 ? 2114 HOH A O   1 
HETATM 974  O O   . HOH D 4 .   ? -3.968  -12.384 -4.548  1.00 48.30 ? 2115 HOH A O   1 
HETATM 975  O O   . HOH D 4 .   ? 5.423   10.185  16.406  1.00 70.03 ? 2116 HOH A O   1 
HETATM 976  O O   . HOH D 4 .   ? -0.220  8.039   -17.227 1.00 42.66 ? 2117 HOH A O   1 
HETATM 977  O O   . HOH D 4 .   ? -3.891  -2.265  -7.823  1.00 27.29 ? 2118 HOH A O   1 
HETATM 978  O O   . HOH D 4 .   ? -1.999  -6.146  -19.739 1.00 42.74 ? 2119 HOH A O   1 
HETATM 979  O O   . HOH D 4 .   ? -14.015 -3.006  0.933   1.00 34.50 ? 2120 HOH A O   1 
HETATM 980  O O   . HOH D 4 .   ? -1.051  -6.792  -7.870  1.00 30.35 ? 2121 HOH A O   1 
HETATM 981  O O   . HOH D 4 .   ? -6.139  7.853   12.086  1.00 47.49 ? 2122 HOH A O   1 
HETATM 982  O O   . HOH D 4 .   ? -6.064  -4.029  -8.228  1.00 22.43 ? 2123 HOH A O   1 
HETATM 983  O O   . HOH D 4 .   ? -10.097 12.042  -8.965  1.00 53.42 ? 2124 HOH A O   1 
HETATM 984  O O   . HOH D 4 .   ? 3.340   3.511   -10.560 1.00 40.01 ? 2125 HOH A O   1 
HETATM 985  O O   . HOH D 4 .   ? 13.216  -4.132  10.728  1.00 48.75 ? 2126 HOH A O   1 
HETATM 986  O O   . HOH D 4 .   ? 9.773   -1.475  11.173  1.00 29.04 ? 2127 HOH A O   1 
HETATM 987  O O   . HOH D 4 .   ? 6.486   -0.328  17.101  1.00 39.38 ? 2128 HOH A O   1 
HETATM 988  O O   . HOH D 4 .   ? -5.709  -6.663  11.341  1.00 49.75 ? 2129 HOH A O   1 
HETATM 989  O O   . HOH D 4 .   ? -6.840  -10.984 -10.565 1.00 43.76 ? 2130 HOH A O   1 
HETATM 990  O O   . HOH D 4 .   ? -3.776  9.004   -5.762  1.00 37.80 ? 2131 HOH A O   1 
HETATM 991  O O   . HOH D 4 .   ? -3.714  -12.314 0.436   1.00 40.03 ? 2132 HOH A O   1 
HETATM 992  O O   . HOH D 4 .   ? 5.343   3.945   -6.453  1.00 40.34 ? 2133 HOH A O   1 
HETATM 993  O O   . HOH D 4 .   ? 6.142   3.186   -3.937  1.00 30.49 ? 2134 HOH A O   1 
HETATM 994  O O   . HOH D 4 .   ? -8.583  -6.843  -13.553 1.00 37.23 ? 2135 HOH A O   1 
HETATM 995  O O   . HOH D 4 .   ? 6.997   -4.532  -4.390  1.00 35.41 ? 2136 HOH A O   1 
HETATM 996  O O   . HOH D 4 .   ? -4.907  12.328  4.561   1.00 44.96 ? 2137 HOH A O   1 
HETATM 997  O O   . HOH D 4 .   ? 4.850   7.499   -4.010  1.00 38.16 ? 2138 HOH A O   1 
HETATM 998  O O   . HOH D 4 .   ? -10.926 4.129   -14.859 1.00 39.36 ? 2139 HOH A O   1 
HETATM 999  O O   . HOH D 4 .   ? -6.075  8.933   -11.495 1.00 38.80 ? 2140 HOH A O   1 
HETATM 1000 O O   . HOH D 4 .   ? -7.636  -7.715  -0.609  1.00 39.89 ? 2141 HOH A O   1 
HETATM 1001 O O   . HOH D 4 .   ? 3.529   4.181   -12.886 1.00 54.40 ? 2142 HOH A O   1 
HETATM 1002 O O   . HOH D 4 .   ? 4.551   -14.202 -1.702  1.00 41.30 ? 2143 HOH A O   1 
HETATM 1003 O O   . HOH D 4 .   ? 7.328   6.993   8.051   1.00 45.96 ? 2144 HOH A O   1 
HETATM 1004 O O   . HOH D 4 .   ? 2.924   -7.993  -7.881  1.00 38.94 ? 2145 HOH A O   1 
HETATM 1005 O O   . HOH D 4 .   ? 8.443   -2.178  -0.867  1.00 32.94 ? 2146 HOH A O   1 
HETATM 1006 O O   . HOH D 4 .   ? 22.010  6.376   22.451  1.00 46.93 ? 2147 HOH A O   1 
HETATM 1007 O O   . HOH D 4 .   ? -1.613  -7.309  -11.942 1.00 32.28 ? 2148 HOH A O   1 
HETATM 1008 O O   . HOH D 4 .   ? 22.690  10.776  12.294  1.00 42.24 ? 2149 HOH A O   1 
HETATM 1009 O O   . HOH D 4 .   ? -2.952  -6.328  14.038  1.00 51.70 ? 2150 HOH A O   1 
HETATM 1010 O O   . HOH D 4 .   ? 5.241   -5.651  -8.551  1.00 39.23 ? 2151 HOH A O   1 
HETATM 1011 O O   . HOH D 4 .   ? 1.151   8.923   -1.140  1.00 36.96 ? 2152 HOH A O   1 
HETATM 1012 O O   . HOH D 4 .   ? -6.440  12.498  -15.554 1.00 54.55 ? 2153 HOH A O   1 
HETATM 1013 O O   . HOH D 4 .   ? -7.972  4.656   -18.230 1.00 46.90 ? 2154 HOH A O   1 
HETATM 1014 O O   . HOH D 4 .   ? 9.026   -1.992  -26.019 1.00 53.42 ? 2155 HOH A O   1 
HETATM 1015 O O   . HOH D 4 .   ? 12.136  1.953   13.122  1.00 44.09 ? 2156 HOH A O   1 
HETATM 1016 O O   . HOH D 4 .   ? 15.378  -2.674  7.713   1.00 47.34 ? 2157 HOH A O   1 
HETATM 1017 O O   . HOH D 4 .   ? -6.137  7.622   -8.998  1.00 32.46 ? 2158 HOH A O   1 
HETATM 1018 O O   . HOH D 4 .   ? 0.326   4.290   17.177  1.00 50.99 ? 2159 HOH A O   1 
HETATM 1019 O O   . HOH D 4 .   ? 25.717  8.057   15.551  1.00 36.26 ? 2160 HOH A O   1 
HETATM 1020 O O   . HOH D 4 .   ? 14.596  -6.253  8.782   1.00 48.32 ? 2161 HOH A O   1 
HETATM 1021 O O   . HOH D 4 .   ? 7.424   -1.018  -3.458  1.00 38.33 ? 2162 HOH A O   1 
HETATM 1022 O O   . HOH D 4 .   ? -3.859  0.252   -8.603  1.00 27.04 ? 2163 HOH A O   1 
HETATM 1023 O O   . HOH D 4 .   ? -7.461  4.070   12.866  1.00 57.21 ? 2164 HOH A O   1 
HETATM 1024 O O   . HOH D 4 .   ? -1.126  -9.970  7.983   1.00 37.05 ? 2165 HOH A O   1 
HETATM 1025 O O   . HOH D 4 .   ? -13.505 -5.889  -6.026  1.00 44.95 ? 2166 HOH A O   1 
HETATM 1026 O O   . HOH D 4 .   ? -9.961  -7.353  5.939   1.00 52.11 ? 2167 HOH A O   1 
HETATM 1027 O O   . HOH D 4 .   ? 8.670   -5.025  -1.253  1.00 40.76 ? 2168 HOH A O   1 
HETATM 1028 O O   . HOH D 4 .   ? -3.153  -11.250 -14.121 1.00 43.83 ? 2169 HOH A O   1 
HETATM 1029 O O   . HOH D 4 .   ? -10.307 -11.656 -13.624 1.00 53.68 ? 2170 HOH A O   1 
HETATM 1030 O O   . HOH D 4 .   ? -4.531  6.878   -7.129  1.00 28.82 ? 2171 HOH A O   1 
HETATM 1031 O O   . HOH D 4 .   ? -9.956  -5.799  -7.135  1.00 25.56 ? 2172 HOH A O   1 
HETATM 1032 O O   . HOH D 4 .   ? -20.142 7.796   -10.161 1.00 50.38 ? 2173 HOH A O   1 
HETATM 1033 O O   . HOH D 4 .   ? 4.697   0.278   -11.601 1.00 33.06 ? 2174 HOH A O   1 
HETATM 1034 O O   . HOH D 4 .   ? 9.972   4.374   20.625  1.00 59.78 ? 2175 HOH A O   1 
HETATM 1035 O O   . HOH D 4 .   ? -7.659  7.991   7.666   1.00 33.91 ? 2176 HOH A O   1 
HETATM 1036 O O   . HOH D 4 .   ? 7.422   3.658   18.244  1.00 54.28 ? 2177 HOH A O   1 
HETATM 1037 O O   . HOH D 4 .   ? -1.555  -12.091 -5.035  1.00 48.95 ? 2178 HOH A O   1 
HETATM 1038 O O   . HOH D 4 .   ? -1.801  -15.051 -1.557  1.00 52.39 ? 2179 HOH A O   1 
HETATM 1039 O O   . HOH D 4 .   ? -2.756  -13.760 2.714   1.00 46.01 ? 2180 HOH A O   1 
HETATM 1040 O O   . HOH D 4 .   ? -12.061 -6.768  1.733   1.00 43.47 ? 2181 HOH A O   1 
HETATM 1041 O O   . HOH D 4 .   ? 4.018   -6.461  15.853  1.00 38.22 ? 2182 HOH A O   1 
HETATM 1042 O O   . HOH D 4 .   ? -4.512  -11.683 -23.506 1.00 50.63 ? 2183 HOH A O   1 
HETATM 1043 O O   . HOH D 4 .   ? 2.372   10.145  -6.132  1.00 48.30 ? 2184 HOH A O   1 
HETATM 1044 O O   . HOH D 4 .   ? -13.397 3.858   -13.391 1.00 36.34 ? 2185 HOH A O   1 
HETATM 1045 O O   . HOH D 4 .   ? -2.337  -5.384  -9.931  1.00 25.84 ? 2186 HOH A O   1 
HETATM 1046 O O   . HOH D 4 .   ? -9.644  13.070  -15.887 1.00 48.21 ? 2187 HOH A O   1 
HETATM 1047 O O   . HOH D 4 .   ? 1.553   -14.747 9.860   1.00 45.10 ? 2188 HOH A O   1 
HETATM 1048 O O   . HOH D 4 .   ? -16.758 9.834   -14.137 1.00 51.37 ? 2189 HOH A O   1 
HETATM 1049 O O   . HOH D 4 .   ? -10.008 5.951   -16.755 1.00 38.15 ? 2190 HOH A O   1 
HETATM 1050 O O   . HOH D 4 .   ? 28.920  0.007   15.866  1.00 40.25 ? 2191 HOH A O   1 
HETATM 1051 O O   . HOH D 4 .   ? 6.476   -8.063  -4.700  1.00 42.23 ? 2192 HOH A O   1 
HETATM 1052 O O   . HOH D 4 .   ? -2.833  -13.739 5.109   1.00 44.79 ? 2193 HOH A O   1 
HETATM 1053 O O   . HOH D 4 .   ? 7.034   6.989   -0.436  1.00 37.05 ? 2194 HOH A O   1 
HETATM 1054 O O   . HOH D 4 .   ? -9.221  -3.969  -13.113 1.00 48.17 ? 2195 HOH A O   1 
HETATM 1055 O O   . HOH D 4 .   ? 13.631  1.453   14.748  1.00 47.79 ? 2196 HOH A O   1 
HETATM 1056 O O   . HOH D 4 .   ? 16.621  3.420   16.289  1.00 60.94 ? 2197 HOH A O   1 
HETATM 1057 O O   . HOH D 4 .   ? 6.081   4.813   16.361  1.00 55.39 ? 2198 HOH A O   1 
HETATM 1058 O O   . HOH D 4 .   ? -15.857 3.199   3.983   1.00 37.97 ? 2199 HOH A O   1 
HETATM 1059 O O   . HOH D 4 .   ? -9.546  -3.574  -10.675 1.00 37.94 ? 2200 HOH A O   1 
HETATM 1060 O O   . HOH D 4 .   ? 6.525   -4.530  -18.822 1.00 50.73 ? 2201 HOH A O   1 
HETATM 1061 O O   . HOH D 4 .   ? -9.156  -7.822  -11.185 1.00 48.06 ? 2202 HOH A O   1 
HETATM 1062 O O   . HOH D 4 .   ? -7.602  -9.791  5.181   1.00 53.56 ? 2203 HOH A O   1 
HETATM 1063 O O   . HOH D 4 .   ? 9.944   -5.759  0.476   1.00 46.70 ? 2204 HOH A O   1 
HETATM 1064 O O   . HOH D 4 .   ? -8.075  -14.508 -17.263 1.00 54.98 ? 2205 HOH A O   1 
HETATM 1065 O O   . HOH D 4 .   ? 5.984   9.087   5.271   1.00 48.19 ? 2206 HOH A O   1 
HETATM 1066 O O   . HOH D 4 .   ? -8.901  -6.088  -9.451  1.00 38.21 ? 2207 HOH A O   1 
HETATM 1067 O O   . HOH D 4 .   ? 5.320   1.635   -13.825 1.00 39.32 ? 2208 HOH A O   1 
HETATM 1068 O O   . HOH D 4 .   ? 6.512   -8.702  6.941   1.00 32.13 ? 2209 HOH A O   1 
HETATM 1069 O O   . HOH D 4 .   ? -0.072  -5.498  -21.666 1.00 47.04 ? 2210 HOH A O   1 
HETATM 1070 O O   . HOH D 4 .   ? 14.280  0.065   3.617   1.00 51.65 ? 2211 HOH A O   1 
HETATM 1071 O O   . HOH D 4 .   ? -0.065  -11.421 -7.325  1.00 48.65 ? 2212 HOH A O   1 
HETATM 1072 O O   . HOH D 4 .   ? -14.975 -3.113  -1.519  1.00 34.83 ? 2213 HOH A O   1 
HETATM 1073 O O   . HOH D 4 .   ? 8.209   6.411   10.813  1.00 52.30 ? 2214 HOH A O   1 
HETATM 1074 O O   . HOH D 4 .   ? 3.528   9.021   -2.366  1.00 42.69 ? 2215 HOH A O   1 
HETATM 1075 O O   . HOH D 4 .   ? -9.442  -9.759  -1.192  1.00 50.87 ? 2216 HOH A O   1 
HETATM 1076 O O   . HOH D 4 .   ? -2.099  12.869  5.354   1.00 53.67 ? 2217 HOH A O   1 
HETATM 1077 O O   . HOH D 4 .   ? 4.454   3.593   17.190  1.00 57.93 ? 2218 HOH A O   1 
HETATM 1078 O O   . HOH D 4 .   ? -9.348  14.758  10.761  1.00 48.58 ? 2219 HOH A O   1 
HETATM 1079 O O   . HOH D 4 .   ? 3.709   10.847  1.767   1.00 54.42 ? 2220 HOH A O   1 
HETATM 1080 O O   . HOH D 4 .   ? 12.859  -8.779  1.775   1.00 55.55 ? 2221 HOH A O   1 
HETATM 1081 O O   . HOH D 4 .   ? 9.707   -5.151  -3.197  1.00 55.20 ? 2222 HOH A O   1 
HETATM 1082 O O   . HOH D 4 .   ? 1.130   12.586  4.836   1.00 53.38 ? 2223 HOH A O   1 
HETATM 1083 O O   . HOH D 4 .   ? -4.727  13.970  -15.768 1.00 62.07 ? 2224 HOH A O   1 
HETATM 1084 O O   . HOH D 4 .   ? -16.277 -3.763  2.206   1.00 52.08 ? 2225 HOH A O   1 
HETATM 1085 O O   . HOH D 4 .   ? -14.709 2.075   6.371   1.00 52.62 ? 2226 HOH A O   1 
HETATM 1086 O O   . HOH D 4 .   ? 12.189  1.383   2.197   1.00 47.80 ? 2227 HOH A O   1 
HETATM 1087 O O   . HOH D 4 .   ? 2.937   11.202  -3.667  1.00 47.35 ? 2228 HOH A O   1 
HETATM 1088 O O   . HOH D 4 .   ? 4.082   10.722  6.537   1.00 55.36 ? 2229 HOH A O   1 
HETATM 1089 O O   . HOH D 4 .   ? 5.958   10.522  1.991   1.00 56.93 ? 2230 HOH A O   1 
HETATM 1090 O O   . HOH D 4 .   ? 7.860   1.224   -4.784  1.00 39.05 ? 2231 HOH A O   1 
HETATM 1091 O O   . HOH D 4 .   ? -14.356 4.171   5.899   1.00 54.92 ? 2232 HOH A O   1 
HETATM 1092 O O   . HOH D 4 .   ? 5.744   9.614   -0.571  1.00 43.26 ? 2233 HOH A O   1 
HETATM 1093 O O   . HOH D 4 .   ? 0.609   -8.952  -8.618  1.00 31.33 ? 2234 HOH A O   1 
HETATM 1094 O O   . HOH D 4 .   ? -11.888 -7.461  4.098   1.00 54.25 ? 2235 HOH A O   1 
HETATM 1095 O O   . HOH D 4 .   ? -13.408 -5.289  -9.546  1.00 48.66 ? 2236 HOH A O   1 
HETATM 1096 O O   . HOH D 4 .   ? 11.895  0.004   11.336  1.00 42.65 ? 2237 HOH A O   1 
HETATM 1097 O O   . HOH D 4 .   ? -5.355  -11.967 -12.426 1.00 54.43 ? 2238 HOH A O   1 
HETATM 1098 O O   . HOH D 4 .   ? -10.276 8.846   10.762  1.00 47.61 ? 2239 HOH A O   1 
HETATM 1099 O O   . HOH D 4 .   ? -12.274 -3.514  -10.327 1.00 47.73 ? 2240 HOH A O   1 
HETATM 1100 O O   . HOH D 4 .   ? -12.277 -7.806  -6.094  1.00 41.82 ? 2241 HOH A O   1 
HETATM 1101 O O   . HOH D 4 .   ? 4.688   1.502   18.324  1.00 52.99 ? 2242 HOH A O   1 
HETATM 1102 O O   . HOH D 4 .   ? 0.529   11.556  -0.638  1.00 52.39 ? 2243 HOH A O   1 
HETATM 1103 O O   . HOH D 4 .   ? 3.094   -12.202 -2.911  1.00 46.47 ? 2244 HOH A O   1 
HETATM 1104 O O   . HOH D 4 .   ? 2.366   -5.909  18.717  1.00 52.57 ? 2245 HOH A O   1 
HETATM 1105 O O   . HOH D 4 .   ? -9.952  -10.442 -10.830 1.00 56.47 ? 2246 HOH A O   1 
HETATM 1106 O O   . HOH D 4 .   ? 4.346   -8.709  -10.094 1.00 42.99 ? 2247 HOH A O   1 
HETATM 1107 O O   . HOH D 4 .   ? -5.309  -12.797 5.853   1.00 49.61 ? 2248 HOH A O   1 
HETATM 1108 O O   . HOH D 4 .   ? -6.927  -13.443 -2.475  1.00 55.20 ? 2249 HOH A O   1 
HETATM 1109 O O   . HOH D 4 .   ? 6.468   6.000   -2.683  1.00 36.32 ? 2250 HOH A O   1 
HETATM 1110 O O   . HOH D 4 .   ? 6.201   -7.519  -10.238 1.00 52.91 ? 2251 HOH A O   1 
HETATM 1111 O O   . HOH D 4 .   ? -6.255  -11.211 1.413   1.00 37.59 ? 2252 HOH A O   1 
HETATM 1112 O O   . HOH D 4 .   ? 6.059   3.480   -8.860  1.00 45.69 ? 2253 HOH A O   1 
HETATM 1113 O O   . HOH D 4 .   ? -1.005  -11.290 -11.988 1.00 46.86 ? 2254 HOH A O   1 
HETATM 1114 O O   . HOH D 4 .   ? 9.578   7.518   0.202   1.00 51.65 ? 2255 HOH A O   1 
HETATM 1115 O O   . HOH D 4 .   ? -15.204 1.358   -12.974 1.00 45.44 ? 2256 HOH A O   1 
HETATM 1116 O O   . HOH D 4 .   ? 7.028   1.189   -9.990  1.00 37.40 ? 2257 HOH A O   1 
HETATM 1117 O O   . HOH D 4 .   ? 4.058   -7.662  -14.624 1.00 45.75 ? 2258 HOH A O   1 
HETATM 1118 O O   . HOH D 4 .   ? 0.181   -9.032  -11.388 1.00 32.30 ? 2259 HOH A O   1 
HETATM 1119 O O   . HOH D 4 .   ? 18.605  13.414  14.596  1.00 54.13 ? 2260 HOH A O   1 
HETATM 1120 O O   . HOH D 4 .   ? -4.739  -14.195 -1.497  1.00 54.20 ? 2261 HOH A O   1 
HETATM 1121 O O   . HOH D 4 .   ? -7.901  -11.907 -0.957  1.00 47.16 ? 2262 HOH A O   1 
HETATM 1122 O O   . HOH D 4 .   ? 4.600   -8.991  -6.187  1.00 42.85 ? 2263 HOH A O   1 
HETATM 1123 O O   . HOH D 4 .   ? -9.815  -8.477  0.768   1.00 54.42 ? 2264 HOH A O   1 
HETATM 1124 O O   . HOH D 4 .   ? -10.801 13.000  -6.759  1.00 53.03 ? 2265 HOH A O   1 
HETATM 1125 O O   . HOH D 4 .   ? 12.328  -4.980  0.601   1.00 54.13 ? 2266 HOH A O   1 
HETATM 1126 O O   . HOH D 4 .   ? 6.963   -5.702  -6.598  1.00 40.25 ? 2267 HOH A O   1 
HETATM 1127 O O   . HOH D 4 .   ? 11.206  -2.041  -0.968  1.00 49.36 ? 2268 HOH A O   1 
HETATM 1128 O O   . HOH D 4 .   ? -11.360 -10.226 -2.199  1.00 44.19 ? 2269 HOH A O   1 
HETATM 1129 O O   . HOH D 4 .   ? 7.705   2.575   -13.739 1.00 54.40 ? 2270 HOH A O   1 
HETATM 1130 O O   . HOH D 4 .   ? 0.468   -4.615  19.394  1.00 60.51 ? 2271 HOH A O   1 
HETATM 1131 O O   . HOH D 4 .   ? 9.074   0.942   -11.748 1.00 52.83 ? 2272 HOH A O   1 
HETATM 1132 O O   . HOH D 4 .   ? 20.398  9.631   24.167  1.00 51.27 ? 2273 HOH A O   1 
HETATM 1133 O O   . HOH D 4 .   ? -12.300 -9.439  -4.026  1.00 48.39 ? 2274 HOH A O   1 
HETATM 1134 O O   . HOH D 4 .   ? 2.789   -9.184  -12.249 1.00 42.70 ? 2275 HOH A O   1 
HETATM 1135 O O   . HOH D 4 .   ? 13.052  -0.149  -0.147  1.00 56.34 ? 2276 HOH A O   1 
HETATM 1136 O O   . HOH D 4 .   ? -12.418 -6.761  -10.985 1.00 54.40 ? 2277 HOH A O   1 
HETATM 1137 O O   . HOH D 4 .   ? -2.260  -12.917 -10.312 1.00 57.00 ? 2278 HOH A O   1 
HETATM 1138 O O   . HOH D 4 .   ? 8.187   0.451   -7.389  1.00 43.21 ? 2279 HOH A O   1 
HETATM 1139 O O   . HOH D 4 .   ? -12.722 -9.115  -8.214  1.00 53.33 ? 2280 HOH A O   1 
HETATM 1140 O O   . HOH D 4 .   ? -13.726 -2.603  -12.568 1.00 49.45 ? 2281 HOH A O   1 
# 
